data_7KYA
#
_entry.id   7KYA
#
_cell.length_a   1.00
_cell.length_b   1.00
_cell.length_c   1.00
_cell.angle_alpha   90.00
_cell.angle_beta   90.00
_cell.angle_gamma   90.00
#
_symmetry.space_group_name_H-M   'P 1'
#
loop_
_entity.id
_entity.type
_entity.pdbx_description
1 polymer 'Phospholipid-transporting ATPase DNF2'
2 polymer 'Alkylphosphocholine resistance protein LEM3'
3 branched 2-acetamido-2-deoxy-beta-D-glucopyranose-(1-4)-2-acetamido-2-deoxy-beta-D-glucopyranose
4 branched alpha-D-mannopyranose-(1-4)-2-acetamido-2-deoxy-beta-D-glucopyranose-(1-4)-2-acetamido-2-deoxy-beta-D-glucopyranose
5 non-polymer CHOLESTEROL
6 non-polymer 'MAGNESIUM ION'
7 non-polymer 'BERYLLIUM TRIFLUORIDE ION'
8 non-polymer 2-acetamido-2-deoxy-beta-D-glucopyranose
#
loop_
_entity_poly.entity_id
_entity_poly.type
_entity_poly.pdbx_seq_one_letter_code
_entity_poly.pdbx_strand_id
1 'polypeptide(L)'
;MSSPSKPTSPFVDDIEHESGSASNGLSSMSPFDDSFQFEKPSSAHGNIEVAKTGGSVLKRQSKPMKDISTPDLSKVTFDG
IDDYSNDNDINDDDELNGKKTEIHEHENEVDDDLHSFQATPMPNTGGFEDVELDNNEGSNNDSQADHKLKRVRFGTRRNK
SGRIDINRSKTLKWAKKNFHNAIDEFSTKEDSLENSALQNRSDELRTVYYNLPLPEDMLDEDGLPLAVYPRNKIRTTKYT
PLTFFPKNILFQFHNFANIYFLILLILGAFQIFGVTNPGFASVPLIVIVIITAIKDGIEDSRRTVLDLEVNNTRTHILSG
VKNENVAVDNVSLWRRFKKANTRALIKIFEYFSENLTAAGREKKLQKKREELRRKRNSRSFGPRGSLDSIGSYRMSADFG
RPSLDYENLNQTMSQANRYNDGENLVDRTLQPNPECRFAKDYWKNVKVGDIVRVHNNDEIPADMILLSTSDVDGACYVET
KNLDGETNLKVRQSLKCSKIIKSSRDITRTKFWVESEGPHANLYSYQGNFKWQDTQNGNIRNEPVNINNLLLRGCTLRNT
KWAMGMVIFTGDDTKIMINAGVTPTKKSRISRELNFSVILNFVLLFILCFTAGIVNGVYYKQKPRSRDYFEFGTIGGSAS
TNGFVSFWVAVILYQSLVPISLYISVEIIKTAQAIFIYTDVLLYNAKLDYPCTPKSWNISDDLGQIEYIFSDKTGTLTQN
VMEFKKCTINGVSYGRAYTEALAGLRKRQGVDVESEGRREKEEIAKDRETMIDELRSMSDNTQFCPEDLTFVSKEIVEDL
KGSSGDHQQKCCEHFLLALALCHSVLVEPNKDDPKKLDIKAQSPDESALVSTARQLGYSFVGSSKSGLIVEIQGVQKEFQ
VLNVLEFNSSRKRMSCIIKIPGSTPKDEPKALLICKGADSVIYSRLDRTQNDATLLEKTALHLEEYATEGLRTLCLAQRE
LTWSEYERWVKTYDVAAASVTNREEELDKVTDVIERELILLGGTAIEDRLQDGVPDSIALLAEAGIKLWVLTGDKVETAI
NIGFSCNVLNNDMELLVVKASGEDVEEFGSDPIQVVNNLVTKYLREKFGMSGSEEELKEAKREHGLPQGNFAVIIDGDAL
KVALNGEEMRRKFLLLCKNCKAVLCCRVSPAQKAAVVKLVKKTLDVMTLAIGDGSNDVAMIQSADVGVGIAGEEGRQAVM
CSDYAIGQFRYVTRLVLVHGKWCYKRLAEMIPQFFYKNVIFTLSLFWYGIYNNFDGSYLFEYTYLTFYNLAFTSVPVILL
AVLDQDVSDTVSMLVPQLYRVGILRKEWNQTKFLWYMLDGVYQSVICFFFPYLAYHKNMVVTENGLGLDHRYFVGVFVTA
IAVTSCNFYVFMEQYRWDWFCGLFICLSLAVFYGWTGIWTSSSSSNEFYKGAARVFAQPAYWAVLFVGVLFCLLPRFTID
CIRKIFYPKDIEIVREMWLRGDFDLYPQGYDPTDPSRPRINEIRPLTDFKEPISLDTHFDGVSHSQETIVTEEIPMSILN
GEQGSRKGYRVSTTLERRDQLSPVTTTNNLPRRSMASARGNKLRTSLDRTREEMLANHQLDTRYSVERARASLDLPGINH
AETLLSQRSRDR
;
A
2 'polypeptide(L)'
;MVNFDLGQVGEVFRRKDKGAIVSGDNPEEEEDVDASEFEEDEVKPVRTKNRRPKEDAFTQQRLAAINPVLTPRTVLPLYL
LIAVVFVIVGGCILAQNSKVDEVTIYYQDCMTNATSSWSDIPSEHWQFVFHKYKTYNTAPQWRFVDDESDDFTKQRGTCQ
IRFTTPSDMKNNVYLNYVLEKFAANHRRYVLSFSEDQIRGEDASYETVHDATGINCKPLSKNADGKIYYPCGLIANSMFN
DTFPLQLTNVGDTSNNYSLTNKGINWESDKKRYKKTKYNYTQIAPPPYWEKMYPDGYNETNIPDIQDWEEFQNWMRPGAF
DKITKLIRINKNDTLPAGEYQLDIGLHWPVLEFNGKKGIYLTHGSHLGGRNPFLGIVYLIGGCICAAMALILLTFWLFGG
RKIADASSLSWNMK
;
B
#
# COMPACT_ATOMS: atom_id res chain seq x y z
N ASN A 200 32.21 -1.89 0.38
CA ASN A 200 32.54 -3.25 0.78
C ASN A 200 33.94 -3.63 0.32
N ARG A 201 34.76 -2.63 0.02
CA ARG A 201 36.11 -2.85 -0.45
C ARG A 201 37.10 -2.85 0.71
N SER A 202 38.01 -3.81 0.71
CA SER A 202 38.99 -3.95 1.78
C SER A 202 40.16 -2.99 1.65
N ASP A 203 40.27 -2.27 0.54
CA ASP A 203 41.38 -1.34 0.32
C ASP A 203 41.12 -0.05 1.09
N GLU A 204 41.90 0.98 0.78
CA GLU A 204 41.79 2.30 1.44
C GLU A 204 42.04 2.18 2.94
N LEU A 205 43.27 1.76 3.27
CA LEU A 205 43.66 1.59 4.66
C LEU A 205 43.71 2.94 5.37
N ARG A 206 43.99 2.90 6.67
CA ARG A 206 44.03 4.10 7.48
C ARG A 206 45.01 3.90 8.63
N THR A 207 45.35 5.01 9.29
CA THR A 207 46.27 5.00 10.43
C THR A 207 45.72 5.91 11.51
N VAL A 208 45.59 5.38 12.71
CA VAL A 208 45.00 6.10 13.85
C VAL A 208 46.08 6.27 14.90
N TYR A 209 46.48 7.51 15.15
CA TYR A 209 47.49 7.79 16.15
C TYR A 209 46.85 8.05 17.52
N TYR A 210 47.69 8.05 18.55
CA TYR A 210 47.25 8.43 19.88
C TYR A 210 48.45 9.02 20.62
N ASN A 211 48.31 10.28 21.02
CA ASN A 211 49.33 11.06 21.70
C ASN A 211 50.57 11.26 20.83
N LEU A 212 50.44 11.09 19.52
CA LEU A 212 51.52 11.35 18.57
C LEU A 212 50.98 12.25 17.46
N PRO A 213 51.60 13.39 17.21
CA PRO A 213 51.19 14.20 16.06
C PRO A 213 51.59 13.54 14.75
N LEU A 214 50.73 13.69 13.75
CA LEU A 214 50.98 13.07 12.46
C LEU A 214 52.20 13.70 11.80
N PRO A 215 53.02 12.91 11.11
CA PRO A 215 54.18 13.48 10.41
C PRO A 215 53.75 14.38 9.27
N GLU A 216 54.74 15.08 8.71
CA GLU A 216 54.48 16.04 7.63
C GLU A 216 54.01 15.37 6.34
N ASP A 217 53.95 14.05 6.28
CA ASP A 217 53.47 13.37 5.07
C ASP A 217 51.96 13.37 4.97
N MET A 218 51.25 13.41 6.10
CA MET A 218 49.80 13.38 6.08
C MET A 218 49.16 14.77 6.21
N LEU A 219 49.88 15.71 6.81
CA LEU A 219 49.38 17.07 6.97
C LEU A 219 50.10 18.01 6.01
N ASP A 220 49.33 18.76 5.23
CA ASP A 220 49.92 19.67 4.25
C ASP A 220 49.98 21.10 4.83
N GLU A 221 50.69 21.21 5.95
CA GLU A 221 51.05 22.45 6.63
C GLU A 221 49.85 23.17 7.26
N ASP A 222 48.63 22.68 7.05
CA ASP A 222 47.44 23.28 7.67
C ASP A 222 47.01 22.57 8.94
N GLY A 223 47.84 21.67 9.47
CA GLY A 223 47.48 20.95 10.67
C GLY A 223 46.32 20.00 10.55
N LEU A 224 45.77 19.84 9.34
CA LEU A 224 44.63 18.96 9.09
C LEU A 224 45.08 17.86 8.14
N PRO A 225 45.01 16.59 8.53
CA PRO A 225 45.43 15.53 7.61
C PRO A 225 44.55 15.47 6.39
N LEU A 226 45.12 15.00 5.28
CA LEU A 226 44.41 14.89 4.02
C LEU A 226 43.22 13.95 4.12
N ALA A 227 43.33 12.93 4.96
CA ALA A 227 42.25 11.98 5.13
C ALA A 227 41.20 12.51 6.09
N VAL A 228 39.94 12.24 5.79
CA VAL A 228 38.82 12.63 6.62
C VAL A 228 37.97 11.39 6.90
N TYR A 229 37.39 11.34 8.10
CA TYR A 229 36.57 10.21 8.49
C TYR A 229 35.13 10.64 8.69
N PRO A 230 34.17 9.83 8.25
CA PRO A 230 32.76 10.22 8.37
C PRO A 230 32.34 10.29 9.83
N ARG A 231 31.40 11.20 10.10
CA ARG A 231 30.89 11.37 11.45
C ARG A 231 30.16 10.13 11.92
N ASN A 232 30.12 9.94 13.24
CA ASN A 232 29.48 8.76 13.82
C ASN A 232 27.96 8.79 13.74
N LYS A 233 27.37 9.85 13.19
CA LYS A 233 25.93 9.94 13.10
C LYS A 233 25.38 8.88 12.15
N ILE A 234 24.37 8.16 12.59
CA ILE A 234 23.65 7.23 11.72
C ILE A 234 22.57 8.01 10.99
N ARG A 235 22.43 7.73 9.70
CA ARG A 235 21.47 8.43 8.84
C ARG A 235 20.64 7.39 8.11
N THR A 236 19.39 7.20 8.56
CA THR A 236 18.47 6.28 7.92
C THR A 236 17.35 6.99 7.17
N THR A 237 17.34 8.32 7.17
CA THR A 237 16.29 9.07 6.48
C THR A 237 16.29 8.76 5.00
N LYS A 238 15.10 8.76 4.41
CA LYS A 238 14.97 8.42 2.99
C LYS A 238 15.58 9.50 2.11
N TYR A 239 15.28 10.76 2.41
CA TYR A 239 15.81 11.89 1.65
C TYR A 239 16.71 12.72 2.56
N THR A 240 17.91 13.01 2.08
CA THR A 240 18.85 13.83 2.82
C THR A 240 18.28 15.24 3.01
N PRO A 241 18.40 15.83 4.20
CA PRO A 241 17.81 17.16 4.43
C PRO A 241 18.37 18.26 3.54
N LEU A 242 19.43 18.00 2.77
CA LEU A 242 19.95 19.00 1.84
C LEU A 242 19.44 18.81 0.42
N THR A 243 19.04 17.59 0.05
CA THR A 243 18.56 17.28 -1.29
C THR A 243 17.18 16.65 -1.25
N PHE A 244 16.36 17.04 -0.27
CA PHE A 244 15.02 16.46 -0.14
C PHE A 244 14.12 16.91 -1.29
N PHE A 245 14.12 18.21 -1.59
CA PHE A 245 13.18 18.72 -2.58
C PHE A 245 13.47 18.20 -3.99
N PRO A 246 14.71 18.25 -4.51
CA PRO A 246 14.91 17.73 -5.88
C PRO A 246 14.63 16.25 -6.01
N LYS A 247 15.08 15.44 -5.05
CA LYS A 247 14.82 14.00 -5.10
C LYS A 247 13.33 13.72 -5.02
N ASN A 248 12.62 14.43 -4.14
CA ASN A 248 11.18 14.20 -4.01
C ASN A 248 10.44 14.61 -5.27
N ILE A 249 10.83 15.73 -5.88
CA ILE A 249 10.15 16.18 -7.09
C ILE A 249 10.42 15.22 -8.24
N LEU A 250 11.65 14.71 -8.35
CA LEU A 250 11.95 13.72 -9.38
C LEU A 250 11.17 12.43 -9.14
N PHE A 251 11.05 12.02 -7.88
CA PHE A 251 10.30 10.81 -7.57
C PHE A 251 8.81 10.99 -7.88
N GLN A 252 8.28 12.18 -7.62
CA GLN A 252 6.87 12.44 -7.92
C GLN A 252 6.63 12.49 -9.42
N PHE A 253 7.53 13.14 -10.16
CA PHE A 253 7.37 13.26 -11.61
C PHE A 253 7.77 12.00 -12.36
N HIS A 254 8.01 10.92 -11.62
CA HIS A 254 8.32 9.64 -12.22
C HIS A 254 7.03 9.23 -12.94
N ASN A 255 5.90 9.45 -12.28
CA ASN A 255 4.60 9.15 -12.86
C ASN A 255 4.40 9.99 -14.12
N PHE A 256 3.85 9.37 -15.16
CA PHE A 256 3.73 10.03 -16.45
C PHE A 256 2.59 11.04 -16.49
N ALA A 257 1.59 10.91 -15.62
CA ALA A 257 0.54 11.91 -15.57
C ALA A 257 1.05 13.25 -15.06
N ASN A 258 2.02 13.25 -14.15
CA ASN A 258 2.63 14.49 -13.72
C ASN A 258 3.38 15.17 -14.86
N ILE A 259 4.08 14.40 -15.67
CA ILE A 259 4.77 14.96 -16.84
C ILE A 259 3.75 15.51 -17.83
N TYR A 260 2.63 14.82 -18.01
CA TYR A 260 1.58 15.31 -18.89
C TYR A 260 0.99 16.62 -18.39
N PHE A 261 0.77 16.73 -17.07
CA PHE A 261 0.27 17.96 -16.51
C PHE A 261 1.27 19.10 -16.69
N LEU A 262 2.56 18.81 -16.50
CA LEU A 262 3.57 19.83 -16.70
C LEU A 262 3.63 20.26 -18.17
N ILE A 263 3.44 19.32 -19.09
CA ILE A 263 3.43 19.65 -20.52
C ILE A 263 2.25 20.55 -20.84
N LEU A 264 1.06 20.20 -20.34
CA LEU A 264 -0.09 21.05 -20.54
C LEU A 264 0.13 22.45 -19.96
N LEU A 265 0.76 22.52 -18.79
CA LEU A 265 1.06 23.80 -18.17
C LEU A 265 1.97 24.64 -19.06
N ILE A 266 3.11 24.08 -19.46
CA ILE A 266 4.10 24.84 -20.22
C ILE A 266 3.63 25.14 -21.63
N LEU A 267 2.66 24.40 -22.17
CA LEU A 267 2.15 24.67 -23.50
C LEU A 267 0.85 25.46 -23.49
N GLY A 268 0.26 25.68 -22.33
CA GLY A 268 -0.86 26.61 -22.23
C GLY A 268 -0.41 27.96 -21.72
N ALA A 269 0.80 27.99 -21.13
CA ALA A 269 1.35 29.25 -20.64
C ALA A 269 2.05 30.02 -21.75
N PHE A 270 2.92 29.34 -22.51
CA PHE A 270 3.64 30.01 -23.59
C PHE A 270 2.71 30.35 -24.74
N GLN A 271 1.85 29.40 -25.14
CA GLN A 271 0.89 29.65 -26.20
C GLN A 271 -0.24 30.54 -25.70
N ILE A 272 -0.07 31.85 -25.83
CA ILE A 272 -1.05 32.79 -25.31
C ILE A 272 -2.25 32.86 -26.25
N PHE A 273 -3.36 33.38 -25.73
CA PHE A 273 -4.60 33.58 -26.49
C PHE A 273 -5.18 32.26 -26.99
N GLY A 274 -5.00 31.19 -26.21
CA GLY A 274 -5.66 29.93 -26.50
C GLY A 274 -6.62 29.52 -25.41
N VAL A 275 -6.28 29.88 -24.17
CA VAL A 275 -7.08 29.60 -23.00
C VAL A 275 -7.20 30.90 -22.20
N THR A 276 -7.87 30.83 -21.05
CA THR A 276 -7.99 31.96 -20.14
C THR A 276 -6.67 32.10 -19.37
N ASN A 277 -6.65 32.95 -18.35
CA ASN A 277 -5.43 33.16 -17.58
C ASN A 277 -4.97 31.86 -16.95
N PRO A 278 -3.70 31.45 -17.15
CA PRO A 278 -3.23 30.18 -16.60
C PRO A 278 -2.97 30.20 -15.09
N GLY A 279 -3.27 31.30 -14.41
CA GLY A 279 -3.07 31.35 -12.97
C GLY A 279 -3.98 30.44 -12.18
N PHE A 280 -5.01 29.88 -12.80
CA PHE A 280 -5.91 28.94 -12.16
C PHE A 280 -5.76 27.53 -12.73
N ALA A 281 -4.63 27.24 -13.37
CA ALA A 281 -4.31 25.91 -13.85
C ALA A 281 -3.02 25.36 -13.27
N SER A 282 -2.06 26.23 -12.92
CA SER A 282 -0.83 25.79 -12.26
C SER A 282 -1.02 25.57 -10.77
N VAL A 283 -2.01 26.25 -10.16
CA VAL A 283 -2.23 26.09 -8.72
C VAL A 283 -2.60 24.66 -8.36
N PRO A 284 -3.48 23.95 -9.07
CA PRO A 284 -3.75 22.55 -8.70
C PRO A 284 -2.51 21.66 -8.70
N LEU A 285 -1.72 21.71 -9.77
CA LEU A 285 -0.53 20.87 -9.84
C LEU A 285 0.48 21.24 -8.77
N ILE A 286 0.70 22.54 -8.54
CA ILE A 286 1.65 22.96 -7.52
C ILE A 286 1.17 22.54 -6.14
N VAL A 287 -0.13 22.62 -5.90
CA VAL A 287 -0.68 22.19 -4.62
C VAL A 287 -0.50 20.69 -4.42
N ILE A 288 -0.74 19.90 -5.47
CA ILE A 288 -0.57 18.45 -5.36
C ILE A 288 0.89 18.11 -5.05
N VAL A 289 1.81 18.75 -5.77
CA VAL A 289 3.23 18.48 -5.57
C VAL A 289 3.65 18.88 -4.16
N ILE A 290 3.17 20.02 -3.68
CA ILE A 290 3.56 20.47 -2.35
C ILE A 290 2.93 19.57 -1.28
N ILE A 291 1.77 18.99 -1.55
CA ILE A 291 1.17 18.06 -0.59
C ILE A 291 2.00 16.80 -0.48
N THR A 292 2.40 16.23 -1.61
CA THR A 292 3.29 15.07 -1.57
C THR A 292 4.60 15.42 -0.87
N ALA A 293 5.12 16.62 -1.11
CA ALA A 293 6.37 17.04 -0.47
C ALA A 293 6.22 17.11 1.04
N ILE A 294 5.12 17.69 1.52
CA ILE A 294 4.91 17.77 2.97
C ILE A 294 4.72 16.38 3.56
N LYS A 295 4.04 15.48 2.85
CA LYS A 295 3.85 14.12 3.37
C LYS A 295 5.18 13.40 3.53
N ASP A 296 6.01 13.42 2.48
CA ASP A 296 7.32 12.77 2.59
C ASP A 296 8.21 13.46 3.60
N GLY A 297 8.08 14.78 3.75
CA GLY A 297 8.85 15.48 4.77
C GLY A 297 8.44 15.07 6.17
N ILE A 298 7.14 14.83 6.38
CA ILE A 298 6.67 14.36 7.68
C ILE A 298 7.22 12.96 7.95
N GLU A 299 7.21 12.09 6.94
CA GLU A 299 7.78 10.75 7.12
C GLU A 299 9.26 10.83 7.50
N ASP A 300 10.03 11.64 6.76
CA ASP A 300 11.45 11.79 7.09
C ASP A 300 11.65 12.45 8.44
N SER A 301 10.72 13.31 8.87
CA SER A 301 10.83 13.90 10.20
C SER A 301 10.62 12.86 11.29
N ARG A 302 9.70 11.92 11.06
CA ARG A 302 9.53 10.81 11.99
C ARG A 302 10.81 9.98 12.07
N ARG A 303 11.38 9.64 10.91
CA ARG A 303 12.63 8.89 10.92
C ARG A 303 13.75 9.67 11.58
N THR A 304 13.76 10.99 11.44
CA THR A 304 14.78 11.81 12.07
C THR A 304 14.61 11.87 13.57
N VAL A 305 13.36 11.87 14.04
CA VAL A 305 13.10 11.78 15.48
C VAL A 305 13.65 10.47 16.03
N LEU A 306 13.42 9.37 15.30
CA LEU A 306 13.97 8.08 15.74
C LEU A 306 15.50 8.11 15.75
N ASP A 307 16.10 8.69 14.71
CA ASP A 307 17.56 8.76 14.65
C ASP A 307 18.14 9.64 15.76
N LEU A 308 17.43 10.71 16.14
CA LEU A 308 17.90 11.54 17.23
C LEU A 308 17.73 10.84 18.58
N GLU A 309 16.68 10.05 18.74
CA GLU A 309 16.54 9.25 19.96
C GLU A 309 17.62 8.19 20.04
N VAL A 310 18.07 7.68 18.90
CA VAL A 310 19.11 6.64 18.90
C VAL A 310 20.50 7.26 19.11
N ASN A 311 20.75 8.42 18.51
CA ASN A 311 22.09 8.99 18.50
C ASN A 311 22.50 9.59 19.84
N ASN A 312 21.54 9.92 20.71
CA ASN A 312 21.84 10.61 21.95
C ASN A 312 22.09 9.65 23.12
N THR A 313 22.49 8.42 22.84
CA THR A 313 22.79 7.49 23.92
C THR A 313 24.11 7.86 24.58
N ARG A 314 24.19 7.57 25.88
CA ARG A 314 25.32 8.01 26.69
C ARG A 314 26.52 7.09 26.49
N THR A 315 27.71 7.68 26.53
CA THR A 315 28.98 6.97 26.43
C THR A 315 30.02 7.81 27.17
N HIS A 316 31.14 7.19 27.51
CA HIS A 316 32.21 7.87 28.22
C HIS A 316 33.41 8.01 27.30
N ILE A 317 33.85 9.25 27.07
CA ILE A 317 34.96 9.56 26.18
C ILE A 317 36.08 10.19 27.00
N LEU A 318 37.32 9.89 26.62
CA LEU A 318 38.48 10.42 27.34
C LEU A 318 38.61 11.92 27.08
N SER A 319 38.37 12.73 28.10
CA SER A 319 38.51 14.17 28.02
C SER A 319 39.61 14.64 28.95
N GLY A 320 40.45 15.55 28.46
CA GLY A 320 41.58 16.04 29.21
C GLY A 320 42.80 16.22 28.34
N VAL A 321 42.80 15.54 27.20
CA VAL A 321 43.86 15.67 26.19
C VAL A 321 43.20 15.91 24.85
N LYS A 322 43.69 16.89 24.11
CA LYS A 322 43.09 17.24 22.83
C LYS A 322 43.37 16.15 21.80
N ASN A 323 42.48 16.07 20.81
CA ASN A 323 42.64 15.16 19.69
C ASN A 323 43.38 15.85 18.56
N GLU A 324 44.26 15.10 17.91
CA GLU A 324 45.08 15.63 16.81
C GLU A 324 44.65 15.10 15.45
N ASN A 325 43.56 14.36 15.38
CA ASN A 325 43.11 13.76 14.11
C ASN A 325 42.18 14.70 13.35
N VAL A 326 41.05 15.05 13.96
CA VAL A 326 40.07 15.92 13.32
C VAL A 326 39.82 17.13 14.21
N ALA A 327 39.53 18.26 13.59
CA ALA A 327 39.29 19.50 14.31
C ALA A 327 38.39 20.44 13.50
N ASN A 424 58.57 -0.69 27.53
CA ASN A 424 57.22 -1.13 27.85
C ASN A 424 56.20 -0.29 27.09
N LEU A 425 55.15 0.14 27.79
CA LEU A 425 54.09 0.94 27.19
C LEU A 425 53.88 2.28 27.90
N VAL A 426 53.97 2.32 29.23
CA VAL A 426 53.66 3.51 30.00
C VAL A 426 54.97 4.21 30.34
N ASP A 427 55.06 5.49 29.97
CA ASP A 427 56.21 6.31 30.31
C ASP A 427 56.04 6.79 31.75
N ARG A 428 56.48 5.96 32.70
CA ARG A 428 56.35 6.28 34.12
C ARG A 428 57.18 7.49 34.53
N THR A 429 58.10 7.95 33.70
CA THR A 429 58.94 9.08 34.07
C THR A 429 58.12 10.37 34.14
N LEU A 430 57.30 10.63 33.11
CA LEU A 430 56.50 11.83 33.08
C LEU A 430 55.28 11.70 33.99
N GLN A 431 54.92 12.80 34.63
CA GLN A 431 53.79 12.79 35.54
C GLN A 431 52.47 12.72 34.75
N PRO A 432 51.46 12.07 35.32
CA PRO A 432 50.16 11.98 34.62
C PRO A 432 49.42 13.30 34.60
N ASN A 433 48.24 13.31 34.00
CA ASN A 433 47.43 14.51 33.87
C ASN A 433 46.21 14.40 34.78
N PRO A 434 46.07 15.27 35.78
CA PRO A 434 44.94 15.12 36.72
C PRO A 434 43.59 15.46 36.12
N GLU A 435 43.53 16.17 34.99
CA GLU A 435 42.26 16.50 34.36
C GLU A 435 41.77 15.44 33.40
N CYS A 436 42.60 14.46 33.06
CA CYS A 436 42.18 13.42 32.13
C CYS A 436 41.24 12.44 32.82
N ARG A 437 40.01 12.38 32.34
CA ARG A 437 38.98 11.51 32.90
C ARG A 437 38.13 10.96 31.76
N PHE A 438 37.10 10.20 32.11
CA PHE A 438 36.13 9.67 31.16
C PHE A 438 34.85 10.45 31.35
N ALA A 439 34.67 11.50 30.54
CA ALA A 439 33.53 12.38 30.67
C ALA A 439 32.36 11.88 29.82
N LYS A 440 31.16 12.23 30.24
CA LYS A 440 29.96 11.80 29.54
C LYS A 440 29.84 12.53 28.20
N ASP A 441 29.34 11.82 27.20
CA ASP A 441 29.21 12.35 25.84
C ASP A 441 28.23 11.46 25.09
N TYR A 442 27.90 11.86 23.87
CA TYR A 442 26.96 11.12 23.04
C TYR A 442 27.71 10.29 22.01
N TRP A 443 26.96 9.64 21.13
CA TRP A 443 27.56 8.85 20.06
C TRP A 443 28.00 9.73 18.89
N LYS A 444 27.27 10.81 18.61
CA LYS A 444 27.58 11.64 17.45
C LYS A 444 28.92 12.34 17.57
N ASN A 445 29.44 12.53 18.79
CA ASN A 445 30.72 13.18 19.01
C ASN A 445 31.82 12.18 19.35
N VAL A 446 31.78 11.00 18.76
CA VAL A 446 32.81 9.98 18.95
C VAL A 446 33.65 9.95 17.69
N LYS A 447 34.76 10.68 17.69
CA LYS A 447 35.64 10.75 16.53
C LYS A 447 36.71 9.67 16.60
N VAL A 448 37.38 9.46 15.47
CA VAL A 448 38.41 8.44 15.38
C VAL A 448 39.59 8.86 16.25
N GLY A 449 40.03 7.94 17.12
CA GLY A 449 41.11 8.21 18.04
C GLY A 449 40.68 8.57 19.45
N ASP A 450 39.38 8.58 19.73
CA ASP A 450 38.88 8.89 21.06
C ASP A 450 38.81 7.62 21.89
N ILE A 451 39.44 7.65 23.06
CA ILE A 451 39.42 6.50 23.96
C ILE A 451 38.02 6.38 24.57
N VAL A 452 37.40 5.23 24.37
CA VAL A 452 36.01 4.99 24.78
C VAL A 452 35.98 3.90 25.83
N ARG A 453 35.28 4.15 26.93
CA ARG A 453 35.05 3.16 27.98
C ARG A 453 33.58 2.76 27.93
N VAL A 454 33.33 1.46 27.80
CA VAL A 454 31.98 0.91 27.74
C VAL A 454 31.70 0.21 29.07
N HIS A 455 30.59 0.59 29.70
CA HIS A 455 30.24 0.03 31.01
C HIS A 455 29.51 -1.29 30.81
N ASN A 456 28.93 -1.82 31.90
CA ASN A 456 28.21 -3.07 31.83
C ASN A 456 26.85 -2.86 31.15
N ASN A 457 26.48 -3.81 30.30
CA ASN A 457 25.22 -3.78 29.54
C ASN A 457 25.10 -2.51 28.70
N ASP A 458 26.23 -1.88 28.38
CA ASP A 458 26.25 -0.67 27.57
C ASP A 458 26.60 -1.04 26.14
N GLU A 459 25.91 -0.42 25.18
CA GLU A 459 26.12 -0.71 23.77
C GLU A 459 27.36 0.02 23.27
N ILE A 460 28.21 -0.68 22.54
CA ILE A 460 29.46 -0.09 22.05
C ILE A 460 29.15 0.92 20.95
N PRO A 461 29.71 2.13 21.00
CA PRO A 461 29.41 3.13 19.97
C PRO A 461 29.88 2.73 18.57
N ALA A 462 31.18 2.43 18.42
CA ALA A 462 31.74 2.11 17.12
C ALA A 462 32.82 1.06 17.30
N ASP A 463 33.46 0.69 16.19
CA ASP A 463 34.52 -0.31 16.24
C ASP A 463 35.71 0.20 17.04
N MET A 464 36.11 -0.58 18.05
CA MET A 464 37.16 -0.18 18.98
C MET A 464 38.18 -1.29 19.10
N ILE A 465 39.45 -0.91 19.24
CA ILE A 465 40.53 -1.86 19.51
C ILE A 465 40.61 -2.01 21.02
N LEU A 466 40.32 -3.22 21.51
CA LEU A 466 40.30 -3.47 22.94
C LEU A 466 41.67 -3.17 23.56
N LEU A 467 41.66 -2.40 24.64
CA LEU A 467 42.88 -2.02 25.32
C LEU A 467 42.94 -2.50 26.77
N SER A 468 41.82 -2.49 27.48
CA SER A 468 41.83 -2.92 28.87
C SER A 468 40.44 -3.40 29.27
N THR A 469 40.42 -4.24 30.29
CA THR A 469 39.19 -4.79 30.84
C THR A 469 39.40 -5.05 32.33
N SER A 470 38.31 -4.92 33.09
CA SER A 470 38.38 -5.16 34.54
C SER A 470 38.88 -6.57 34.84
N ASP A 471 38.53 -7.55 34.01
CA ASP A 471 38.94 -8.93 34.27
C ASP A 471 40.40 -9.14 33.90
N VAL A 472 41.03 -10.11 34.55
CA VAL A 472 42.40 -10.48 34.23
C VAL A 472 42.42 -11.14 32.86
N ASP A 473 43.46 -10.84 32.08
CA ASP A 473 43.69 -11.26 30.69
C ASP A 473 42.77 -10.51 29.73
N GLY A 474 41.86 -9.69 30.23
CA GLY A 474 40.99 -8.90 29.39
C GLY A 474 40.11 -9.75 28.49
N ALA A 475 39.24 -10.56 29.09
CA ALA A 475 38.33 -11.43 28.37
C ALA A 475 36.93 -10.84 28.48
N CYS A 476 36.60 -9.91 27.59
CA CYS A 476 35.28 -9.33 27.57
C CYS A 476 34.28 -10.31 26.95
N TYR A 477 33.01 -10.13 27.29
CA TYR A 477 31.94 -10.91 26.71
C TYR A 477 30.95 -9.96 26.05
N VAL A 478 30.65 -10.20 24.77
CA VAL A 478 29.76 -9.36 24.01
C VAL A 478 28.60 -10.19 23.49
N GLU A 479 27.42 -9.60 23.47
CA GLU A 479 26.21 -10.25 22.95
C GLU A 479 26.04 -9.81 21.49
N THR A 480 26.31 -10.72 20.56
CA THR A 480 26.25 -10.42 19.14
C THR A 480 24.89 -10.76 18.54
N LYS A 481 23.82 -10.66 19.32
CA LYS A 481 22.49 -11.07 18.84
C LYS A 481 21.97 -10.17 17.73
N ASN A 482 22.62 -9.03 17.47
CA ASN A 482 22.20 -8.15 16.40
C ASN A 482 23.03 -8.32 15.13
N LEU A 483 24.33 -8.57 15.26
CA LEU A 483 25.18 -8.75 14.10
C LEU A 483 25.21 -10.18 13.58
N ASP A 484 24.77 -11.14 14.39
CA ASP A 484 24.71 -12.54 13.97
C ASP A 484 23.71 -13.26 14.85
N GLY A 485 23.42 -14.50 14.48
CA GLY A 485 22.42 -15.28 15.19
C GLY A 485 22.89 -15.89 16.49
N GLU A 486 24.14 -15.66 16.87
CA GLU A 486 24.73 -16.30 18.04
C GLU A 486 24.04 -15.80 19.31
N THR A 487 23.27 -16.68 19.96
CA THR A 487 22.68 -16.35 21.25
C THR A 487 23.70 -16.45 22.39
N ASN A 488 24.77 -17.20 22.19
CA ASN A 488 25.79 -17.34 23.23
C ASN A 488 26.73 -16.14 23.20
N LEU A 489 27.17 -15.72 24.39
CA LEU A 489 28.06 -14.58 24.50
C LEU A 489 29.41 -14.90 23.88
N LYS A 490 29.87 -14.05 22.98
CA LYS A 490 31.17 -14.22 22.35
C LYS A 490 32.26 -13.62 23.23
N VAL A 491 33.38 -14.32 23.31
CA VAL A 491 34.52 -13.88 24.12
C VAL A 491 35.48 -13.11 23.24
N ARG A 492 36.00 -12.00 23.76
CA ARG A 492 36.92 -11.14 23.03
C ARG A 492 38.11 -10.83 23.93
N GLN A 493 39.31 -11.15 23.46
CA GLN A 493 40.52 -10.88 24.21
C GLN A 493 41.10 -9.53 23.80
N SER A 494 41.71 -8.85 24.77
CA SER A 494 42.32 -7.56 24.54
C SER A 494 43.77 -7.76 24.10
N LEU A 495 44.54 -6.67 24.05
CA LEU A 495 45.93 -6.75 23.62
C LEU A 495 46.82 -7.13 24.79
N LYS A 496 47.95 -7.76 24.46
CA LYS A 496 48.86 -8.26 25.49
C LYS A 496 49.61 -7.13 26.19
N CYS A 497 50.24 -6.25 25.41
CA CYS A 497 51.06 -5.21 26.00
C CYS A 497 50.22 -4.16 26.71
N SER A 498 48.96 -4.02 26.31
CA SER A 498 48.08 -3.00 26.87
C SER A 498 47.40 -3.43 28.18
N LYS A 499 47.82 -4.55 28.76
CA LYS A 499 47.24 -4.98 30.04
C LYS A 499 47.83 -4.25 31.23
N ILE A 500 48.95 -3.56 31.05
CA ILE A 500 49.59 -2.89 32.18
C ILE A 500 48.74 -1.74 32.68
N ILE A 501 48.07 -1.03 31.78
CA ILE A 501 47.25 0.11 32.15
C ILE A 501 45.93 -0.38 32.76
N LYS A 502 45.43 0.36 33.75
CA LYS A 502 44.18 0.01 34.39
C LYS A 502 43.24 1.19 34.62
N SER A 503 43.72 2.43 34.51
CA SER A 503 42.88 3.60 34.76
C SER A 503 43.31 4.70 33.81
N SER A 504 42.72 5.89 33.98
CA SER A 504 43.01 7.00 33.09
C SER A 504 44.41 7.56 33.31
N ARG A 505 44.94 7.45 34.54
CA ARG A 505 46.26 7.98 34.83
C ARG A 505 47.36 7.22 34.09
N ASP A 506 47.10 5.99 33.66
CA ASP A 506 48.10 5.22 32.92
C ASP A 506 47.98 5.42 31.41
N ILE A 507 46.76 5.59 30.90
CA ILE A 507 46.58 5.72 29.46
C ILE A 507 46.93 7.12 28.96
N THR A 508 46.90 8.13 29.83
CA THR A 508 47.30 9.47 29.41
C THR A 508 48.79 9.56 29.14
N ARG A 509 49.57 8.60 29.62
CA ARG A 509 51.01 8.52 29.34
C ARG A 509 51.32 7.58 28.20
N THR A 510 50.31 6.95 27.60
CA THR A 510 50.51 6.02 26.50
C THR A 510 50.52 6.76 25.18
N LYS A 511 51.41 6.34 24.29
CA LYS A 511 51.53 6.93 22.95
C LYS A 511 51.73 5.79 21.96
N PHE A 512 50.87 5.71 20.95
CA PHE A 512 50.97 4.58 20.02
C PHE A 512 50.25 4.94 18.72
N TRP A 513 50.17 3.96 17.82
CA TRP A 513 49.40 4.15 16.59
C TRP A 513 49.03 2.79 16.03
N VAL A 514 47.84 2.71 15.44
CA VAL A 514 47.30 1.48 14.87
C VAL A 514 47.13 1.68 13.38
N GLU A 515 47.80 0.85 12.59
CA GLU A 515 47.62 0.84 11.14
C GLU A 515 46.58 -0.22 10.80
N SER A 516 45.43 0.22 10.31
CA SER A 516 44.30 -0.68 10.09
C SER A 516 43.92 -0.70 8.62
N GLU A 517 43.35 -1.83 8.20
CA GLU A 517 42.85 -1.96 6.84
C GLU A 517 41.54 -1.18 6.67
N GLY A 518 41.14 -1.00 5.42
CA GLY A 518 39.90 -0.34 5.12
C GLY A 518 38.70 -1.18 5.55
N PRO A 519 37.58 -0.51 5.84
CA PRO A 519 36.38 -1.23 6.26
C PRO A 519 35.81 -2.03 5.09
N HIS A 520 35.71 -3.35 5.28
CA HIS A 520 35.33 -4.25 4.20
C HIS A 520 34.03 -5.00 4.46
N ALA A 521 33.29 -4.64 5.51
CA ALA A 521 31.97 -5.21 5.79
C ALA A 521 32.03 -6.73 5.92
N ASN A 522 32.90 -7.20 6.81
CA ASN A 522 32.98 -8.61 7.14
C ASN A 522 33.00 -8.76 8.66
N LEU A 523 32.31 -9.77 9.16
CA LEU A 523 32.12 -9.95 10.59
C LEU A 523 33.14 -10.89 11.22
N TYR A 524 33.87 -11.68 10.42
CA TYR A 524 34.82 -12.65 10.94
C TYR A 524 36.20 -12.44 10.32
N SER A 525 36.57 -11.19 10.09
CA SER A 525 37.87 -10.91 9.49
C SER A 525 38.25 -9.45 9.76
N TYR A 526 39.51 -9.24 10.13
CA TYR A 526 40.07 -7.92 10.34
C TYR A 526 41.58 -8.07 10.50
N GLN A 527 42.33 -7.09 10.00
CA GLN A 527 43.78 -7.11 10.02
C GLN A 527 44.28 -5.75 10.48
N GLY A 528 44.95 -5.70 11.63
CA GLY A 528 45.50 -4.46 12.11
C GLY A 528 46.89 -4.67 12.68
N ASN A 529 47.63 -3.56 12.78
CA ASN A 529 48.98 -3.58 13.35
C ASN A 529 49.07 -2.50 14.40
N PHE A 530 49.14 -2.91 15.67
CA PHE A 530 49.41 -1.99 16.76
C PHE A 530 50.90 -1.74 16.83
N LYS A 531 51.28 -0.48 17.06
CA LYS A 531 52.70 -0.13 17.10
C LYS A 531 52.93 0.93 18.16
N TRP A 532 54.04 0.78 18.88
CA TRP A 532 54.39 1.74 19.94
C TRP A 532 55.91 1.81 20.05
N GLN A 533 56.36 2.64 20.99
CA GLN A 533 57.79 2.81 21.27
C GLN A 533 58.03 2.47 22.74
N ASP A 534 59.04 1.65 22.99
CA ASP A 534 59.33 1.21 24.35
C ASP A 534 59.89 2.37 25.19
N THR A 535 59.50 2.38 26.47
CA THR A 535 60.01 3.37 27.40
C THR A 535 61.37 2.99 27.98
N GLN A 536 61.78 1.73 27.86
CA GLN A 536 63.08 1.31 28.35
C GLN A 536 64.19 1.67 27.38
N ASN A 537 64.13 1.12 26.17
CA ASN A 537 65.09 1.40 25.11
C ASN A 537 64.38 2.03 23.92
N GLY A 538 65.17 2.54 22.98
CA GLY A 538 64.62 3.17 21.80
C GLY A 538 64.41 2.21 20.64
N ASN A 539 63.19 1.74 20.47
CA ASN A 539 62.85 0.83 19.38
C ASN A 539 61.33 0.82 19.20
N ILE A 540 60.90 0.49 17.99
CA ILE A 540 59.49 0.44 17.65
C ILE A 540 59.03 -1.01 17.72
N ARG A 541 58.03 -1.26 18.55
CA ARG A 541 57.48 -2.60 18.74
C ARG A 541 56.13 -2.70 18.05
N ASN A 542 55.92 -3.82 17.38
CA ASN A 542 54.71 -4.09 16.61
C ASN A 542 54.00 -5.32 17.16
N GLU A 543 52.68 -5.35 16.99
CA GLU A 543 51.85 -6.44 17.47
C GLU A 543 50.65 -6.63 16.55
N PRO A 544 50.36 -7.86 16.15
CA PRO A 544 49.18 -8.07 15.29
C PRO A 544 47.89 -7.85 16.05
N VAL A 545 46.85 -7.47 15.31
CA VAL A 545 45.52 -7.21 15.86
C VAL A 545 44.52 -7.94 14.97
N ASN A 546 43.97 -9.04 15.47
CA ASN A 546 43.02 -9.85 14.72
C ASN A 546 41.59 -9.38 15.02
N ILE A 547 40.61 -10.18 14.62
CA ILE A 547 39.21 -9.81 14.84
C ILE A 547 38.86 -9.84 16.32
N ASN A 548 39.49 -10.74 17.10
CA ASN A 548 39.14 -10.90 18.51
C ASN A 548 39.43 -9.66 19.35
N ASN A 549 40.22 -8.72 18.84
CA ASN A 549 40.48 -7.48 19.55
C ASN A 549 39.62 -6.32 19.06
N LEU A 550 38.46 -6.62 18.48
CA LEU A 550 37.60 -5.62 17.88
C LEU A 550 36.23 -5.66 18.55
N LEU A 551 35.72 -4.49 18.90
CA LEU A 551 34.39 -4.33 19.50
C LEU A 551 33.49 -3.66 18.46
N LEU A 552 32.62 -4.45 17.83
CA LEU A 552 31.75 -3.93 16.79
C LEU A 552 30.71 -2.98 17.37
N ARG A 553 29.91 -2.39 16.48
CA ARG A 553 28.95 -1.38 16.92
C ARG A 553 27.77 -2.01 17.65
N GLY A 554 27.04 -2.90 16.97
CA GLY A 554 25.87 -3.52 17.56
C GLY A 554 26.14 -4.49 18.69
N CYS A 555 27.40 -4.73 19.01
CA CYS A 555 27.74 -5.64 20.10
C CYS A 555 27.39 -5.00 21.44
N THR A 556 26.75 -5.77 22.31
CA THR A 556 26.36 -5.31 23.64
C THR A 556 27.31 -5.91 24.66
N LEU A 557 28.12 -5.08 25.30
CA LEU A 557 29.08 -5.55 26.30
C LEU A 557 28.30 -6.10 27.49
N ARG A 558 28.30 -7.41 27.65
CA ARG A 558 27.48 -8.09 28.64
C ARG A 558 28.35 -8.91 29.59
N ASN A 559 27.93 -8.97 30.85
CA ASN A 559 28.63 -9.74 31.89
C ASN A 559 30.07 -9.27 32.08
N THR A 560 30.31 -7.98 31.92
CA THR A 560 31.63 -7.41 32.11
C THR A 560 31.49 -6.00 32.67
N LYS A 561 32.43 -5.62 33.53
CA LYS A 561 32.33 -4.34 34.22
C LYS A 561 32.55 -3.17 33.26
N TRP A 562 33.73 -3.11 32.65
CA TRP A 562 34.03 -2.00 31.75
C TRP A 562 35.15 -2.41 30.81
N ALA A 563 35.04 -2.00 29.54
CA ALA A 563 36.04 -2.27 28.52
C ALA A 563 36.50 -0.95 27.94
N MET A 564 37.80 -0.69 28.00
CA MET A 564 38.40 0.53 27.49
C MET A 564 39.12 0.23 26.18
N GLY A 565 38.78 0.98 25.13
CA GLY A 565 39.36 0.76 23.82
C GLY A 565 39.53 2.06 23.05
N MET A 566 40.04 1.92 21.83
CA MET A 566 40.25 3.05 20.94
C MET A 566 39.42 2.83 19.69
N VAL A 567 38.73 3.87 19.24
CA VAL A 567 37.88 3.76 18.07
C VAL A 567 38.72 3.81 16.81
N ILE A 568 38.37 2.97 15.84
CA ILE A 568 39.02 2.93 14.53
C ILE A 568 38.07 3.38 13.43
N PHE A 569 36.98 2.66 13.25
CA PHE A 569 35.96 3.02 12.27
C PHE A 569 34.83 3.78 12.95
N THR A 570 34.23 4.72 12.21
CA THR A 570 33.17 5.55 12.74
C THR A 570 32.08 5.70 11.69
N GLY A 571 30.84 5.82 12.17
CA GLY A 571 29.70 6.12 11.32
C GLY A 571 29.44 5.11 10.22
N ASP A 572 29.68 5.51 8.97
CA ASP A 572 29.46 4.61 7.85
C ASP A 572 30.54 3.52 7.77
N ASP A 573 31.70 3.75 8.35
CA ASP A 573 32.79 2.78 8.28
C ASP A 573 32.61 1.59 9.20
N THR A 574 31.57 1.57 10.03
CA THR A 574 31.36 0.44 10.93
C THR A 574 30.91 -0.79 10.15
N LYS A 575 31.08 -1.95 10.79
CA LYS A 575 30.79 -3.22 10.13
C LYS A 575 29.31 -3.44 9.88
N ILE A 576 28.44 -2.57 10.35
CA ILE A 576 27.01 -2.67 10.12
C ILE A 576 26.53 -1.70 9.05
N MET A 577 26.98 -0.45 9.12
CA MET A 577 26.51 0.56 8.19
C MET A 577 27.01 0.33 6.77
N ILE A 578 27.87 -0.65 6.54
CA ILE A 578 28.24 -1.06 5.19
C ILE A 578 27.40 -2.22 4.71
N ASN A 579 27.02 -3.14 5.61
CA ASN A 579 26.04 -4.16 5.31
C ASN A 579 24.61 -3.67 5.51
N ALA A 580 24.42 -2.36 5.69
CA ALA A 580 23.08 -1.83 5.93
C ALA A 580 22.32 -1.62 4.61
N GLY A 581 22.83 -0.74 3.75
CA GLY A 581 22.18 -0.45 2.50
C GLY A 581 22.02 1.04 2.31
N VAL A 582 21.08 1.42 1.44
CA VAL A 582 20.91 2.81 1.04
C VAL A 582 19.46 3.26 1.20
N THR A 583 18.70 2.57 2.09
CA THR A 583 17.31 2.86 2.47
C THR A 583 16.48 3.28 1.27
N PRO A 584 16.10 2.34 0.40
CA PRO A 584 15.46 2.71 -0.86
C PRO A 584 14.14 3.43 -0.66
N THR A 585 13.63 3.98 -1.76
CA THR A 585 12.39 4.74 -1.74
C THR A 585 11.17 3.86 -1.49
N LYS A 586 11.25 2.57 -1.81
CA LYS A 586 10.18 1.60 -1.55
C LYS A 586 8.87 2.02 -2.23
N LYS A 587 8.93 2.01 -3.56
CA LYS A 587 7.71 2.20 -4.35
C LYS A 587 6.84 0.96 -4.26
N SER A 588 5.53 1.16 -4.39
CA SER A 588 4.58 0.05 -4.33
C SER A 588 4.61 -0.71 -5.66
N ARG A 589 3.73 -1.70 -5.80
CA ARG A 589 3.62 -2.44 -7.05
C ARG A 589 2.51 -1.93 -7.94
N ILE A 590 1.38 -1.53 -7.36
CA ILE A 590 0.28 -1.02 -8.17
C ILE A 590 0.61 0.31 -8.82
N SER A 591 1.66 1.00 -8.35
CA SER A 591 2.03 2.27 -8.96
C SER A 591 2.54 2.07 -10.39
N ARG A 592 3.23 0.97 -10.66
CA ARG A 592 3.78 0.75 -11.99
C ARG A 592 2.69 0.40 -12.99
N GLU A 593 1.79 -0.52 -12.61
CA GLU A 593 0.64 -0.79 -13.46
C GLU A 593 -0.25 0.44 -13.59
N LEU A 594 -0.24 1.30 -12.58
CA LEU A 594 -0.95 2.58 -12.68
C LEU A 594 -0.33 3.48 -13.75
N ASN A 595 1.00 3.50 -13.82
CA ASN A 595 1.67 4.27 -14.87
C ASN A 595 1.34 3.71 -16.24
N PHE A 596 1.32 2.37 -16.37
CA PHE A 596 0.95 1.77 -17.65
C PHE A 596 -0.49 2.12 -18.02
N SER A 597 -1.38 2.13 -17.04
CA SER A 597 -2.78 2.51 -17.29
C SER A 597 -2.88 3.97 -17.71
N VAL A 598 -2.07 4.83 -17.11
CA VAL A 598 -2.03 6.23 -17.52
C VAL A 598 -1.56 6.36 -18.96
N ILE A 599 -0.60 5.51 -19.36
CA ILE A 599 -0.15 5.52 -20.75
C ILE A 599 -1.27 5.09 -21.67
N LEU A 600 -2.04 4.09 -21.27
CA LEU A 600 -3.18 3.66 -22.09
C LEU A 600 -4.22 4.77 -22.21
N ASN A 601 -4.46 5.51 -21.13
CA ASN A 601 -5.37 6.64 -21.20
C ASN A 601 -4.81 7.72 -22.12
N PHE A 602 -3.48 7.90 -22.13
CA PHE A 602 -2.87 8.83 -23.08
C PHE A 602 -3.14 8.39 -24.51
N VAL A 603 -3.06 7.08 -24.77
CA VAL A 603 -3.35 6.57 -26.11
C VAL A 603 -4.78 6.90 -26.51
N LEU A 604 -5.73 6.67 -25.59
CA LEU A 604 -7.13 7.00 -25.90
C LEU A 604 -7.30 8.50 -26.14
N LEU A 605 -6.65 9.32 -25.32
CA LEU A 605 -6.74 10.77 -25.51
C LEU A 605 -6.19 11.18 -26.87
N PHE A 606 -5.08 10.59 -27.28
CA PHE A 606 -4.51 10.91 -28.59
C PHE A 606 -5.44 10.48 -29.71
N ILE A 607 -6.07 9.31 -29.59
CA ILE A 607 -7.02 8.87 -30.60
C ILE A 607 -8.18 9.85 -30.71
N LEU A 608 -8.73 10.26 -29.56
CA LEU A 608 -9.84 11.20 -29.57
C LEU A 608 -9.44 12.53 -30.19
N CYS A 609 -8.27 13.05 -29.82
CA CYS A 609 -7.85 14.34 -30.33
C CYS A 609 -7.54 14.27 -31.82
N PHE A 610 -7.03 13.13 -32.30
CA PHE A 610 -6.77 12.97 -33.72
C PHE A 610 -8.07 12.94 -34.52
N THR A 611 -9.04 12.13 -34.08
CA THR A 611 -10.30 12.09 -34.80
C THR A 611 -11.11 13.37 -34.63
N ALA A 612 -10.77 14.21 -33.65
CA ALA A 612 -11.41 15.52 -33.55
C ALA A 612 -10.77 16.52 -34.51
N GLY A 613 -9.43 16.57 -34.54
CA GLY A 613 -8.73 17.47 -35.43
C GLY A 613 -8.90 17.13 -36.90
N ILE A 614 -9.19 15.88 -37.22
CA ILE A 614 -9.46 15.53 -38.60
C ILE A 614 -10.79 16.13 -39.05
N VAL A 615 -11.85 15.92 -38.26
CA VAL A 615 -13.18 16.39 -38.67
C VAL A 615 -13.25 17.90 -38.60
N ASN A 616 -12.60 18.52 -37.61
CA ASN A 616 -12.48 19.97 -37.58
C ASN A 616 -11.28 20.34 -38.44
N GLY A 617 -11.53 20.52 -39.73
CA GLY A 617 -10.47 20.66 -40.72
C GLY A 617 -10.89 19.97 -41.99
N VAL A 618 -11.74 18.96 -41.87
CA VAL A 618 -12.50 18.50 -43.02
C VAL A 618 -13.79 19.29 -43.17
N TYR A 619 -14.43 19.65 -42.06
CA TYR A 619 -15.62 20.48 -42.11
C TYR A 619 -15.31 21.88 -42.62
N TYR A 620 -14.14 22.42 -42.28
CA TYR A 620 -13.75 23.74 -42.76
C TYR A 620 -13.47 23.77 -44.25
N LYS A 621 -13.50 22.63 -44.93
CA LYS A 621 -13.33 22.56 -46.38
C LYS A 621 -14.60 22.03 -47.03
N GLN A 622 -15.75 22.50 -46.56
CA GLN A 622 -17.05 22.13 -47.10
C GLN A 622 -17.87 23.39 -47.34
N LYS A 623 -18.55 23.44 -48.47
CA LYS A 623 -19.38 24.57 -48.85
C LYS A 623 -20.74 24.08 -49.30
N PRO A 624 -21.81 24.85 -49.03
CA PRO A 624 -21.80 26.11 -48.29
C PRO A 624 -22.22 25.94 -46.83
N ARG A 625 -21.38 26.37 -45.91
CA ARG A 625 -21.67 26.26 -44.48
C ARG A 625 -22.11 27.62 -43.94
N SER A 626 -22.79 27.58 -42.79
CA SER A 626 -23.33 28.77 -42.17
C SER A 626 -22.28 29.60 -41.43
N ARG A 627 -21.00 29.33 -41.66
CA ARG A 627 -19.92 30.04 -40.97
C ARG A 627 -19.38 31.21 -41.79
N ASP A 628 -19.27 31.06 -43.11
CA ASP A 628 -18.74 32.13 -43.93
C ASP A 628 -19.71 33.30 -44.09
N TYR A 629 -20.97 33.12 -43.70
CA TYR A 629 -21.96 34.19 -43.79
C TYR A 629 -22.07 34.94 -42.46
N PHE A 630 -22.36 34.22 -41.38
CA PHE A 630 -22.60 34.82 -40.07
C PHE A 630 -21.37 34.81 -39.17
N GLU A 631 -20.62 33.71 -39.15
CA GLU A 631 -19.50 33.59 -38.23
C GLU A 631 -18.25 34.34 -38.68
N PHE A 632 -18.31 35.02 -39.83
CA PHE A 632 -17.19 35.81 -40.34
C PHE A 632 -15.93 34.98 -40.48
N ALA A 639 -3.85 23.66 -44.72
CA ALA A 639 -4.64 23.07 -43.65
C ALA A 639 -3.74 22.53 -42.55
N SER A 640 -2.44 22.74 -42.69
CA SER A 640 -1.48 22.24 -41.71
C SER A 640 -1.65 22.94 -40.37
N THR A 641 -1.48 24.25 -40.34
CA THR A 641 -1.61 24.99 -39.08
C THR A 641 -3.06 24.99 -38.59
N ASN A 642 -4.03 24.94 -39.48
CA ASN A 642 -5.43 24.86 -39.06
C ASN A 642 -5.72 23.56 -38.35
N GLY A 643 -5.35 22.43 -38.96
CA GLY A 643 -5.49 21.15 -38.30
C GLY A 643 -4.69 21.06 -37.02
N PHE A 644 -3.52 21.69 -36.98
CA PHE A 644 -2.70 21.67 -35.77
C PHE A 644 -3.38 22.42 -34.63
N VAL A 645 -3.91 23.60 -34.92
CA VAL A 645 -4.57 24.36 -33.86
C VAL A 645 -5.88 23.68 -33.45
N SER A 646 -6.55 22.99 -34.39
CA SER A 646 -7.74 22.23 -34.00
C SER A 646 -7.37 21.08 -33.08
N PHE A 647 -6.27 20.37 -33.40
CA PHE A 647 -5.81 19.28 -32.55
C PHE A 647 -5.45 19.77 -31.16
N TRP A 648 -4.71 20.88 -31.09
CA TRP A 648 -4.29 21.38 -29.79
C TRP A 648 -5.35 22.22 -29.08
N VAL A 649 -6.49 22.43 -29.71
CA VAL A 649 -7.69 22.88 -28.99
C VAL A 649 -8.45 21.70 -28.43
N ALA A 650 -8.60 20.62 -29.21
CA ALA A 650 -9.23 19.41 -28.70
C ALA A 650 -8.42 18.77 -27.59
N VAL A 651 -7.10 19.00 -27.56
CA VAL A 651 -6.29 18.51 -26.45
C VAL A 651 -6.70 19.18 -25.15
N ILE A 652 -6.77 20.51 -25.16
CA ILE A 652 -7.20 21.24 -23.97
C ILE A 652 -8.67 21.00 -23.66
N LEU A 653 -9.45 20.57 -24.66
CA LEU A 653 -10.83 20.18 -24.39
C LEU A 653 -10.89 19.01 -23.43
N TYR A 654 -10.34 17.87 -23.84
CA TYR A 654 -10.34 16.69 -22.97
C TYR A 654 -9.04 16.58 -22.17
N GLN A 655 -8.61 17.67 -21.56
CA GLN A 655 -7.39 17.68 -20.78
C GLN A 655 -7.52 16.94 -19.46
N SER A 656 -8.66 16.30 -19.20
CA SER A 656 -8.91 15.64 -17.93
C SER A 656 -9.33 14.19 -18.12
N LEU A 657 -8.84 13.54 -19.18
CA LEU A 657 -9.03 12.09 -19.28
C LEU A 657 -8.26 11.37 -18.20
N VAL A 658 -7.17 11.97 -17.73
CA VAL A 658 -6.49 11.56 -16.50
C VAL A 658 -6.38 12.81 -15.63
N PRO A 659 -7.23 12.97 -14.63
CA PRO A 659 -7.32 14.24 -13.91
C PRO A 659 -6.15 14.43 -12.95
N ILE A 660 -6.05 15.67 -12.44
CA ILE A 660 -5.01 16.00 -11.48
C ILE A 660 -5.24 15.31 -10.14
N SER A 661 -6.45 14.82 -9.91
CA SER A 661 -6.82 14.23 -8.63
C SER A 661 -6.58 12.73 -8.57
N LEU A 662 -5.78 12.19 -9.49
CA LEU A 662 -5.44 10.76 -9.41
C LEU A 662 -4.32 10.52 -8.42
N TYR A 663 -3.19 11.21 -8.58
CA TYR A 663 -2.05 11.05 -7.69
C TYR A 663 -2.19 11.86 -6.41
N ILE A 664 -3.35 12.46 -6.18
CA ILE A 664 -3.69 13.00 -4.88
C ILE A 664 -4.80 12.21 -4.21
N SER A 665 -5.54 11.37 -4.95
CA SER A 665 -6.46 10.45 -4.33
C SER A 665 -5.75 9.19 -3.86
N VAL A 666 -4.82 8.68 -4.67
CA VAL A 666 -4.07 7.48 -4.28
C VAL A 666 -3.23 7.76 -3.05
N GLU A 667 -2.64 8.95 -2.97
CA GLU A 667 -1.82 9.28 -1.80
C GLU A 667 -2.67 9.41 -0.55
N ILE A 668 -3.84 10.04 -0.67
CA ILE A 668 -4.74 10.13 0.49
C ILE A 668 -5.19 8.75 0.91
N ILE A 669 -5.48 7.87 -0.04
CA ILE A 669 -5.92 6.52 0.30
C ILE A 669 -4.81 5.75 1.00
N LYS A 670 -3.58 5.86 0.50
CA LYS A 670 -2.46 5.15 1.12
C LYS A 670 -2.20 5.67 2.53
N THR A 671 -2.23 6.98 2.71
CA THR A 671 -2.00 7.54 4.04
C THR A 671 -3.12 7.13 4.99
N ALA A 672 -4.37 7.11 4.51
CA ALA A 672 -5.48 6.71 5.36
C ALA A 672 -5.39 5.25 5.75
N GLN A 673 -4.98 4.39 4.81
CA GLN A 673 -4.83 2.98 5.14
C GLN A 673 -3.68 2.75 6.11
N ALA A 674 -2.59 3.51 5.96
CA ALA A 674 -1.49 3.40 6.91
C ALA A 674 -1.92 3.87 8.30
N ILE A 675 -2.71 4.93 8.37
CA ILE A 675 -3.19 5.42 9.66
C ILE A 675 -4.13 4.40 10.29
N PHE A 676 -4.97 3.76 9.48
CA PHE A 676 -5.87 2.75 10.02
C PHE A 676 -5.12 1.50 10.45
N ILE A 677 -3.97 1.23 9.83
CA ILE A 677 -3.10 0.17 10.32
C ILE A 677 -2.52 0.56 11.68
N TYR A 678 -2.05 1.81 11.80
CA TYR A 678 -1.42 2.26 13.04
C TYR A 678 -2.40 2.21 14.21
N THR A 679 -3.66 2.55 13.97
CA THR A 679 -4.65 2.63 15.04
C THR A 679 -5.49 1.37 15.17
N ASP A 680 -4.91 0.21 14.89
CA ASP A 680 -5.59 -1.06 15.12
C ASP A 680 -5.22 -1.57 16.51
N VAL A 681 -6.22 -1.99 17.28
CA VAL A 681 -5.98 -2.35 18.67
C VAL A 681 -5.38 -3.75 18.77
N LEU A 682 -5.64 -4.62 17.81
CA LEU A 682 -5.09 -5.97 17.83
C LEU A 682 -3.65 -6.02 17.32
N LEU A 683 -3.09 -4.88 16.91
CA LEU A 683 -1.68 -4.78 16.54
C LEU A 683 -0.91 -3.97 17.57
N TYR A 684 -1.37 -3.97 18.81
CA TYR A 684 -0.74 -3.24 19.91
C TYR A 684 -0.19 -4.24 20.91
N ASN A 685 1.11 -4.15 21.17
CA ASN A 685 1.78 -5.02 22.14
C ASN A 685 1.90 -4.24 23.44
N ALA A 686 1.04 -4.57 24.41
CA ALA A 686 0.98 -3.83 25.67
C ALA A 686 2.16 -4.10 26.58
N LYS A 687 3.08 -4.99 26.20
CA LYS A 687 4.22 -5.27 27.07
C LYS A 687 5.23 -4.14 27.06
N LEU A 688 5.29 -3.37 25.96
CA LEU A 688 6.22 -2.25 25.89
C LEU A 688 5.61 -1.00 25.26
N ASP A 689 4.28 -0.96 25.12
CA ASP A 689 3.58 0.21 24.57
C ASP A 689 4.09 0.54 23.17
N TYR A 690 3.87 -0.39 22.24
CA TYR A 690 4.30 -0.22 20.85
C TYR A 690 3.20 -0.66 19.91
N PRO A 691 2.45 0.27 19.32
CA PRO A 691 1.52 -0.07 18.25
C PRO A 691 2.28 -0.24 16.93
N CYS A 692 1.59 -0.82 15.96
CA CYS A 692 2.22 -1.08 14.67
C CYS A 692 2.38 0.22 13.90
N THR A 693 3.54 0.88 14.07
CA THR A 693 3.76 2.19 13.45
C THR A 693 4.33 2.00 12.05
N PRO A 694 3.60 2.33 10.99
CA PRO A 694 4.20 2.26 9.65
C PRO A 694 5.17 3.41 9.43
N LYS A 695 6.26 3.09 8.73
CA LYS A 695 7.27 4.09 8.42
C LYS A 695 7.40 4.38 6.94
N SER A 696 6.82 3.55 6.08
CA SER A 696 6.68 3.84 4.65
C SER A 696 5.19 3.81 4.34
N TRP A 697 4.61 4.98 4.06
CA TRP A 697 3.16 5.07 3.89
C TRP A 697 2.71 4.62 2.51
N ASN A 698 3.59 4.69 1.51
CA ASN A 698 3.21 4.28 0.16
C ASN A 698 3.15 2.76 0.00
N ILE A 699 3.77 2.00 0.90
CA ILE A 699 3.74 0.54 0.85
C ILE A 699 2.58 0.10 1.74
N SER A 700 1.40 -0.01 1.15
CA SER A 700 0.23 -0.51 1.86
C SER A 700 -0.55 -1.56 1.09
N ASP A 701 -0.45 -1.59 -0.23
CA ASP A 701 -1.11 -2.62 -1.02
C ASP A 701 -0.23 -3.84 -1.25
N ASP A 702 1.05 -3.77 -0.87
CA ASP A 702 1.93 -4.92 -1.06
C ASP A 702 1.56 -6.06 -0.13
N LEU A 703 1.18 -5.74 1.10
CA LEU A 703 0.88 -6.77 2.10
C LEU A 703 -0.24 -7.71 1.64
N GLY A 704 -1.05 -7.30 0.67
CA GLY A 704 -2.03 -8.18 0.09
C GLY A 704 -1.52 -9.04 -1.03
N GLN A 705 -0.27 -8.82 -1.46
CA GLN A 705 0.36 -9.61 -2.51
C GLN A 705 1.61 -10.33 -2.01
N ILE A 706 1.92 -10.24 -0.72
CA ILE A 706 3.11 -10.86 -0.17
C ILE A 706 2.99 -12.37 -0.31
N GLU A 707 3.99 -12.98 -0.94
CA GLU A 707 4.03 -14.43 -1.15
C GLU A 707 5.16 -15.12 -0.43
N TYR A 708 6.34 -14.49 -0.34
CA TYR A 708 7.49 -15.06 0.34
C TYR A 708 7.78 -14.27 1.61
N ILE A 709 8.08 -15.00 2.68
CA ILE A 709 8.41 -14.40 3.97
C ILE A 709 9.74 -14.98 4.43
N PHE A 710 10.74 -14.12 4.60
CA PHE A 710 12.09 -14.55 4.96
C PHE A 710 12.35 -14.15 6.41
N SER A 711 12.10 -15.10 7.32
CA SER A 711 12.08 -14.82 8.75
C SER A 711 13.50 -14.73 9.31
N ASP A 712 13.61 -14.64 10.63
CA ASP A 712 14.88 -14.66 11.35
C ASP A 712 14.74 -15.62 12.52
N LYS A 713 15.82 -15.78 13.28
CA LYS A 713 15.83 -16.67 14.43
C LYS A 713 16.70 -16.13 15.57
N THR A 714 16.18 -15.13 16.28
CA THR A 714 16.90 -14.52 17.39
C THR A 714 15.92 -13.71 18.23
N GLY A 715 15.10 -12.92 17.55
CA GLY A 715 14.11 -12.08 18.21
C GLY A 715 12.86 -12.04 17.37
N THR A 716 12.81 -12.88 16.35
CA THR A 716 11.68 -12.96 15.44
C THR A 716 10.90 -14.25 15.61
N LEU A 717 11.55 -15.41 15.45
CA LEU A 717 10.86 -16.67 15.67
C LEU A 717 10.95 -17.12 17.12
N THR A 718 12.05 -16.81 17.79
CA THR A 718 12.28 -17.24 19.16
C THR A 718 12.48 -16.02 20.06
N GLN A 719 12.12 -16.19 21.33
CA GLN A 719 12.45 -15.20 22.35
C GLN A 719 13.91 -15.39 22.74
N ASN A 720 14.33 -14.76 23.83
CA ASN A 720 15.70 -14.88 24.32
C ASN A 720 15.73 -15.54 25.69
N VAL A 721 14.92 -16.58 25.86
CA VAL A 721 14.89 -17.36 27.09
C VAL A 721 15.12 -18.83 26.74
N MET A 722 15.74 -19.55 27.68
CA MET A 722 16.00 -20.98 27.53
C MET A 722 15.49 -21.67 28.79
N GLU A 723 14.49 -22.52 28.63
CA GLU A 723 13.83 -23.16 29.77
C GLU A 723 14.15 -24.65 29.78
N PHE A 724 14.79 -25.12 30.85
CA PHE A 724 14.96 -26.55 31.04
C PHE A 724 13.61 -27.23 31.13
N LYS A 725 13.38 -28.23 30.29
CA LYS A 725 12.07 -28.88 30.23
C LYS A 725 12.11 -30.33 30.70
N LYS A 726 12.97 -31.15 30.12
CA LYS A 726 13.01 -32.58 30.42
C LYS A 726 14.44 -33.02 30.66
N CYS A 727 14.59 -34.21 31.24
CA CYS A 727 15.89 -34.80 31.46
C CYS A 727 15.74 -36.32 31.47
N THR A 728 16.88 -37.01 31.36
CA THR A 728 16.91 -38.47 31.32
C THR A 728 17.98 -38.94 32.30
N ILE A 729 17.56 -39.53 33.41
CA ILE A 729 18.46 -40.03 34.44
C ILE A 729 18.26 -41.53 34.59
N ASN A 730 19.35 -42.29 34.46
CA ASN A 730 19.33 -43.74 34.62
C ASN A 730 18.32 -44.39 33.67
N GLY A 731 18.28 -43.92 32.43
CA GLY A 731 17.34 -44.46 31.46
C GLY A 731 15.89 -44.19 31.78
N VAL A 732 15.61 -43.25 32.69
CA VAL A 732 14.25 -42.87 33.05
C VAL A 732 14.06 -41.41 32.68
N SER A 733 13.00 -41.12 31.93
CA SER A 733 12.74 -39.78 31.43
C SER A 733 11.84 -39.02 32.39
N TYR A 734 12.36 -37.96 32.99
CA TYR A 734 11.58 -37.07 33.82
C TYR A 734 11.29 -35.78 33.06
N GLY A 735 10.14 -35.19 33.34
CA GLY A 735 9.78 -33.94 32.69
C GLY A 735 8.41 -33.95 32.06
N ARG A 736 7.70 -32.83 32.17
CA ARG A 736 6.40 -32.65 31.55
C ARG A 736 6.40 -31.34 30.78
N ALA A 737 5.73 -31.34 29.63
CA ALA A 737 5.61 -30.15 28.81
C ALA A 737 4.58 -30.39 27.73
N TYR A 738 3.76 -29.39 27.44
CA TYR A 738 2.81 -29.44 26.34
C TYR A 738 3.31 -28.44 25.30
N THR A 739 4.20 -28.90 24.43
CA THR A 739 4.74 -28.04 23.39
C THR A 739 3.69 -27.77 22.32
N GLU A 740 3.75 -26.57 21.75
CA GLU A 740 2.83 -26.20 20.67
C GLU A 740 3.08 -27.00 19.41
N ALA A 741 4.28 -27.54 19.24
CA ALA A 741 4.51 -28.51 18.17
C ALA A 741 3.63 -29.74 18.35
N LEU A 742 3.55 -30.26 19.57
CA LEU A 742 2.65 -31.37 19.84
C LEU A 742 1.19 -30.97 19.66
N ALA A 743 0.86 -29.71 19.92
CA ALA A 743 -0.50 -29.23 19.69
C ALA A 743 -0.84 -29.27 18.20
N GLY A 744 0.06 -28.77 17.37
CA GLY A 744 -0.14 -28.86 15.93
C GLY A 744 -0.19 -30.28 15.43
N LEU A 745 0.64 -31.15 16.01
CA LEU A 745 0.62 -32.56 15.65
C LEU A 745 -0.72 -33.20 15.98
N ARG A 746 -1.25 -32.92 17.17
CA ARG A 746 -2.54 -33.48 17.57
C ARG A 746 -3.66 -32.91 16.72
N LYS A 747 -3.57 -31.64 16.33
CA LYS A 747 -4.55 -31.08 15.42
C LYS A 747 -4.51 -31.79 14.07
N ARG A 748 -3.31 -32.06 13.57
CA ARG A 748 -3.17 -32.79 12.32
C ARG A 748 -3.62 -34.24 12.44
N GLN A 749 -3.61 -34.80 13.66
CA GLN A 749 -4.12 -36.15 13.85
C GLN A 749 -5.63 -36.19 13.72
N GLY A 750 -6.33 -35.25 14.34
CA GLY A 750 -7.77 -35.18 14.26
C GLY A 750 -8.46 -35.02 15.60
N VAL A 751 -7.67 -35.03 16.68
CA VAL A 751 -8.22 -34.90 18.02
C VAL A 751 -8.45 -33.44 18.36
N ASP A 752 -9.18 -33.18 19.43
CA ASP A 752 -9.43 -31.81 19.88
C ASP A 752 -8.18 -31.27 20.56
N VAL A 753 -7.94 -29.97 20.38
CA VAL A 753 -6.74 -29.33 20.89
C VAL A 753 -7.05 -28.29 21.95
N GLU A 754 -8.14 -27.54 21.79
CA GLU A 754 -8.45 -26.46 22.72
C GLU A 754 -8.82 -26.99 24.10
N SER A 755 -9.88 -27.80 24.16
CA SER A 755 -10.32 -28.35 25.45
C SER A 755 -9.27 -29.29 26.04
N GLU A 756 -8.75 -30.20 25.22
CA GLU A 756 -7.72 -31.11 25.67
C GLU A 756 -6.46 -30.35 26.07
N GLY A 757 -6.13 -29.28 25.34
CA GLY A 757 -4.97 -28.49 25.69
C GLY A 757 -5.12 -27.80 27.02
N ARG A 758 -6.29 -27.19 27.27
CA ARG A 758 -6.53 -26.55 28.56
C ARG A 758 -6.51 -27.58 29.69
N ARG A 759 -7.07 -28.76 29.45
CA ARG A 759 -7.04 -29.82 30.46
C ARG A 759 -5.61 -30.21 30.78
N GLU A 760 -4.79 -30.45 29.75
CA GLU A 760 -3.41 -30.84 29.98
C GLU A 760 -2.63 -29.74 30.69
N LYS A 761 -2.90 -28.47 30.33
CA LYS A 761 -2.22 -27.37 31.02
C LYS A 761 -2.64 -27.30 32.48
N GLU A 762 -3.91 -27.59 32.78
CA GLU A 762 -4.33 -27.65 34.17
C GLU A 762 -3.62 -28.76 34.92
N GLU A 763 -3.43 -29.92 34.28
CA GLU A 763 -2.70 -31.01 34.93
C GLU A 763 -1.24 -30.62 35.17
N ILE A 764 -0.62 -29.92 34.20
CA ILE A 764 0.75 -29.45 34.40
C ILE A 764 0.81 -28.45 35.55
N ALA A 765 -0.19 -27.59 35.68
CA ALA A 765 -0.20 -26.63 36.78
C ALA A 765 -0.35 -27.34 38.13
N LYS A 766 -1.20 -28.36 38.19
CA LYS A 766 -1.36 -29.12 39.43
C LYS A 766 -0.07 -29.85 39.78
N ASP A 767 0.58 -30.47 38.78
CA ASP A 767 1.87 -31.11 39.04
C ASP A 767 2.91 -30.10 39.49
N ARG A 768 2.87 -28.88 38.94
CA ARG A 768 3.81 -27.85 39.34
C ARG A 768 3.61 -27.45 40.80
N GLU A 769 2.36 -27.21 41.20
CA GLU A 769 2.12 -26.82 42.59
C GLU A 769 2.46 -27.95 43.55
N THR A 770 2.17 -29.20 43.15
CA THR A 770 2.56 -30.34 43.98
C THR A 770 4.07 -30.42 44.11
N MET A 771 4.80 -30.21 43.03
CA MET A 771 6.27 -30.24 43.08
C MET A 771 6.81 -29.13 43.97
N ILE A 772 6.23 -27.92 43.87
CA ILE A 772 6.68 -26.83 44.72
C ILE A 772 6.44 -27.16 46.19
N ASP A 773 5.25 -27.69 46.50
CA ASP A 773 4.94 -28.04 47.89
C ASP A 773 5.89 -29.11 48.40
N GLU A 774 6.15 -30.15 47.60
CA GLU A 774 7.04 -31.22 48.04
C GLU A 774 8.46 -30.72 48.23
N LEU A 775 8.93 -29.85 47.33
CA LEU A 775 10.31 -29.35 47.44
C LEU A 775 10.45 -28.38 48.59
N ARG A 776 9.38 -27.66 48.95
CA ARG A 776 9.42 -26.78 50.10
C ARG A 776 9.30 -27.57 51.41
N SER A 777 8.60 -28.71 51.38
CA SER A 777 8.46 -29.53 52.58
C SER A 777 9.65 -30.44 52.82
N MET A 778 10.41 -30.78 51.77
CA MET A 778 11.55 -31.67 51.96
C MET A 778 12.68 -30.97 52.71
N SER A 779 13.07 -29.79 52.26
CA SER A 779 14.13 -29.04 52.91
C SER A 779 13.94 -27.56 52.61
N ASP A 780 14.81 -26.73 53.16
CA ASP A 780 14.77 -25.28 53.00
C ASP A 780 16.08 -24.81 52.37
N ASN A 781 15.98 -24.12 51.25
CA ASN A 781 17.13 -23.59 50.54
C ASN A 781 17.02 -22.07 50.47
N THR A 782 18.13 -21.39 50.74
CA THR A 782 18.12 -19.93 50.77
C THR A 782 18.03 -19.32 49.38
N GLN A 783 18.38 -20.06 48.33
CA GLN A 783 18.34 -19.56 46.96
C GLN A 783 17.09 -20.01 46.21
N PHE A 784 16.23 -20.79 46.84
CA PHE A 784 15.05 -21.32 46.16
C PHE A 784 14.09 -20.21 45.78
N CYS A 785 13.44 -20.37 44.64
CA CYS A 785 12.44 -19.43 44.16
C CYS A 785 11.53 -20.12 43.15
N PRO A 786 10.21 -20.12 43.36
CA PRO A 786 9.32 -20.86 42.46
C PRO A 786 9.14 -20.20 41.10
N GLU A 787 9.34 -18.88 40.99
CA GLU A 787 9.13 -18.20 39.72
C GLU A 787 10.21 -18.53 38.70
N ASP A 788 11.37 -19.00 39.14
CA ASP A 788 12.44 -19.42 38.23
C ASP A 788 12.47 -20.93 38.02
N LEU A 789 11.50 -21.65 38.57
CA LEU A 789 11.44 -23.10 38.45
C LEU A 789 10.83 -23.46 37.10
N THR A 790 11.70 -23.60 36.09
CA THR A 790 11.22 -23.99 34.77
C THR A 790 10.81 -25.46 34.74
N PHE A 791 11.51 -26.30 35.48
CA PHE A 791 11.13 -27.71 35.58
C PHE A 791 9.77 -27.84 36.27
N VAL A 792 9.01 -28.85 35.86
CA VAL A 792 7.66 -29.03 36.39
C VAL A 792 7.35 -30.45 36.82
N SER A 793 8.15 -31.44 36.44
CA SER A 793 7.83 -32.83 36.75
C SER A 793 7.77 -33.06 38.26
N LYS A 794 6.90 -33.98 38.67
CA LYS A 794 6.75 -34.33 40.07
C LYS A 794 7.42 -35.65 40.44
N GLU A 795 7.76 -36.48 39.45
CA GLU A 795 8.46 -37.72 39.75
C GLU A 795 9.92 -37.48 40.11
N ILE A 796 10.50 -36.36 39.67
CA ILE A 796 11.91 -36.10 39.95
C ILE A 796 12.14 -35.95 41.45
N VAL A 797 11.30 -35.15 42.11
CA VAL A 797 11.46 -34.96 43.56
C VAL A 797 11.12 -36.24 44.30
N GLU A 798 10.14 -37.01 43.81
CA GLU A 798 9.77 -38.27 44.46
C GLU A 798 10.92 -39.27 44.43
N ASP A 799 11.57 -39.41 43.28
CA ASP A 799 12.72 -40.30 43.19
C ASP A 799 14.00 -39.69 43.75
N LEU A 800 14.02 -38.39 44.00
CA LEU A 800 15.15 -37.75 44.65
C LEU A 800 15.07 -37.85 46.17
N LYS A 801 13.88 -37.99 46.73
CA LYS A 801 13.75 -38.20 48.17
C LYS A 801 13.88 -39.66 48.56
N GLY A 802 13.75 -40.59 47.62
CA GLY A 802 14.01 -41.99 47.91
C GLY A 802 12.82 -42.92 47.70
N SER A 803 11.91 -42.56 46.80
CA SER A 803 10.73 -43.36 46.54
C SER A 803 10.93 -44.38 45.41
N SER A 804 12.15 -44.55 44.93
CA SER A 804 12.45 -45.53 43.89
C SER A 804 13.75 -46.26 44.19
N GLY A 805 14.00 -46.52 45.46
CA GLY A 805 15.21 -47.22 45.85
C GLY A 805 16.33 -46.27 46.26
N ASP A 806 17.47 -46.88 46.58
CA ASP A 806 18.64 -46.12 47.00
C ASP A 806 19.55 -45.77 45.84
N HIS A 807 19.79 -46.72 44.93
CA HIS A 807 20.69 -46.47 43.80
C HIS A 807 20.12 -45.39 42.89
N GLN A 808 18.81 -45.42 42.64
CA GLN A 808 18.20 -44.40 41.79
C GLN A 808 18.30 -43.02 42.43
N GLN A 809 18.04 -42.94 43.74
CA GLN A 809 18.15 -41.67 44.43
C GLN A 809 19.59 -41.14 44.39
N LYS A 810 20.54 -42.04 44.61
CA LYS A 810 21.96 -41.70 44.60
C LYS A 810 22.43 -41.22 43.22
N CYS A 811 21.90 -41.85 42.18
CA CYS A 811 22.27 -41.47 40.81
C CYS A 811 21.63 -40.15 40.43
N CYS A 812 20.38 -39.92 40.83
CA CYS A 812 19.74 -38.62 40.57
C CYS A 812 20.47 -37.50 41.31
N GLU A 813 20.88 -37.76 42.56
CA GLU A 813 21.63 -36.76 43.31
C GLU A 813 22.97 -36.46 42.64
N HIS A 814 23.67 -37.50 42.18
CA HIS A 814 24.95 -37.29 41.52
C HIS A 814 24.78 -36.55 40.20
N PHE A 815 23.71 -36.82 39.47
CA PHE A 815 23.45 -36.10 38.23
C PHE A 815 23.15 -34.63 38.50
N LEU A 816 22.27 -34.36 39.46
CA LEU A 816 21.97 -32.97 39.80
C LEU A 816 23.19 -32.24 40.32
N LEU A 817 24.12 -32.96 40.98
CA LEU A 817 25.35 -32.33 41.42
C LEU A 817 26.28 -32.05 40.24
N ALA A 818 26.33 -32.99 39.29
CA ALA A 818 27.19 -32.79 38.12
C ALA A 818 26.69 -31.65 37.25
N LEU A 819 25.38 -31.42 37.21
CA LEU A 819 24.86 -30.28 36.45
C LEU A 819 25.37 -28.97 37.02
N ALA A 820 25.64 -28.91 38.32
CA ALA A 820 26.15 -27.71 38.98
C ALA A 820 27.66 -27.75 39.17
N LEU A 821 28.37 -28.61 38.45
CA LEU A 821 29.82 -28.71 38.56
C LEU A 821 30.53 -28.37 37.27
N CYS A 822 30.14 -28.98 36.15
CA CYS A 822 30.81 -28.77 34.86
C CYS A 822 30.19 -27.56 34.18
N HIS A 823 30.69 -26.38 34.55
CA HIS A 823 30.22 -25.13 33.95
C HIS A 823 31.18 -24.02 34.33
N SER A 824 31.32 -23.03 33.43
CA SER A 824 32.09 -21.82 33.70
C SER A 824 31.21 -20.70 34.23
N VAL A 825 30.09 -21.03 34.88
CA VAL A 825 29.14 -20.02 35.34
C VAL A 825 29.73 -19.26 36.51
N LEU A 826 29.58 -17.94 36.48
CA LEU A 826 29.96 -17.09 37.60
C LEU A 826 28.71 -16.70 38.39
N VAL A 827 28.90 -16.31 39.65
CA VAL A 827 27.82 -15.90 40.52
C VAL A 827 28.06 -14.46 40.94
N GLU A 828 27.00 -13.64 40.86
CA GLU A 828 27.09 -12.24 41.23
C GLU A 828 25.91 -11.89 42.13
N PRO A 829 26.15 -11.21 43.25
CA PRO A 829 25.02 -10.77 44.09
C PRO A 829 24.24 -9.66 43.41
N ASN A 830 22.92 -9.75 43.51
CA ASN A 830 22.06 -8.80 42.82
C ASN A 830 22.20 -7.40 43.41
N LYS A 831 21.76 -6.40 42.65
CA LYS A 831 21.87 -5.02 43.09
C LYS A 831 20.89 -4.72 44.21
N ASP A 832 19.62 -5.06 44.02
CA ASP A 832 18.59 -4.77 45.01
C ASP A 832 18.59 -5.81 46.13
N ASP A 833 18.32 -7.06 45.78
CA ASP A 833 18.25 -8.14 46.77
C ASP A 833 19.63 -8.71 46.99
N PRO A 834 20.22 -8.58 48.18
CA PRO A 834 21.55 -9.16 48.40
C PRO A 834 21.53 -10.68 48.48
N LYS A 835 20.46 -11.28 49.01
CA LYS A 835 20.40 -12.73 49.16
C LYS A 835 20.15 -13.44 47.84
N LYS A 836 19.60 -12.75 46.84
CA LYS A 836 19.27 -13.36 45.55
C LYS A 836 20.49 -13.26 44.64
N LEU A 837 21.41 -14.21 44.78
CA LEU A 837 22.61 -14.24 43.96
C LEU A 837 22.27 -14.82 42.58
N ASP A 838 22.48 -14.02 41.55
CA ASP A 838 22.19 -14.44 40.19
C ASP A 838 23.40 -15.09 39.55
N ILE A 839 23.17 -15.80 38.46
CA ILE A 839 24.20 -16.54 37.75
C ILE A 839 24.49 -15.84 36.44
N LYS A 840 25.68 -15.28 36.32
CA LYS A 840 26.15 -14.69 35.07
C LYS A 840 27.00 -15.74 34.35
N ALA A 841 26.48 -16.25 33.23
CA ALA A 841 27.14 -17.30 32.48
C ALA A 841 27.46 -16.81 31.07
N GLN A 842 28.38 -17.52 30.43
CA GLN A 842 28.76 -17.20 29.05
C GLN A 842 27.71 -17.64 28.04
N SER A 843 26.77 -18.50 28.43
CA SER A 843 25.76 -19.02 27.53
C SER A 843 24.44 -19.18 28.28
N PRO A 844 23.31 -19.04 27.59
CA PRO A 844 22.02 -19.14 28.30
C PRO A 844 21.64 -20.56 28.67
N ASP A 845 22.07 -21.56 27.90
CA ASP A 845 21.75 -22.95 28.24
C ASP A 845 22.43 -23.37 29.53
N GLU A 846 23.68 -22.94 29.74
CA GLU A 846 24.35 -23.22 31.01
C GLU A 846 23.65 -22.53 32.16
N SER A 847 23.15 -21.31 31.93
CA SER A 847 22.38 -20.62 32.96
C SER A 847 21.12 -21.39 33.30
N ALA A 848 20.43 -21.92 32.29
CA ALA A 848 19.23 -22.71 32.55
C ALA A 848 19.55 -23.99 33.31
N LEU A 849 20.65 -24.64 32.96
CA LEU A 849 21.07 -25.85 33.66
C LEU A 849 21.37 -25.56 35.12
N VAL A 850 22.17 -24.53 35.38
CA VAL A 850 22.50 -24.20 36.77
C VAL A 850 21.27 -23.75 37.53
N SER A 851 20.32 -23.07 36.87
CA SER A 851 19.11 -22.64 37.55
C SER A 851 18.25 -23.83 37.95
N THR A 852 18.01 -24.75 37.01
CA THR A 852 17.22 -25.92 37.36
C THR A 852 17.97 -26.86 38.30
N ALA A 853 19.28 -26.70 38.43
CA ALA A 853 20.01 -27.44 39.47
C ALA A 853 19.81 -26.81 40.83
N ARG A 854 19.96 -25.48 40.92
CA ARG A 854 19.73 -24.79 42.18
C ARG A 854 18.28 -24.89 42.64
N GLN A 855 17.35 -25.11 41.72
CA GLN A 855 15.95 -25.26 42.11
C GLN A 855 15.71 -26.55 42.87
N LEU A 856 16.37 -27.64 42.46
CA LEU A 856 16.16 -28.95 43.04
C LEU A 856 17.01 -29.19 44.28
N GLY A 857 17.48 -28.13 44.94
CA GLY A 857 18.23 -28.29 46.17
C GLY A 857 19.69 -28.61 45.99
N TYR A 858 20.26 -28.20 44.86
CA TYR A 858 21.67 -28.41 44.59
C TYR A 858 22.23 -27.10 44.10
N SER A 859 22.14 -26.08 44.96
CA SER A 859 22.58 -24.74 44.59
C SER A 859 24.10 -24.69 44.47
N PHE A 860 24.58 -23.88 43.53
CA PHE A 860 26.01 -23.64 43.34
C PHE A 860 26.29 -22.17 43.61
N VAL A 861 27.14 -21.90 44.60
CA VAL A 861 27.48 -20.54 44.99
C VAL A 861 29.00 -20.43 45.12
N GLY A 862 29.50 -19.22 44.94
CA GLY A 862 30.88 -18.91 45.23
C GLY A 862 31.89 -19.40 44.20
N SER A 863 32.97 -18.66 44.02
CA SER A 863 34.07 -19.02 43.14
C SER A 863 35.36 -18.75 43.91
N SER A 864 35.82 -19.74 44.66
CA SER A 864 37.02 -19.59 45.48
C SER A 864 38.25 -19.74 44.61
N LYS A 865 39.43 -19.81 45.24
CA LYS A 865 40.67 -19.98 44.49
C LYS A 865 40.67 -21.30 43.72
N SER A 866 40.59 -22.41 44.44
CA SER A 866 40.50 -23.74 43.85
C SER A 866 39.33 -24.46 44.52
N GLY A 867 38.14 -24.26 44.00
CA GLY A 867 36.95 -24.89 44.55
C GLY A 867 35.74 -24.00 44.38
N LEU A 868 34.58 -24.59 44.67
CA LEU A 868 33.30 -23.91 44.58
C LEU A 868 32.37 -24.48 45.63
N ILE A 869 31.48 -23.63 46.15
CA ILE A 869 30.60 -24.08 47.23
C ILE A 869 29.29 -24.59 46.62
N VAL A 870 28.75 -25.64 47.22
CA VAL A 870 27.52 -26.25 46.77
C VAL A 870 26.64 -26.47 47.99
N GLU A 871 25.44 -25.91 47.96
CA GLU A 871 24.43 -26.12 49.00
C GLU A 871 23.51 -27.23 48.52
N ILE A 872 23.72 -28.43 49.06
CA ILE A 872 22.87 -29.57 48.78
C ILE A 872 21.79 -29.60 49.86
N GLN A 873 20.56 -29.23 49.48
CA GLN A 873 19.39 -29.32 50.35
C GLN A 873 19.54 -28.48 51.61
N GLY A 874 20.62 -27.71 51.71
CA GLY A 874 20.87 -26.91 52.90
C GLY A 874 22.29 -26.98 53.41
N VAL A 875 22.95 -28.12 53.21
CA VAL A 875 24.31 -28.31 53.72
C VAL A 875 25.31 -27.81 52.69
N GLN A 876 26.29 -27.04 53.14
CA GLN A 876 27.27 -26.42 52.26
C GLN A 876 28.56 -27.23 52.25
N LYS A 877 29.03 -27.57 51.06
CA LYS A 877 30.27 -28.31 50.92
C LYS A 877 31.10 -27.71 49.78
N GLU A 878 32.41 -27.64 49.99
CA GLU A 878 33.32 -27.07 49.02
C GLU A 878 34.07 -28.17 48.29
N PHE A 879 33.99 -28.16 46.96
CA PHE A 879 34.70 -29.12 46.14
C PHE A 879 36.08 -28.54 45.77
N GLN A 880 36.74 -29.20 44.84
CA GLN A 880 38.06 -28.78 44.38
C GLN A 880 38.20 -29.03 42.87
N VAL A 881 37.95 -27.99 42.08
CA VAL A 881 38.04 -28.12 40.63
C VAL A 881 39.53 -28.15 40.27
N LEU A 882 40.07 -29.34 40.03
CA LEU A 882 41.49 -29.47 39.74
C LEU A 882 41.81 -28.94 38.35
N ASN A 883 40.92 -29.16 37.39
CA ASN A 883 41.14 -28.66 36.04
C ASN A 883 39.80 -28.45 35.35
N VAL A 884 39.77 -27.49 34.42
CA VAL A 884 38.55 -27.17 33.68
C VAL A 884 38.86 -27.01 32.19
N LEU A 885 38.56 -28.03 31.41
CA LEU A 885 38.74 -27.98 29.97
C LEU A 885 37.55 -27.24 29.36
N GLU A 886 37.80 -26.03 28.87
CA GLU A 886 36.75 -25.12 28.47
C GLU A 886 36.04 -25.59 27.20
N PHE A 887 34.76 -25.25 27.09
CA PHE A 887 33.96 -25.52 25.90
C PHE A 887 34.51 -24.72 24.72
N ASN A 888 35.14 -25.39 23.78
CA ASN A 888 35.61 -24.78 22.55
C ASN A 888 34.57 -24.96 21.45
N SER A 889 34.56 -24.04 20.49
CA SER A 889 33.63 -24.13 19.38
C SER A 889 33.90 -25.35 18.51
N SER A 890 35.12 -25.88 18.54
CA SER A 890 35.48 -27.07 17.78
C SER A 890 35.39 -28.35 18.60
N ARG A 891 35.24 -28.24 19.93
CA ARG A 891 35.14 -29.41 20.78
C ARG A 891 33.69 -29.82 21.05
N LYS A 892 32.81 -28.84 21.23
CA LYS A 892 31.39 -29.07 21.52
C LYS A 892 31.18 -29.88 22.80
N ARG A 893 32.12 -29.75 23.74
CA ARG A 893 32.01 -30.43 25.02
C ARG A 893 32.93 -29.74 26.02
N MET A 894 32.41 -29.50 27.22
CA MET A 894 33.17 -28.89 28.31
C MET A 894 33.40 -29.92 29.40
N SER A 895 34.63 -30.02 29.90
CA SER A 895 34.98 -31.04 30.87
C SER A 895 35.50 -30.41 32.15
N CYS A 896 35.28 -31.11 33.26
CA CYS A 896 35.81 -30.71 34.55
C CYS A 896 36.43 -31.93 35.23
N ILE A 897 37.63 -31.75 35.77
CA ILE A 897 38.35 -32.79 36.49
C ILE A 897 38.45 -32.33 37.94
N ILE A 898 37.74 -33.00 38.83
CA ILE A 898 37.70 -32.64 40.24
C ILE A 898 38.33 -33.75 41.07
N LYS A 899 38.64 -33.42 42.31
CA LYS A 899 39.28 -34.34 43.26
C LYS A 899 38.25 -34.72 44.31
N ILE A 900 37.64 -35.89 44.15
CA ILE A 900 36.65 -36.37 45.11
C ILE A 900 37.35 -37.24 46.15
N PRO A 901 37.16 -36.98 47.44
CA PRO A 901 37.87 -37.75 48.46
C PRO A 901 37.36 -39.18 48.55
N GLY A 902 38.08 -39.99 49.31
CA GLY A 902 37.73 -41.38 49.49
C GLY A 902 38.94 -42.29 49.66
N GLU A 908 44.08 -42.97 49.48
CA GLU A 908 44.18 -41.77 48.65
C GLU A 908 42.85 -41.45 47.98
N PRO A 909 42.58 -40.17 47.72
CA PRO A 909 41.33 -39.79 47.04
C PRO A 909 41.31 -40.24 45.60
N LYS A 910 40.22 -39.93 44.90
CA LYS A 910 40.06 -40.29 43.50
C LYS A 910 39.77 -39.04 42.69
N ALA A 911 39.94 -39.15 41.37
CA ALA A 911 39.60 -38.07 40.46
C ALA A 911 38.29 -38.38 39.76
N LEU A 912 37.54 -37.32 39.43
CA LEU A 912 36.28 -37.46 38.73
C LEU A 912 36.29 -36.56 37.51
N LEU A 913 36.12 -37.15 36.33
CA LEU A 913 36.03 -36.40 35.08
C LEU A 913 34.58 -36.37 34.64
N ILE A 914 34.00 -35.17 34.61
CA ILE A 914 32.61 -34.98 34.20
C ILE A 914 32.60 -34.09 32.96
N CYS A 915 32.09 -34.63 31.86
CA CYS A 915 32.02 -33.91 30.60
C CYS A 915 30.57 -33.71 30.19
N LYS A 916 30.26 -32.52 29.70
CA LYS A 916 28.94 -32.17 29.22
C LYS A 916 29.07 -31.72 27.76
N GLY A 917 28.35 -32.40 26.87
CA GLY A 917 28.47 -32.10 25.46
C GLY A 917 27.23 -32.42 24.66
N ALA A 918 27.38 -32.54 23.35
CA ALA A 918 26.26 -32.88 22.49
C ALA A 918 25.88 -34.35 22.70
N ASP A 919 24.81 -34.77 22.00
CA ASP A 919 24.36 -36.15 22.13
C ASP A 919 25.32 -37.11 21.44
N SER A 920 25.54 -36.91 20.15
CA SER A 920 26.41 -37.81 19.39
C SER A 920 27.87 -37.65 19.80
N VAL A 921 28.29 -36.43 20.12
CA VAL A 921 29.68 -36.19 20.50
C VAL A 921 30.05 -36.98 21.74
N ILE A 922 29.15 -37.01 22.73
CA ILE A 922 29.43 -37.77 23.95
C ILE A 922 29.14 -39.25 23.75
N TYR A 923 28.15 -39.60 22.92
CA TYR A 923 27.88 -41.00 22.64
C TYR A 923 29.07 -41.66 21.94
N SER A 924 29.86 -40.88 21.20
CA SER A 924 31.08 -41.43 20.61
C SER A 924 32.09 -41.79 21.67
N ARG A 925 32.35 -40.86 22.61
CA ARG A 925 33.28 -41.11 23.71
C ARG A 925 32.58 -41.83 24.86
N LEU A 926 32.14 -43.05 24.57
CA LEU A 926 31.43 -43.88 25.53
C LEU A 926 32.09 -45.25 25.58
N ASP A 927 31.51 -46.15 26.37
CA ASP A 927 32.01 -47.52 26.53
C ASP A 927 30.84 -48.47 26.33
N ARG A 928 30.73 -49.02 25.13
CA ARG A 928 29.65 -49.96 24.81
C ARG A 928 29.85 -51.31 25.49
N THR A 929 31.04 -51.55 26.04
CA THR A 929 31.34 -52.80 26.70
C THR A 929 31.00 -52.76 28.19
N GLN A 930 31.55 -51.79 28.91
CA GLN A 930 31.29 -51.64 30.34
C GLN A 930 30.21 -50.57 30.52
N ASN A 931 28.96 -50.98 30.37
CA ASN A 931 27.82 -50.09 30.53
C ASN A 931 26.61 -50.93 30.87
N ASP A 932 25.48 -50.26 31.12
CA ASP A 932 24.25 -50.96 31.46
C ASP A 932 23.65 -51.70 30.28
N ALA A 933 23.94 -51.26 29.05
CA ALA A 933 23.44 -51.87 27.82
C ALA A 933 21.92 -51.80 27.73
N THR A 934 21.28 -51.20 28.71
CA THR A 934 19.85 -50.92 28.70
C THR A 934 19.53 -49.45 28.86
N LEU A 935 20.46 -48.69 29.43
CA LEU A 935 20.28 -47.27 29.62
C LEU A 935 20.68 -46.54 28.34
N LEU A 936 21.49 -47.17 27.50
CA LEU A 936 21.92 -46.55 26.25
C LEU A 936 20.78 -46.51 25.23
N GLU A 937 20.08 -47.64 25.07
CA GLU A 937 18.96 -47.67 24.14
C GLU A 937 17.84 -46.75 24.61
N LYS A 938 17.55 -46.75 25.91
CA LYS A 938 16.50 -45.89 26.44
C LYS A 938 16.86 -44.42 26.26
N THR A 939 18.12 -44.06 26.55
CA THR A 939 18.55 -42.68 26.40
C THR A 939 18.53 -42.25 24.93
N ALA A 940 18.93 -43.16 24.03
CA ALA A 940 18.89 -42.83 22.61
C ALA A 940 17.46 -42.63 22.14
N LEU A 941 16.53 -43.48 22.59
CA LEU A 941 15.14 -43.29 22.22
C LEU A 941 14.59 -41.99 22.77
N HIS A 942 14.93 -41.65 24.01
CA HIS A 942 14.45 -40.41 24.60
C HIS A 942 15.01 -39.20 23.88
N LEU A 943 16.29 -39.26 23.48
CA LEU A 943 16.88 -38.13 22.76
C LEU A 943 16.29 -38.00 21.37
N GLU A 944 16.05 -39.12 20.68
CA GLU A 944 15.40 -39.06 19.38
C GLU A 944 13.97 -38.55 19.50
N GLU A 945 13.37 -38.74 20.67
CA GLU A 945 12.01 -38.26 20.93
C GLU A 945 12.03 -36.75 21.19
N TYR A 946 13.02 -36.30 21.95
CA TYR A 946 13.14 -34.88 22.26
C TYR A 946 13.59 -34.07 21.05
N ALA A 947 14.32 -34.70 20.12
CA ALA A 947 14.73 -34.01 18.91
C ALA A 947 13.54 -33.63 18.04
N THR A 948 12.44 -34.37 18.14
CA THR A 948 11.22 -34.05 17.42
C THR A 948 10.32 -33.10 18.18
N GLU A 949 10.85 -32.40 19.18
CA GLU A 949 10.08 -31.43 19.95
C GLU A 949 10.83 -30.13 20.16
N GLY A 950 11.85 -29.88 19.34
CA GLY A 950 12.57 -28.62 19.43
C GLY A 950 13.45 -28.46 20.64
N LEU A 951 13.75 -29.54 21.35
CA LEU A 951 14.58 -29.51 22.55
C LEU A 951 16.02 -29.83 22.17
N ARG A 952 16.89 -28.83 22.26
CA ARG A 952 18.31 -29.01 21.96
C ARG A 952 18.95 -29.77 23.12
N THR A 953 19.05 -31.08 22.98
CA THR A 953 19.47 -31.94 24.07
C THR A 953 20.98 -31.95 24.22
N LEU A 954 21.43 -32.26 25.43
CA LEU A 954 22.83 -32.43 25.75
C LEU A 954 23.03 -33.81 26.38
N CYS A 955 24.27 -34.09 26.77
CA CYS A 955 24.60 -35.37 27.39
C CYS A 955 25.69 -35.14 28.44
N LEU A 956 25.61 -35.93 29.51
CA LEU A 956 26.52 -35.82 30.64
C LEU A 956 27.16 -37.18 30.90
N ALA A 957 28.49 -37.20 30.93
CA ALA A 957 29.23 -38.45 31.12
C ALA A 957 30.33 -38.24 32.16
N GLN A 958 30.36 -39.11 33.17
CA GLN A 958 31.38 -39.05 34.21
C GLN A 958 32.22 -40.31 34.19
N ARG A 959 33.39 -40.21 34.80
CA ARG A 959 34.28 -41.36 34.96
C ARG A 959 35.18 -41.16 36.17
N GLU A 960 35.44 -42.25 36.89
CA GLU A 960 36.33 -42.25 38.03
C GLU A 960 37.75 -42.58 37.59
N LEU A 961 38.72 -41.98 38.24
CA LEU A 961 40.13 -42.14 37.92
C LEU A 961 40.94 -42.35 39.20
N THR A 962 41.95 -43.20 39.12
CA THR A 962 42.89 -43.37 40.23
C THR A 962 43.93 -42.26 40.20
N TRP A 963 44.87 -42.32 41.14
CA TRP A 963 45.88 -41.27 41.24
C TRP A 963 46.99 -41.44 40.20
N SER A 964 47.29 -42.67 39.79
CA SER A 964 48.36 -42.88 38.81
C SER A 964 47.96 -42.37 37.43
N GLU A 965 46.71 -42.63 37.03
CA GLU A 965 46.23 -42.13 35.74
C GLU A 965 46.23 -40.61 35.71
N TYR A 966 45.74 -39.98 36.79
CA TYR A 966 45.76 -38.53 36.84
C TYR A 966 47.18 -37.97 36.90
N GLU A 967 48.10 -38.70 37.53
CA GLU A 967 49.49 -38.26 37.56
C GLU A 967 50.10 -38.29 36.17
N ARG A 968 49.80 -39.34 35.42
CA ARG A 968 50.28 -39.48 34.05
C ARG A 968 49.68 -38.39 33.18
N TRP A 969 48.42 -38.03 33.45
CA TRP A 969 47.72 -37.01 32.68
C TRP A 969 48.29 -35.62 32.97
N VAL A 970 48.54 -35.30 34.24
CA VAL A 970 49.13 -34.00 34.53
C VAL A 970 50.57 -33.93 34.05
N LYS A 971 51.26 -35.08 33.98
CA LYS A 971 52.61 -35.09 33.43
C LYS A 971 52.58 -34.70 31.95
N THR A 972 51.76 -35.40 31.16
CA THR A 972 51.67 -35.03 29.74
C THR A 972 51.02 -33.66 29.54
N TYR A 973 50.26 -33.17 30.52
CA TYR A 973 49.71 -31.82 30.43
C TYR A 973 50.80 -30.77 30.60
N ASP A 974 51.60 -30.89 31.67
CA ASP A 974 52.75 -30.01 31.83
C ASP A 974 53.72 -30.13 30.65
N VAL A 975 53.75 -31.29 30.00
CA VAL A 975 54.48 -31.40 28.74
C VAL A 975 53.82 -30.56 27.67
N ALA A 976 52.48 -30.56 27.63
CA ALA A 976 51.73 -29.89 26.57
C ALA A 976 51.38 -28.44 26.89
N ALA A 977 51.09 -28.14 28.15
CA ALA A 977 50.62 -26.80 28.50
C ALA A 977 51.70 -25.75 28.32
N ALA A 978 52.91 -26.03 28.82
CA ALA A 978 54.03 -25.10 28.74
C ALA A 978 54.92 -25.32 27.53
N SER A 979 54.36 -25.83 26.43
CA SER A 979 55.12 -26.12 25.22
C SER A 979 55.01 -24.96 24.24
N VAL A 980 55.74 -25.06 23.14
CA VAL A 980 55.75 -24.08 22.06
C VAL A 980 55.47 -24.83 20.76
N THR A 981 55.50 -24.11 19.64
CA THR A 981 55.30 -24.66 18.30
C THR A 981 53.95 -25.39 18.20
N ASN A 982 52.90 -24.58 18.30
CA ASN A 982 51.52 -25.04 18.18
C ASN A 982 51.17 -26.06 19.27
N ARG A 983 51.19 -25.60 20.52
CA ARG A 983 50.78 -26.41 21.65
C ARG A 983 49.29 -26.70 21.67
N GLU A 984 48.52 -26.14 20.73
CA GLU A 984 47.09 -26.37 20.71
C GLU A 984 46.76 -27.84 20.40
N GLU A 985 47.36 -28.38 19.33
CA GLU A 985 47.09 -29.76 18.96
C GLU A 985 47.45 -30.72 20.08
N GLU A 986 48.48 -30.40 20.87
CA GLU A 986 48.86 -31.26 21.98
C GLU A 986 47.76 -31.33 23.03
N LEU A 987 47.21 -30.17 23.42
CA LEU A 987 46.12 -30.17 24.38
C LEU A 987 44.87 -30.83 23.80
N ASP A 988 44.64 -30.69 22.49
CA ASP A 988 43.51 -31.38 21.88
C ASP A 988 43.67 -32.89 21.98
N LYS A 989 44.86 -33.42 21.67
CA LYS A 989 45.01 -34.88 21.72
C LYS A 989 45.02 -35.41 23.15
N VAL A 990 45.56 -34.65 24.11
CA VAL A 990 45.52 -35.14 25.49
C VAL A 990 44.09 -35.10 26.03
N THR A 991 43.33 -34.12 25.55
CA THR A 991 41.93 -34.01 25.94
C THR A 991 41.14 -35.16 25.31
N ASP A 992 41.55 -35.59 24.12
CA ASP A 992 40.88 -36.69 23.43
C ASP A 992 41.22 -38.02 24.08
N VAL A 993 42.46 -38.17 24.57
CA VAL A 993 42.87 -39.46 25.13
C VAL A 993 42.40 -39.61 26.58
N ILE A 994 42.19 -38.50 27.30
CA ILE A 994 41.65 -38.64 28.65
C ILE A 994 40.17 -39.00 28.61
N GLU A 995 39.45 -38.53 27.60
CA GLU A 995 38.02 -38.79 27.48
C GLU A 995 37.70 -39.88 26.46
N ARG A 996 38.67 -40.75 26.15
CA ARG A 996 38.42 -41.85 25.24
C ARG A 996 37.41 -42.85 25.79
N GLU A 997 37.18 -42.83 27.11
CA GLU A 997 36.22 -43.72 27.75
C GLU A 997 35.48 -42.93 28.83
N LEU A 998 34.17 -43.10 28.88
CA LEU A 998 33.34 -42.39 29.85
C LEU A 998 32.06 -43.18 30.07
N ILE A 999 31.38 -42.89 31.19
CA ILE A 999 30.14 -43.54 31.57
C ILE A 999 29.05 -42.48 31.58
N LEU A 1000 28.09 -42.58 30.67
CA LEU A 1000 26.99 -41.64 30.61
C LEU A 1000 26.11 -41.77 31.85
N LEU A 1001 25.87 -40.65 32.53
CA LEU A 1001 25.06 -40.65 33.72
C LEU A 1001 23.77 -39.85 33.58
N GLY A 1002 23.51 -39.25 32.43
CA GLY A 1002 22.27 -38.53 32.24
C GLY A 1002 22.36 -37.57 31.08
N GLY A 1003 21.17 -37.11 30.65
CA GLY A 1003 21.07 -36.11 29.61
C GLY A 1003 20.06 -35.04 29.99
N THR A 1004 20.09 -33.95 29.23
CA THR A 1004 19.26 -32.77 29.51
C THR A 1004 18.45 -32.41 28.28
N ALA A 1005 17.60 -31.40 28.45
CA ALA A 1005 16.75 -30.90 27.35
C ALA A 1005 16.32 -29.50 27.70
N ILE A 1006 16.73 -28.53 26.89
CA ILE A 1006 16.45 -27.12 27.12
C ILE A 1006 15.68 -26.58 25.92
N GLU A 1007 14.44 -26.17 26.15
CA GLU A 1007 13.62 -25.61 25.08
C GLU A 1007 13.94 -24.14 24.89
N ASP A 1008 14.13 -23.72 23.65
CA ASP A 1008 14.26 -22.31 23.28
C ASP A 1008 12.86 -21.81 22.95
N ARG A 1009 12.29 -21.04 23.86
CA ARG A 1009 10.89 -20.65 23.73
C ARG A 1009 10.71 -19.69 22.55
N LEU A 1010 9.67 -19.93 21.77
CA LEU A 1010 9.34 -19.07 20.65
C LEU A 1010 8.48 -17.89 21.12
N GLN A 1011 8.23 -16.96 20.20
CA GLN A 1011 7.25 -15.92 20.47
C GLN A 1011 5.88 -16.54 20.60
N ASP A 1012 4.96 -15.78 21.18
CA ASP A 1012 3.61 -16.28 21.42
C ASP A 1012 2.90 -16.53 20.09
N GLY A 1013 2.21 -17.68 20.00
CA GLY A 1013 1.38 -17.97 18.84
C GLY A 1013 2.12 -18.04 17.52
N VAL A 1014 3.40 -18.39 17.54
CA VAL A 1014 4.17 -18.54 16.30
C VAL A 1014 3.79 -19.84 15.59
N PRO A 1015 3.71 -20.99 16.27
CA PRO A 1015 3.32 -22.22 15.55
C PRO A 1015 1.94 -22.15 14.90
N ASP A 1016 1.08 -21.23 15.31
CA ASP A 1016 -0.21 -21.06 14.67
C ASP A 1016 -0.22 -19.94 13.63
N SER A 1017 0.56 -18.88 13.83
CA SER A 1017 0.72 -17.88 12.79
C SER A 1017 1.38 -18.48 11.56
N ILE A 1018 2.38 -19.34 11.75
CA ILE A 1018 3.00 -20.03 10.62
C ILE A 1018 1.97 -20.90 9.92
N ALA A 1019 1.09 -21.56 10.67
CA ALA A 1019 0.07 -22.40 10.06
C ALA A 1019 -0.90 -21.56 9.22
N LEU A 1020 -1.32 -20.41 9.76
CA LEU A 1020 -2.21 -19.53 9.00
C LEU A 1020 -1.54 -19.04 7.72
N LEU A 1021 -0.29 -18.59 7.83
CA LEU A 1021 0.40 -18.09 6.65
C LEU A 1021 0.61 -19.18 5.61
N ALA A 1022 0.95 -20.39 6.05
CA ALA A 1022 1.13 -21.49 5.10
C ALA A 1022 -0.20 -21.94 4.50
N GLU A 1023 -1.30 -21.73 5.22
CA GLU A 1023 -2.60 -22.04 4.65
C GLU A 1023 -3.02 -21.00 3.62
N ALA A 1024 -2.61 -19.74 3.83
CA ALA A 1024 -2.91 -18.69 2.87
C ALA A 1024 -2.07 -18.80 1.60
N GLY A 1025 -0.98 -19.56 1.64
CA GLY A 1025 -0.10 -19.69 0.50
C GLY A 1025 1.20 -18.92 0.62
N ILE A 1026 1.43 -18.23 1.72
CA ILE A 1026 2.62 -17.42 1.90
C ILE A 1026 3.75 -18.36 2.32
N LYS A 1027 4.56 -18.79 1.34
CA LYS A 1027 5.71 -19.63 1.64
C LYS A 1027 6.75 -18.83 2.42
N LEU A 1028 7.38 -19.48 3.38
CA LEU A 1028 8.36 -18.80 4.24
C LEU A 1028 9.66 -19.58 4.28
N TRP A 1029 10.76 -18.85 4.13
CA TRP A 1029 12.11 -19.33 4.35
C TRP A 1029 12.62 -18.76 5.67
N VAL A 1030 13.63 -19.41 6.23
CA VAL A 1030 14.19 -19.02 7.52
C VAL A 1030 15.67 -18.72 7.30
N LEU A 1031 15.98 -17.45 7.03
CA LEU A 1031 17.37 -17.03 6.84
C LEU A 1031 18.01 -16.88 8.21
N THR A 1032 18.42 -18.02 8.76
CA THR A 1032 18.87 -18.11 10.14
C THR A 1032 20.24 -17.45 10.31
N GLY A 1033 20.72 -17.44 11.55
CA GLY A 1033 22.00 -16.87 11.91
C GLY A 1033 23.02 -17.89 12.36
N ASP A 1034 23.14 -18.07 13.67
CA ASP A 1034 24.26 -18.74 14.33
C ASP A 1034 24.75 -20.03 13.69
N LYS A 1035 23.92 -21.07 13.66
CA LYS A 1035 24.42 -22.39 13.28
C LYS A 1035 23.26 -23.23 12.75
N VAL A 1036 23.52 -24.53 12.59
CA VAL A 1036 22.63 -25.43 11.87
C VAL A 1036 21.70 -26.18 12.82
N GLU A 1037 22.24 -26.77 13.89
CA GLU A 1037 21.43 -27.61 14.76
C GLU A 1037 20.40 -26.80 15.53
N THR A 1038 20.77 -25.60 15.96
CA THR A 1038 19.80 -24.70 16.59
C THR A 1038 18.67 -24.38 15.63
N ALA A 1039 19.01 -24.06 14.38
CA ALA A 1039 17.98 -23.77 13.38
C ALA A 1039 17.09 -24.98 13.15
N ILE A 1040 17.67 -26.19 13.14
CA ILE A 1040 16.88 -27.38 12.87
C ILE A 1040 15.90 -27.63 14.00
N ASN A 1041 16.37 -27.56 15.25
CA ASN A 1041 15.45 -27.81 16.35
C ASN A 1041 14.40 -26.72 16.48
N ILE A 1042 14.74 -25.48 16.10
CA ILE A 1042 13.74 -24.41 16.13
C ILE A 1042 12.69 -24.65 15.05
N GLY A 1043 13.12 -24.94 13.82
CA GLY A 1043 12.19 -25.30 12.78
C GLY A 1043 11.38 -26.55 13.09
N PHE A 1044 11.86 -27.36 14.03
CA PHE A 1044 11.03 -28.43 14.57
C PHE A 1044 10.04 -27.92 15.60
N SER A 1045 10.41 -26.90 16.37
CA SER A 1045 9.54 -26.37 17.41
C SER A 1045 8.28 -25.75 16.81
N CYS A 1046 8.45 -24.70 16.02
CA CYS A 1046 7.35 -24.22 15.19
C CYS A 1046 7.10 -25.23 14.07
N ASN A 1047 5.84 -25.46 13.75
CA ASN A 1047 5.52 -26.58 12.89
C ASN A 1047 5.91 -26.33 11.45
N VAL A 1048 7.19 -26.08 11.21
CA VAL A 1048 7.74 -25.92 9.88
C VAL A 1048 8.37 -27.22 9.38
N LEU A 1049 9.18 -27.85 10.23
CA LEU A 1049 9.81 -29.13 9.91
C LEU A 1049 9.01 -30.25 10.55
N ASN A 1050 8.51 -31.17 9.73
CA ASN A 1050 7.75 -32.30 10.22
C ASN A 1050 8.70 -33.45 10.54
N ASN A 1051 8.14 -34.63 10.83
CA ASN A 1051 8.95 -35.80 11.17
C ASN A 1051 9.26 -36.68 9.98
N ASP A 1052 8.51 -36.54 8.88
CA ASP A 1052 8.72 -37.35 7.69
C ASP A 1052 9.35 -36.57 6.54
N MET A 1053 9.65 -35.29 6.73
CA MET A 1053 10.25 -34.48 5.69
C MET A 1053 11.76 -34.72 5.64
N GLU A 1054 12.25 -35.14 4.47
CA GLU A 1054 13.68 -35.36 4.31
C GLU A 1054 14.42 -34.03 4.27
N LEU A 1055 15.56 -33.97 4.96
CA LEU A 1055 16.34 -32.75 5.11
C LEU A 1055 17.49 -32.78 4.10
N LEU A 1056 17.26 -32.23 2.91
CA LEU A 1056 18.30 -32.07 1.91
C LEU A 1056 19.33 -31.07 2.43
N VAL A 1057 20.51 -31.55 2.77
CA VAL A 1057 21.59 -30.70 3.27
C VAL A 1057 22.49 -30.36 2.11
N VAL A 1058 22.68 -29.06 1.87
CA VAL A 1058 23.56 -28.58 0.81
C VAL A 1058 24.77 -27.96 1.50
N LYS A 1059 25.89 -28.67 1.49
CA LYS A 1059 27.10 -28.25 2.19
C LYS A 1059 28.28 -28.29 1.23
N ALA A 1060 29.43 -27.84 1.72
CA ALA A 1060 30.65 -27.79 0.94
C ALA A 1060 31.67 -28.85 1.36
N SER A 1061 31.96 -28.95 2.65
CA SER A 1061 32.96 -29.88 3.17
C SER A 1061 32.38 -30.79 4.24
N GLY A 1062 31.18 -31.31 3.99
CA GLY A 1062 30.49 -32.16 4.94
C GLY A 1062 30.87 -33.62 4.84
N GLU A 1063 29.90 -34.48 5.11
CA GLU A 1063 30.13 -35.92 5.07
C GLU A 1063 29.76 -36.55 3.73
N ASP A 1064 28.79 -35.96 3.03
CA ASP A 1064 28.40 -36.43 1.70
C ASP A 1064 29.12 -35.68 0.59
N VAL A 1065 30.28 -35.08 0.89
CA VAL A 1065 31.05 -34.37 -0.11
C VAL A 1065 32.27 -35.16 -0.57
N GLU A 1066 32.65 -36.22 0.13
CA GLU A 1066 33.75 -37.05 -0.33
C GLU A 1066 33.43 -37.76 -1.64
N GLU A 1067 32.14 -38.04 -1.88
CA GLU A 1067 31.75 -38.65 -3.14
C GLU A 1067 31.93 -37.69 -4.31
N PHE A 1068 31.81 -36.39 -4.06
CA PHE A 1068 32.03 -35.36 -5.06
C PHE A 1068 33.21 -34.46 -4.68
N GLY A 1069 34.22 -35.05 -4.03
CA GLY A 1069 35.35 -34.28 -3.53
C GLY A 1069 36.09 -33.51 -4.60
N SER A 1070 35.91 -32.20 -4.61
CA SER A 1070 36.52 -31.33 -5.59
C SER A 1070 36.48 -29.91 -5.04
N ASP A 1071 36.71 -28.93 -5.91
CA ASP A 1071 36.50 -27.54 -5.52
C ASP A 1071 35.07 -27.36 -5.06
N PRO A 1072 34.82 -26.50 -4.07
CA PRO A 1072 33.46 -26.39 -3.49
C PRO A 1072 32.39 -26.07 -4.53
N ILE A 1073 32.75 -25.36 -5.60
CA ILE A 1073 31.78 -25.03 -6.64
C ILE A 1073 31.20 -26.31 -7.23
N GLN A 1074 32.06 -27.23 -7.64
CA GLN A 1074 31.58 -28.49 -8.22
C GLN A 1074 30.82 -29.32 -7.21
N VAL A 1075 31.22 -29.27 -5.94
CA VAL A 1075 30.50 -30.02 -4.90
C VAL A 1075 29.07 -29.52 -4.80
N VAL A 1076 28.90 -28.20 -4.69
CA VAL A 1076 27.55 -27.63 -4.56
C VAL A 1076 26.75 -27.90 -5.82
N ASN A 1077 27.38 -27.78 -6.99
CA ASN A 1077 26.68 -28.04 -8.24
C ASN A 1077 26.18 -29.48 -8.31
N ASN A 1078 27.04 -30.43 -7.96
CA ASN A 1078 26.65 -31.84 -7.99
C ASN A 1078 25.57 -32.14 -6.97
N LEU A 1079 25.65 -31.53 -5.79
CA LEU A 1079 24.62 -31.74 -4.77
C LEU A 1079 23.27 -31.22 -5.25
N VAL A 1080 23.23 -30.00 -5.77
CA VAL A 1080 21.97 -29.43 -6.24
C VAL A 1080 21.42 -30.24 -7.40
N THR A 1081 22.30 -30.71 -8.29
CA THR A 1081 21.85 -31.45 -9.46
C THR A 1081 21.30 -32.82 -9.06
N LYS A 1082 21.96 -33.51 -8.13
CA LYS A 1082 21.47 -34.81 -7.69
C LYS A 1082 20.19 -34.66 -6.87
N TYR A 1083 20.01 -33.53 -6.19
CA TYR A 1083 18.76 -33.29 -5.48
C TYR A 1083 17.64 -32.85 -6.42
N LEU A 1084 17.98 -32.36 -7.60
CA LEU A 1084 17.01 -31.98 -8.61
C LEU A 1084 16.77 -33.07 -9.65
N ARG A 1085 17.22 -34.30 -9.37
CA ARG A 1085 17.15 -35.38 -10.34
C ARG A 1085 16.30 -36.55 -9.87
N GLU A 1086 16.52 -37.03 -8.64
CA GLU A 1086 15.86 -38.25 -8.19
C GLU A 1086 14.50 -37.98 -7.56
N LYS A 1087 14.42 -37.06 -6.60
CA LYS A 1087 13.15 -36.77 -5.94
C LYS A 1087 12.18 -36.12 -6.90
N PHE A 1088 12.60 -35.01 -7.50
CA PHE A 1088 11.79 -34.33 -8.52
C PHE A 1088 12.73 -34.10 -9.69
N GLY A 1089 12.58 -34.85 -10.77
CA GLY A 1089 13.50 -34.73 -11.88
C GLY A 1089 13.20 -33.52 -12.75
N MET A 1090 14.00 -32.47 -12.57
CA MET A 1090 13.88 -31.23 -13.34
C MET A 1090 15.26 -30.70 -13.65
N SER A 1091 16.15 -31.57 -14.14
CA SER A 1091 17.53 -31.17 -14.40
C SER A 1091 17.57 -30.21 -15.58
N GLY A 1092 17.53 -28.92 -15.29
CA GLY A 1092 17.48 -27.90 -16.33
C GLY A 1092 17.24 -26.55 -15.72
N SER A 1093 17.45 -25.52 -16.53
CA SER A 1093 17.40 -24.14 -16.07
C SER A 1093 16.26 -23.35 -16.72
N GLU A 1094 16.21 -23.31 -18.04
CA GLU A 1094 15.29 -22.42 -18.73
C GLU A 1094 13.98 -23.08 -19.14
N GLU A 1095 13.89 -24.40 -19.05
CA GLU A 1095 12.66 -25.09 -19.44
C GLU A 1095 11.71 -25.31 -18.28
N GLU A 1096 12.23 -25.43 -17.06
CA GLU A 1096 11.39 -25.60 -15.88
C GLU A 1096 11.18 -24.30 -15.10
N LEU A 1097 12.16 -23.41 -15.07
CA LEU A 1097 11.96 -22.13 -14.39
C LEU A 1097 10.97 -21.26 -15.14
N LYS A 1098 11.05 -21.26 -16.48
CA LYS A 1098 10.14 -20.46 -17.28
C LYS A 1098 8.69 -20.91 -17.12
N GLU A 1099 8.48 -22.21 -16.87
CA GLU A 1099 7.14 -22.72 -16.65
C GLU A 1099 6.71 -22.60 -15.19
N ALA A 1100 7.65 -22.63 -14.26
CA ALA A 1100 7.32 -22.47 -12.84
C ALA A 1100 7.06 -21.02 -12.47
N LYS A 1101 7.61 -20.07 -13.22
CA LYS A 1101 7.31 -18.67 -12.94
C LYS A 1101 5.83 -18.35 -13.12
N ARG A 1102 5.18 -19.01 -14.07
CA ARG A 1102 3.74 -18.81 -14.27
C ARG A 1102 2.91 -19.82 -13.49
N GLU A 1103 3.21 -19.92 -12.19
CA GLU A 1103 2.43 -20.73 -11.27
C GLU A 1103 1.97 -19.98 -10.04
N HIS A 1104 2.54 -18.81 -9.76
CA HIS A 1104 2.19 -17.90 -8.67
C HIS A 1104 2.49 -18.48 -7.29
N GLY A 1105 3.00 -19.71 -7.21
CA GLY A 1105 3.40 -20.27 -5.93
C GLY A 1105 2.35 -21.13 -5.27
N LEU A 1106 2.61 -22.44 -5.22
CA LEU A 1106 1.76 -23.38 -4.50
C LEU A 1106 2.68 -24.31 -3.72
N PRO A 1107 2.62 -24.32 -2.38
CA PRO A 1107 3.56 -25.13 -1.60
C PRO A 1107 3.34 -26.61 -1.83
N GLN A 1108 4.41 -27.32 -2.16
CA GLN A 1108 4.34 -28.75 -2.46
C GLN A 1108 5.76 -29.30 -2.49
N GLY A 1109 5.87 -30.61 -2.28
CA GLY A 1109 7.14 -31.29 -2.36
C GLY A 1109 7.46 -32.20 -1.19
N ASN A 1110 7.09 -31.78 0.02
CA ASN A 1110 7.28 -32.58 1.23
C ASN A 1110 8.75 -32.86 1.51
N PHE A 1111 9.57 -31.81 1.43
CA PHE A 1111 10.98 -31.88 1.77
C PHE A 1111 11.37 -30.62 2.52
N ALA A 1112 12.62 -30.56 2.96
CA ALA A 1112 13.20 -29.37 3.54
C ALA A 1112 14.63 -29.23 3.04
N VAL A 1113 15.15 -28.01 3.02
CA VAL A 1113 16.48 -27.75 2.50
C VAL A 1113 17.25 -26.92 3.52
N ILE A 1114 18.47 -27.35 3.83
CA ILE A 1114 19.32 -26.65 4.79
C ILE A 1114 20.62 -26.31 4.08
N ILE A 1115 20.89 -25.01 3.94
CA ILE A 1115 22.10 -24.51 3.31
C ILE A 1115 22.96 -23.86 4.40
N ASP A 1116 24.27 -23.99 4.25
CA ASP A 1116 25.20 -23.33 5.15
C ASP A 1116 25.56 -21.94 4.60
N GLY A 1117 26.56 -21.30 5.18
CA GLY A 1117 26.98 -20.00 4.72
C GLY A 1117 27.83 -20.06 3.47
N ASP A 1118 28.87 -20.90 3.48
CA ASP A 1118 29.73 -21.04 2.33
C ASP A 1118 29.01 -21.70 1.16
N ALA A 1119 28.21 -22.73 1.45
CA ALA A 1119 27.42 -23.36 0.40
C ALA A 1119 26.45 -22.37 -0.23
N LEU A 1120 25.95 -21.42 0.54
CA LEU A 1120 25.09 -20.38 -0.02
C LEU A 1120 25.90 -19.41 -0.86
N LYS A 1121 27.04 -18.94 -0.33
CA LYS A 1121 27.89 -18.02 -1.08
C LYS A 1121 28.30 -18.60 -2.43
N VAL A 1122 28.48 -19.92 -2.49
CA VAL A 1122 28.79 -20.55 -3.77
C VAL A 1122 27.52 -20.80 -4.58
N ALA A 1123 26.38 -21.00 -3.91
CA ALA A 1123 25.15 -21.37 -4.59
C ALA A 1123 24.47 -20.22 -5.30
N LEU A 1124 24.91 -18.97 -5.09
CA LEU A 1124 24.33 -17.84 -5.79
C LEU A 1124 25.40 -16.94 -6.40
N ASN A 1125 26.59 -17.48 -6.67
CA ASN A 1125 27.64 -16.70 -7.32
C ASN A 1125 27.57 -16.79 -8.84
N GLY A 1126 27.06 -17.89 -9.39
CA GLY A 1126 26.91 -18.04 -10.82
C GLY A 1126 25.47 -17.97 -11.27
N GLU A 1127 25.25 -17.63 -12.54
CA GLU A 1127 23.88 -17.49 -13.04
C GLU A 1127 23.18 -18.84 -13.10
N GLU A 1128 23.80 -19.83 -13.76
CA GLU A 1128 23.19 -21.15 -13.83
C GLU A 1128 23.02 -21.75 -12.44
N MET A 1129 24.01 -21.54 -11.56
CA MET A 1129 23.88 -22.00 -10.18
C MET A 1129 22.73 -21.29 -9.49
N ARG A 1130 22.55 -20.00 -9.74
CA ARG A 1130 21.44 -19.27 -9.16
C ARG A 1130 20.10 -19.86 -9.58
N ARG A 1131 19.93 -20.10 -10.89
CA ARG A 1131 18.66 -20.64 -11.37
C ARG A 1131 18.43 -22.04 -10.83
N LYS A 1132 19.48 -22.86 -10.74
CA LYS A 1132 19.32 -24.21 -10.23
C LYS A 1132 18.94 -24.20 -8.76
N PHE A 1133 19.62 -23.38 -7.96
CA PHE A 1133 19.33 -23.30 -6.54
C PHE A 1133 17.91 -22.78 -6.30
N LEU A 1134 17.50 -21.77 -7.06
CA LEU A 1134 16.15 -21.21 -6.89
C LEU A 1134 15.08 -22.21 -7.32
N LEU A 1135 15.30 -22.91 -8.44
CA LEU A 1135 14.36 -23.94 -8.87
C LEU A 1135 14.29 -25.07 -7.85
N LEU A 1136 15.40 -25.36 -7.17
CA LEU A 1136 15.37 -26.35 -6.09
C LEU A 1136 14.48 -25.87 -4.94
N CYS A 1137 14.80 -24.69 -4.40
CA CYS A 1137 14.05 -24.17 -3.25
C CYS A 1137 12.58 -23.91 -3.56
N LYS A 1138 12.24 -23.67 -4.83
CA LYS A 1138 10.84 -23.40 -5.18
C LYS A 1138 9.96 -24.63 -4.99
N ASN A 1139 10.53 -25.83 -5.05
CA ASN A 1139 9.77 -27.06 -4.86
C ASN A 1139 9.93 -27.65 -3.46
N CYS A 1140 10.56 -26.90 -2.56
CA CYS A 1140 10.77 -27.36 -1.20
C CYS A 1140 9.70 -26.79 -0.31
N LYS A 1141 9.49 -27.40 0.85
CA LYS A 1141 8.48 -26.91 1.77
C LYS A 1141 9.07 -25.98 2.83
N ALA A 1142 10.26 -26.28 3.34
CA ALA A 1142 10.78 -25.62 4.54
C ALA A 1142 12.23 -25.20 4.35
N VAL A 1143 12.53 -24.48 3.26
CA VAL A 1143 13.88 -24.02 3.01
C VAL A 1143 14.40 -23.24 4.21
N LEU A 1144 15.57 -23.64 4.69
CA LEU A 1144 16.24 -22.97 5.81
C LEU A 1144 17.56 -22.38 5.33
N CYS A 1145 18.32 -21.83 6.27
CA CYS A 1145 19.66 -21.33 6.01
C CYS A 1145 20.45 -21.37 7.31
N CYS A 1146 21.76 -21.20 7.21
CA CYS A 1146 22.63 -21.25 8.37
C CYS A 1146 23.87 -20.43 8.10
N ARG A 1147 24.34 -19.72 9.14
CA ARG A 1147 25.60 -18.97 9.09
C ARG A 1147 25.62 -17.99 7.91
N VAL A 1148 24.48 -17.33 7.70
CA VAL A 1148 24.31 -16.44 6.55
C VAL A 1148 24.64 -15.02 6.98
N SER A 1149 25.57 -14.40 6.25
CA SER A 1149 25.93 -13.01 6.52
C SER A 1149 24.83 -12.09 5.99
N PRO A 1150 24.81 -10.82 6.44
CA PRO A 1150 23.78 -9.90 5.94
C PRO A 1150 23.74 -9.78 4.42
N ALA A 1151 24.90 -9.64 3.78
CA ALA A 1151 24.95 -9.53 2.33
C ALA A 1151 24.37 -10.77 1.66
N GLN A 1152 24.60 -11.94 2.26
CA GLN A 1152 24.14 -13.17 1.63
C GLN A 1152 22.63 -13.32 1.72
N LYS A 1153 22.03 -12.96 2.86
CA LYS A 1153 20.57 -13.01 2.94
C LYS A 1153 19.94 -11.94 2.08
N ALA A 1154 20.57 -10.77 1.98
CA ALA A 1154 20.08 -9.76 1.04
C ALA A 1154 20.13 -10.27 -0.39
N ALA A 1155 21.19 -11.00 -0.75
CA ALA A 1155 21.29 -11.56 -2.09
C ALA A 1155 20.24 -12.64 -2.32
N VAL A 1156 19.93 -13.43 -1.29
CA VAL A 1156 18.86 -14.42 -1.41
C VAL A 1156 17.53 -13.72 -1.67
N VAL A 1157 17.25 -12.64 -0.93
CA VAL A 1157 16.01 -11.92 -1.13
C VAL A 1157 15.94 -11.33 -2.53
N LYS A 1158 17.04 -10.73 -2.99
CA LYS A 1158 17.06 -10.16 -4.33
C LYS A 1158 16.89 -11.24 -5.39
N LEU A 1159 17.45 -12.42 -5.16
CA LEU A 1159 17.29 -13.52 -6.11
C LEU A 1159 15.84 -13.96 -6.20
N VAL A 1160 15.16 -14.06 -5.05
CA VAL A 1160 13.76 -14.47 -5.08
C VAL A 1160 12.88 -13.35 -5.64
N LYS A 1161 13.30 -12.10 -5.49
CA LYS A 1161 12.48 -10.97 -5.93
C LYS A 1161 12.61 -10.75 -7.44
N LYS A 1162 13.82 -10.48 -7.92
CA LYS A 1162 14.07 -10.21 -9.33
C LYS A 1162 13.67 -11.40 -10.20
N THR A 1163 14.37 -12.51 -10.06
CA THR A 1163 13.97 -13.73 -10.75
C THR A 1163 12.74 -14.31 -10.08
N LEU A 1164 11.79 -14.79 -10.89
CA LEU A 1164 10.50 -15.27 -10.39
C LEU A 1164 9.81 -14.15 -9.61
N ASP A 1165 9.44 -13.10 -10.37
CA ASP A 1165 8.93 -11.86 -9.79
C ASP A 1165 7.75 -12.10 -8.85
N VAL A 1166 7.97 -11.83 -7.56
CA VAL A 1166 6.97 -12.00 -6.52
C VAL A 1166 7.18 -10.90 -5.49
N MET A 1167 6.30 -10.85 -4.50
CA MET A 1167 6.40 -9.92 -3.39
C MET A 1167 7.00 -10.65 -2.20
N THR A 1168 8.13 -10.16 -1.71
CA THR A 1168 8.82 -10.77 -0.59
C THR A 1168 8.61 -9.95 0.67
N LEU A 1169 8.73 -10.62 1.81
CA LEU A 1169 8.64 -9.99 3.12
C LEU A 1169 9.87 -10.36 3.92
N ALA A 1170 10.34 -9.42 4.73
CA ALA A 1170 11.62 -9.54 5.41
C ALA A 1170 11.47 -9.34 6.91
N ILE A 1171 10.52 -10.05 7.51
CA ILE A 1171 10.33 -9.97 8.96
C ILE A 1171 11.60 -10.39 9.66
N GLY A 1172 12.08 -9.55 10.58
CA GLY A 1172 13.31 -9.85 11.28
C GLY A 1172 13.81 -8.75 12.20
N ASP A 1173 14.52 -9.13 13.25
CA ASP A 1173 15.09 -8.20 14.21
C ASP A 1173 16.60 -8.41 14.30
N GLY A 1174 17.34 -7.31 14.22
CA GLY A 1174 18.78 -7.36 14.35
C GLY A 1174 19.49 -6.50 13.33
N SER A 1175 20.62 -5.92 13.73
CA SER A 1175 21.38 -5.06 12.84
C SER A 1175 21.94 -5.82 11.64
N ASN A 1176 22.01 -7.14 11.71
CA ASN A 1176 22.40 -7.93 10.55
C ASN A 1176 21.25 -8.13 9.58
N ASP A 1177 20.01 -7.98 10.03
CA ASP A 1177 18.83 -8.17 9.20
C ASP A 1177 18.43 -6.91 8.44
N VAL A 1178 19.24 -5.85 8.51
CA VAL A 1178 18.86 -4.58 7.90
C VAL A 1178 18.88 -4.67 6.39
N ALA A 1179 19.90 -5.34 5.83
CA ALA A 1179 20.05 -5.40 4.38
C ALA A 1179 18.87 -6.12 3.72
N MET A 1180 18.52 -7.30 4.25
CA MET A 1180 17.41 -8.03 3.69
C MET A 1180 16.08 -7.33 3.95
N ILE A 1181 16.01 -6.55 5.03
CA ILE A 1181 14.79 -5.78 5.30
C ILE A 1181 14.63 -4.69 4.26
N GLN A 1182 15.71 -3.98 3.95
CA GLN A 1182 15.63 -2.89 2.98
C GLN A 1182 15.37 -3.42 1.58
N SER A 1183 16.10 -4.45 1.17
CA SER A 1183 15.98 -4.94 -0.21
C SER A 1183 14.94 -6.06 -0.32
N ALA A 1184 13.73 -5.81 0.19
CA ALA A 1184 12.66 -6.78 0.09
C ALA A 1184 11.30 -6.17 -0.17
N ASP A 1185 11.22 -4.85 -0.36
CA ASP A 1185 10.02 -4.07 -0.71
C ASP A 1185 8.98 -4.06 0.40
N VAL A 1186 9.19 -4.86 1.45
CA VAL A 1186 8.38 -4.81 2.67
C VAL A 1186 9.31 -5.14 3.83
N GLY A 1187 9.64 -4.15 4.64
CA GLY A 1187 10.51 -4.39 5.78
C GLY A 1187 9.78 -4.35 7.11
N VAL A 1188 9.55 -5.50 7.71
CA VAL A 1188 8.81 -5.60 8.96
C VAL A 1188 9.81 -5.89 10.07
N GLY A 1189 10.24 -4.84 10.77
CA GLY A 1189 11.21 -5.00 11.83
C GLY A 1189 10.61 -5.18 13.20
N ILE A 1190 10.96 -6.28 13.87
CA ILE A 1190 10.42 -6.56 15.19
C ILE A 1190 10.94 -5.54 16.19
N ALA A 1191 10.03 -4.91 16.91
CA ALA A 1191 10.38 -3.86 17.85
C ALA A 1191 10.58 -4.42 19.25
N GLY A 1192 11.10 -3.58 20.13
CA GLY A 1192 11.35 -3.98 21.49
C GLY A 1192 12.43 -3.11 22.12
N GLU A 1193 12.85 -3.52 23.31
CA GLU A 1193 13.95 -2.86 23.99
C GLU A 1193 15.31 -3.44 23.61
N GLU A 1194 15.35 -4.31 22.60
CA GLU A 1194 16.58 -4.92 22.11
C GLU A 1194 16.95 -4.48 20.71
N GLY A 1195 16.03 -4.62 19.75
CA GLY A 1195 16.32 -4.25 18.38
C GLY A 1195 15.98 -2.81 18.06
N ARG A 1196 16.99 -1.94 18.08
CA ARG A 1196 16.79 -0.51 17.84
C ARG A 1196 17.49 -0.05 16.57
N GLN A 1197 17.77 -0.96 15.65
CA GLN A 1197 18.34 -0.60 14.35
C GLN A 1197 17.65 -1.28 13.17
N ALA A 1198 16.97 -2.40 13.38
CA ALA A 1198 16.19 -3.04 12.33
C ALA A 1198 14.74 -2.60 12.34
N VAL A 1199 14.37 -1.68 13.22
CA VAL A 1199 13.01 -1.13 13.25
C VAL A 1199 13.01 0.21 12.53
N MET A 1200 14.14 0.91 12.58
CA MET A 1200 14.23 2.21 11.89
C MET A 1200 14.23 2.01 10.39
N CYS A 1201 15.20 1.27 9.87
CA CYS A 1201 15.33 1.05 8.43
C CYS A 1201 14.37 -0.05 7.96
N SER A 1202 13.09 0.16 8.25
CA SER A 1202 12.07 -0.83 7.92
C SER A 1202 10.76 -0.10 7.61
N ASP A 1203 9.81 -0.87 7.10
CA ASP A 1203 8.49 -0.32 6.77
C ASP A 1203 7.60 -0.26 8.01
N TYR A 1204 7.31 -1.42 8.59
CA TYR A 1204 6.48 -1.53 9.78
C TYR A 1204 7.31 -2.04 10.95
N ALA A 1205 6.92 -1.66 12.16
CA ALA A 1205 7.59 -2.08 13.39
C ALA A 1205 6.54 -2.63 14.34
N ILE A 1206 6.22 -3.91 14.18
CA ILE A 1206 5.21 -4.55 15.01
C ILE A 1206 5.84 -4.98 16.33
N GLY A 1207 5.00 -5.34 17.30
CA GLY A 1207 5.52 -5.73 18.61
C GLY A 1207 6.24 -7.06 18.58
N GLN A 1208 5.58 -8.10 18.05
CA GLN A 1208 6.17 -9.42 17.96
C GLN A 1208 5.67 -10.10 16.69
N PHE A 1209 6.29 -11.24 16.38
CA PHE A 1209 6.03 -11.91 15.10
C PHE A 1209 4.56 -12.26 14.93
N ARG A 1210 3.86 -12.56 16.03
CA ARG A 1210 2.48 -13.03 15.92
C ARG A 1210 1.54 -11.98 15.31
N TYR A 1211 2.02 -10.75 15.11
CA TYR A 1211 1.21 -9.72 14.46
C TYR A 1211 1.30 -9.74 12.95
N VAL A 1212 2.34 -10.35 12.39
CA VAL A 1212 2.48 -10.44 10.94
C VAL A 1212 1.23 -11.07 10.33
N THR A 1213 0.79 -12.19 10.90
CA THR A 1213 -0.35 -12.92 10.37
C THR A 1213 -1.65 -12.12 10.48
N ARG A 1214 -1.57 -10.91 11.01
CA ARG A 1214 -2.67 -9.96 10.93
C ARG A 1214 -2.34 -8.73 10.09
N LEU A 1215 -1.10 -8.27 10.12
CA LEU A 1215 -0.68 -7.19 9.25
C LEU A 1215 -0.72 -7.60 7.78
N VAL A 1216 -0.68 -8.89 7.49
CA VAL A 1216 -0.61 -9.38 6.14
C VAL A 1216 -1.88 -10.12 5.71
N LEU A 1217 -2.59 -10.75 6.63
CA LEU A 1217 -3.70 -11.61 6.26
C LEU A 1217 -5.03 -10.87 6.18
N VAL A 1218 -5.25 -9.85 7.00
CA VAL A 1218 -6.49 -9.10 7.00
C VAL A 1218 -6.29 -7.64 6.61
N HIS A 1219 -5.23 -7.00 7.09
CA HIS A 1219 -4.97 -5.62 6.69
C HIS A 1219 -4.45 -5.55 5.27
N GLY A 1220 -3.47 -6.39 4.94
CA GLY A 1220 -2.90 -6.35 3.62
C GLY A 1220 -3.88 -6.75 2.54
N LYS A 1221 -4.64 -7.82 2.77
CA LYS A 1221 -5.65 -8.23 1.80
C LYS A 1221 -6.69 -7.13 1.61
N TRP A 1222 -7.12 -6.51 2.72
CA TRP A 1222 -8.07 -5.41 2.63
C TRP A 1222 -7.53 -4.28 1.76
N CYS A 1223 -6.31 -3.81 2.07
CA CYS A 1223 -5.76 -2.68 1.33
C CYS A 1223 -5.55 -3.02 -0.14
N TYR A 1224 -5.08 -4.23 -0.43
CA TYR A 1224 -4.88 -4.62 -1.82
C TYR A 1224 -6.19 -4.65 -2.58
N LYS A 1225 -7.22 -5.27 -2.01
CA LYS A 1225 -8.51 -5.31 -2.70
C LYS A 1225 -9.10 -3.92 -2.83
N ARG A 1226 -8.90 -3.06 -1.84
CA ARG A 1226 -9.44 -1.71 -1.88
C ARG A 1226 -8.79 -0.91 -3.01
N LEU A 1227 -7.47 -1.00 -3.15
CA LEU A 1227 -6.82 -0.27 -4.23
C LEU A 1227 -7.13 -0.89 -5.59
N ALA A 1228 -7.22 -2.22 -5.66
CA ALA A 1228 -7.56 -2.89 -6.91
C ALA A 1228 -8.98 -2.61 -7.35
N GLU A 1229 -9.85 -2.18 -6.43
CA GLU A 1229 -11.17 -1.72 -6.83
C GLU A 1229 -11.21 -0.22 -7.07
N MET A 1230 -10.34 0.55 -6.41
CA MET A 1230 -10.36 2.00 -6.57
C MET A 1230 -9.81 2.41 -7.92
N ILE A 1231 -8.67 1.82 -8.33
CA ILE A 1231 -8.02 2.26 -9.56
C ILE A 1231 -8.93 2.17 -10.77
N PRO A 1232 -9.59 1.03 -11.04
CA PRO A 1232 -10.53 1.02 -12.18
C PRO A 1232 -11.71 1.96 -12.00
N GLN A 1233 -12.24 2.08 -10.79
CA GLN A 1233 -13.34 3.03 -10.56
C GLN A 1233 -12.90 4.45 -10.87
N PHE A 1234 -11.68 4.82 -10.46
CA PHE A 1234 -11.22 6.17 -10.72
C PHE A 1234 -10.96 6.39 -12.21
N PHE A 1235 -10.40 5.41 -12.90
CA PHE A 1235 -10.17 5.56 -14.33
C PHE A 1235 -11.45 5.44 -15.15
N TYR A 1236 -12.52 5.00 -14.52
CA TYR A 1236 -13.81 4.84 -15.19
C TYR A 1236 -14.72 6.05 -14.96
N LYS A 1237 -14.60 6.70 -13.81
CA LYS A 1237 -15.43 7.85 -13.50
C LYS A 1237 -15.00 9.10 -14.27
N ASN A 1238 -13.81 9.10 -14.86
CA ASN A 1238 -13.38 10.22 -15.70
C ASN A 1238 -13.67 9.97 -17.17
N VAL A 1239 -13.63 8.73 -17.62
CA VAL A 1239 -13.99 8.41 -19.00
C VAL A 1239 -15.45 8.77 -19.24
N ILE A 1240 -16.33 8.46 -18.29
CA ILE A 1240 -17.75 8.74 -18.45
C ILE A 1240 -18.05 10.22 -18.56
N PHE A 1241 -17.10 11.09 -18.22
CA PHE A 1241 -17.32 12.54 -18.25
C PHE A 1241 -16.72 13.18 -19.50
N THR A 1242 -15.41 13.02 -19.70
CA THR A 1242 -14.77 13.65 -20.85
C THR A 1242 -15.25 13.05 -22.17
N LEU A 1243 -15.70 11.80 -22.12
CA LEU A 1243 -16.23 11.16 -23.30
C LEU A 1243 -17.49 11.90 -23.72
N SER A 1244 -18.23 12.45 -22.76
CA SER A 1244 -19.41 13.24 -23.11
C SER A 1244 -19.01 14.52 -23.82
N LEU A 1245 -17.94 15.18 -23.35
CA LEU A 1245 -17.41 16.34 -24.07
C LEU A 1245 -17.00 15.96 -25.49
N PHE A 1246 -16.52 14.74 -25.69
CA PHE A 1246 -16.18 14.29 -27.04
C PHE A 1246 -17.44 13.96 -27.84
N TRP A 1247 -18.39 13.25 -27.23
CA TRP A 1247 -19.59 12.85 -27.94
C TRP A 1247 -20.42 14.05 -28.35
N TYR A 1248 -20.27 15.17 -27.66
CA TYR A 1248 -20.82 16.43 -28.17
C TYR A 1248 -20.03 16.96 -29.37
N GLY A 1249 -19.05 16.22 -29.85
CA GLY A 1249 -18.27 16.67 -30.99
C GLY A 1249 -18.82 16.21 -32.32
N ILE A 1250 -19.48 15.05 -32.36
CA ILE A 1250 -20.05 14.59 -33.62
C ILE A 1250 -21.22 15.47 -34.04
N TYR A 1251 -21.77 16.23 -33.10
CA TYR A 1251 -22.56 17.41 -33.38
C TYR A 1251 -21.69 18.64 -33.15
N ASN A 1252 -21.99 19.75 -33.79
CA ASN A 1252 -21.16 20.92 -33.63
C ASN A 1252 -19.85 20.76 -34.43
N ASN A 1253 -19.64 19.56 -34.96
CA ASN A 1253 -18.49 19.25 -35.82
C ASN A 1253 -17.17 19.60 -35.14
N PHE A 1254 -17.01 19.14 -33.90
CA PHE A 1254 -15.72 19.14 -33.19
C PHE A 1254 -15.04 20.50 -33.22
N ASP A 1255 -15.84 21.56 -33.16
CA ASP A 1255 -15.26 22.90 -33.19
C ASP A 1255 -14.61 23.29 -31.87
N GLY A 1256 -14.91 22.59 -30.79
CA GLY A 1256 -14.28 22.87 -29.51
C GLY A 1256 -15.14 23.68 -28.57
N SER A 1257 -16.43 23.37 -28.51
CA SER A 1257 -17.36 24.06 -27.62
C SER A 1257 -17.64 23.17 -26.42
N TYR A 1258 -17.42 23.70 -25.22
CA TYR A 1258 -17.66 22.93 -24.01
C TYR A 1258 -19.14 22.68 -23.80
N LEU A 1259 -19.52 21.41 -23.62
CA LEU A 1259 -20.91 21.09 -23.33
C LEU A 1259 -21.29 21.45 -21.89
N PHE A 1260 -20.33 21.44 -20.98
CA PHE A 1260 -20.58 21.77 -19.58
C PHE A 1260 -20.03 23.15 -19.25
N GLU A 1261 -20.53 23.72 -18.16
CA GLU A 1261 -20.07 25.03 -17.74
C GLU A 1261 -18.60 24.96 -17.31
N TYR A 1262 -17.94 26.12 -17.33
CA TYR A 1262 -16.55 26.19 -16.93
C TYR A 1262 -16.31 25.81 -15.47
N THR A 1263 -17.37 25.65 -14.69
CA THR A 1263 -17.25 25.30 -13.29
C THR A 1263 -17.64 23.85 -13.00
N TYR A 1264 -18.10 23.10 -14.00
CA TYR A 1264 -18.31 21.66 -13.83
C TYR A 1264 -17.08 20.85 -14.18
N LEU A 1265 -16.18 21.39 -14.99
CA LEU A 1265 -14.94 20.70 -15.30
C LEU A 1265 -14.00 20.67 -14.10
N THR A 1266 -14.14 21.61 -13.17
CA THR A 1266 -13.30 21.67 -11.98
C THR A 1266 -14.04 21.28 -10.72
N PHE A 1267 -15.34 20.99 -10.80
CA PHE A 1267 -16.12 20.56 -9.65
C PHE A 1267 -16.75 19.19 -9.86
N TYR A 1268 -16.22 18.41 -10.81
CA TYR A 1268 -16.62 17.03 -11.00
C TYR A 1268 -15.58 16.05 -10.47
N ASN A 1269 -14.30 16.33 -10.72
CA ASN A 1269 -13.21 15.54 -10.18
C ASN A 1269 -12.77 16.03 -8.80
N LEU A 1270 -13.51 16.95 -8.20
CA LEU A 1270 -13.14 17.54 -6.93
C LEU A 1270 -14.18 17.38 -5.85
N ALA A 1271 -15.45 17.46 -6.20
CA ALA A 1271 -16.48 17.41 -5.16
C ALA A 1271 -17.57 16.38 -5.42
N PHE A 1272 -17.96 16.18 -6.68
CA PHE A 1272 -19.15 15.38 -6.95
C PHE A 1272 -18.90 13.89 -6.78
N THR A 1273 -17.70 13.40 -7.15
CA THR A 1273 -17.49 11.96 -7.20
C THR A 1273 -16.18 11.49 -6.57
N SER A 1274 -15.41 12.37 -5.92
CA SER A 1274 -14.13 11.95 -5.38
C SER A 1274 -14.28 11.25 -4.03
N VAL A 1275 -15.13 11.77 -3.16
CA VAL A 1275 -15.26 11.27 -1.79
C VAL A 1275 -15.84 9.87 -1.76
N PRO A 1276 -16.86 9.52 -2.56
CA PRO A 1276 -17.31 8.11 -2.56
C PRO A 1276 -16.22 7.14 -2.96
N VAL A 1277 -15.34 7.52 -3.90
CA VAL A 1277 -14.27 6.64 -4.30
C VAL A 1277 -13.22 6.52 -3.20
N ILE A 1278 -12.89 7.64 -2.55
CA ILE A 1278 -11.97 7.60 -1.42
C ILE A 1278 -12.51 6.70 -0.32
N LEU A 1279 -13.82 6.75 -0.08
CA LEU A 1279 -14.41 5.92 0.97
C LEU A 1279 -14.46 4.46 0.56
N LEU A 1280 -14.69 4.18 -0.73
CA LEU A 1280 -14.62 2.81 -1.21
C LEU A 1280 -13.20 2.26 -1.08
N ALA A 1281 -12.19 3.12 -1.14
CA ALA A 1281 -10.83 2.66 -1.01
C ALA A 1281 -10.27 2.75 0.41
N VAL A 1282 -11.01 3.32 1.36
CA VAL A 1282 -10.50 3.45 2.71
C VAL A 1282 -11.37 2.66 3.70
N LEU A 1283 -12.65 2.53 3.40
CA LEU A 1283 -13.61 1.94 4.33
C LEU A 1283 -14.35 0.78 3.71
N ASP A 1284 -13.67 -0.03 2.91
CA ASP A 1284 -14.26 -1.24 2.34
C ASP A 1284 -13.60 -2.47 2.93
N GLN A 1285 -14.40 -3.52 3.10
CA GLN A 1285 -13.94 -4.77 3.70
C GLN A 1285 -14.57 -5.93 2.96
N ASP A 1286 -13.74 -6.83 2.45
CA ASP A 1286 -14.23 -8.06 1.85
C ASP A 1286 -15.08 -8.83 2.85
N VAL A 1287 -14.47 -9.27 3.95
CA VAL A 1287 -15.18 -9.88 5.07
C VAL A 1287 -14.54 -9.37 6.35
N SER A 1288 -15.30 -9.44 7.44
CA SER A 1288 -14.80 -8.98 8.72
C SER A 1288 -13.55 -9.76 9.12
N ASP A 1289 -12.75 -9.15 10.01
CA ASP A 1289 -11.48 -9.75 10.38
C ASP A 1289 -11.66 -11.13 10.99
N THR A 1290 -12.79 -11.37 11.67
CA THR A 1290 -13.05 -12.71 12.20
C THR A 1290 -13.11 -13.73 11.08
N VAL A 1291 -13.94 -13.48 10.06
CA VAL A 1291 -14.02 -14.38 8.92
C VAL A 1291 -12.80 -14.26 8.03
N SER A 1292 -12.07 -13.15 8.11
CA SER A 1292 -10.85 -13.01 7.32
C SER A 1292 -9.76 -13.94 7.83
N MET A 1293 -9.56 -14.00 9.14
CA MET A 1293 -8.56 -14.90 9.71
C MET A 1293 -9.10 -16.30 9.96
N LEU A 1294 -10.41 -16.49 9.91
CA LEU A 1294 -10.97 -17.83 10.00
C LEU A 1294 -10.76 -18.58 8.70
N VAL A 1295 -10.92 -17.91 7.56
CA VAL A 1295 -10.71 -18.50 6.25
C VAL A 1295 -9.58 -17.74 5.56
N PRO A 1296 -8.32 -18.07 5.83
CA PRO A 1296 -7.22 -17.35 5.18
C PRO A 1296 -7.01 -17.70 3.73
N GLN A 1297 -7.67 -18.75 3.22
CA GLN A 1297 -7.47 -19.15 1.84
C GLN A 1297 -7.89 -18.05 0.85
N LEU A 1298 -8.76 -17.14 1.27
CA LEU A 1298 -9.13 -16.02 0.40
C LEU A 1298 -7.90 -15.21 0.01
N TYR A 1299 -6.89 -15.15 0.88
CA TYR A 1299 -5.67 -14.43 0.55
C TYR A 1299 -4.98 -14.98 -0.69
N ARG A 1300 -5.28 -16.21 -1.08
CA ARG A 1300 -4.72 -16.75 -2.30
C ARG A 1300 -5.07 -15.90 -3.51
N VAL A 1301 -6.23 -15.22 -3.46
CA VAL A 1301 -6.61 -14.32 -4.55
C VAL A 1301 -5.57 -13.21 -4.71
N GLY A 1302 -5.03 -12.72 -3.59
CA GLY A 1302 -3.99 -11.73 -3.67
C GLY A 1302 -2.64 -12.26 -4.11
N ILE A 1303 -2.49 -13.58 -4.17
CA ILE A 1303 -1.22 -14.19 -4.58
C ILE A 1303 -1.15 -14.33 -6.09
N LEU A 1304 -2.22 -14.81 -6.72
CA LEU A 1304 -2.27 -15.00 -8.16
C LEU A 1304 -2.42 -13.70 -8.93
N ARG A 1305 -2.47 -12.55 -8.25
CA ARG A 1305 -2.74 -11.27 -8.87
C ARG A 1305 -4.03 -11.33 -9.69
N LYS A 1306 -5.10 -11.75 -9.01
CA LYS A 1306 -6.38 -12.01 -9.64
C LYS A 1306 -7.37 -10.86 -9.50
N GLU A 1307 -7.00 -9.79 -8.81
CA GLU A 1307 -7.90 -8.65 -8.62
C GLU A 1307 -7.49 -7.42 -9.41
N TRP A 1308 -6.20 -7.17 -9.58
CA TRP A 1308 -5.72 -5.99 -10.29
C TRP A 1308 -4.95 -6.45 -11.52
N ASN A 1309 -5.68 -6.68 -12.60
CA ASN A 1309 -5.11 -7.02 -13.89
C ASN A 1309 -5.60 -6.01 -14.93
N GLN A 1310 -4.88 -5.93 -16.06
CA GLN A 1310 -5.19 -4.91 -17.05
C GLN A 1310 -6.49 -5.22 -17.78
N THR A 1311 -6.91 -6.49 -17.85
CA THR A 1311 -8.18 -6.79 -18.47
C THR A 1311 -9.34 -6.20 -17.68
N LYS A 1312 -9.23 -6.14 -16.36
CA LYS A 1312 -10.26 -5.50 -15.55
C LYS A 1312 -10.33 -4.00 -15.84
N PHE A 1313 -9.18 -3.35 -15.96
CA PHE A 1313 -9.17 -1.92 -16.27
C PHE A 1313 -9.74 -1.67 -17.66
N LEU A 1314 -9.45 -2.55 -18.62
CA LEU A 1314 -10.02 -2.38 -19.96
C LEU A 1314 -11.53 -2.58 -19.93
N TRP A 1315 -12.01 -3.56 -19.16
CA TRP A 1315 -13.45 -3.73 -19.04
C TRP A 1315 -14.10 -2.50 -18.41
N TYR A 1316 -13.46 -1.92 -17.40
CA TYR A 1316 -14.03 -0.73 -16.76
C TYR A 1316 -14.03 0.46 -17.72
N MET A 1317 -12.99 0.59 -18.54
CA MET A 1317 -12.96 1.68 -19.51
C MET A 1317 -14.02 1.48 -20.59
N LEU A 1318 -14.25 0.24 -21.02
CA LEU A 1318 -15.32 -0.01 -21.97
C LEU A 1318 -16.69 0.29 -21.36
N ASP A 1319 -16.87 -0.06 -20.09
CA ASP A 1319 -18.11 0.29 -19.40
C ASP A 1319 -18.27 1.80 -19.32
N GLY A 1320 -17.17 2.53 -19.07
CA GLY A 1320 -17.24 3.97 -19.06
C GLY A 1320 -17.61 4.54 -20.41
N VAL A 1321 -17.07 3.96 -21.48
CA VAL A 1321 -17.43 4.40 -22.83
C VAL A 1321 -18.92 4.22 -23.07
N TYR A 1322 -19.45 3.03 -22.77
CA TYR A 1322 -20.87 2.78 -22.99
C TYR A 1322 -21.74 3.71 -22.13
N GLN A 1323 -21.34 3.87 -20.87
CA GLN A 1323 -22.06 4.71 -19.93
C GLN A 1323 -22.12 6.15 -20.45
N SER A 1324 -20.98 6.66 -20.90
CA SER A 1324 -20.93 8.02 -21.42
C SER A 1324 -21.79 8.16 -22.67
N VAL A 1325 -21.78 7.14 -23.53
CA VAL A 1325 -22.66 7.14 -24.70
C VAL A 1325 -24.10 7.34 -24.27
N ILE A 1326 -24.53 6.55 -23.27
CA ILE A 1326 -25.92 6.66 -22.82
C ILE A 1326 -26.16 8.01 -22.14
N CYS A 1327 -25.23 8.44 -21.28
CA CYS A 1327 -25.38 9.68 -20.55
C CYS A 1327 -25.50 10.88 -21.47
N PHE A 1328 -24.89 10.83 -22.65
CA PHE A 1328 -25.05 11.94 -23.57
C PHE A 1328 -26.24 11.77 -24.49
N PHE A 1329 -26.48 10.57 -25.00
CA PHE A 1329 -27.49 10.39 -26.03
C PHE A 1329 -28.89 10.15 -25.48
N PHE A 1330 -29.06 10.14 -24.16
CA PHE A 1330 -30.43 10.18 -23.68
C PHE A 1330 -30.97 11.61 -23.65
N PRO A 1331 -30.24 12.60 -23.12
CA PRO A 1331 -30.71 13.99 -23.25
C PRO A 1331 -30.87 14.44 -24.69
N TYR A 1332 -29.92 14.11 -25.55
CA TYR A 1332 -30.05 14.48 -26.97
C TYR A 1332 -31.31 13.88 -27.56
N LEU A 1333 -31.53 12.58 -27.35
CA LEU A 1333 -32.73 11.94 -27.87
C LEU A 1333 -34.00 12.53 -27.26
N ALA A 1334 -33.90 13.13 -26.08
CA ALA A 1334 -35.02 13.91 -25.58
C ALA A 1334 -35.19 15.19 -26.40
N TYR A 1335 -34.08 15.81 -26.81
CA TYR A 1335 -34.10 17.03 -27.60
C TYR A 1335 -34.18 16.78 -29.10
N HIS A 1336 -33.90 15.55 -29.52
CA HIS A 1336 -33.80 15.16 -30.93
C HIS A 1336 -34.99 15.33 -31.88
N LYS A 1337 -36.20 15.41 -31.35
CA LYS A 1337 -37.37 15.50 -32.20
C LYS A 1337 -37.71 16.96 -32.52
N ASN A 1338 -38.02 17.75 -31.48
CA ASN A 1338 -38.41 19.14 -31.68
C ASN A 1338 -37.67 20.12 -30.77
N MET A 1339 -36.88 19.64 -29.81
CA MET A 1339 -36.01 20.49 -28.99
C MET A 1339 -36.79 21.52 -28.20
N VAL A 1340 -37.99 21.17 -27.75
CA VAL A 1340 -38.85 22.13 -27.05
C VAL A 1340 -39.34 21.49 -25.75
N VAL A 1341 -38.59 20.53 -25.23
CA VAL A 1341 -39.06 19.76 -24.07
C VAL A 1341 -38.81 20.53 -22.78
N THR A 1342 -39.81 21.33 -22.36
CA THR A 1342 -39.70 22.12 -21.15
C THR A 1342 -41.02 22.18 -20.37
N GLU A 1343 -42.08 21.54 -20.85
CA GLU A 1343 -43.38 21.47 -20.20
C GLU A 1343 -44.13 22.80 -20.28
N ASN A 1344 -43.44 23.87 -20.70
CA ASN A 1344 -44.12 25.12 -21.01
C ASN A 1344 -43.48 25.85 -22.18
N GLY A 1345 -42.75 25.16 -23.03
CA GLY A 1345 -41.96 25.83 -24.05
C GLY A 1345 -40.93 26.71 -23.37
N LEU A 1346 -41.05 28.02 -23.59
CA LEU A 1346 -40.42 29.03 -22.75
C LEU A 1346 -38.90 29.04 -22.87
N GLY A 1347 -38.34 28.03 -23.56
CA GLY A 1347 -36.96 28.06 -23.99
C GLY A 1347 -35.97 27.31 -23.12
N LEU A 1348 -35.69 26.07 -23.49
CA LEU A 1348 -34.54 25.28 -23.08
C LEU A 1348 -33.48 25.34 -24.18
N ASP A 1349 -32.58 24.36 -24.19
CA ASP A 1349 -31.64 23.98 -25.26
C ASP A 1349 -30.34 24.77 -25.27
N HIS A 1350 -30.07 25.65 -24.32
CA HIS A 1350 -28.72 26.16 -24.20
C HIS A 1350 -27.79 24.99 -23.87
N ARG A 1351 -26.60 24.98 -24.49
CA ARG A 1351 -25.70 23.86 -24.31
C ARG A 1351 -25.35 23.62 -22.84
N TYR A 1352 -25.42 24.66 -22.00
CA TYR A 1352 -25.21 24.47 -20.58
C TYR A 1352 -26.32 23.64 -19.94
N PHE A 1353 -27.55 23.76 -20.43
CA PHE A 1353 -28.64 22.98 -19.84
C PHE A 1353 -28.53 21.51 -20.21
N VAL A 1354 -28.19 21.22 -21.47
CA VAL A 1354 -27.88 19.84 -21.84
C VAL A 1354 -26.68 19.33 -21.05
N GLY A 1355 -25.72 20.22 -20.76
CA GLY A 1355 -24.61 19.85 -19.92
C GLY A 1355 -25.05 19.44 -18.53
N VAL A 1356 -26.03 20.15 -17.97
CA VAL A 1356 -26.55 19.79 -16.66
C VAL A 1356 -27.27 18.44 -16.72
N PHE A 1357 -28.05 18.21 -17.77
CA PHE A 1357 -28.66 16.89 -17.97
C PHE A 1357 -27.60 15.80 -17.92
N VAL A 1358 -26.57 15.94 -18.76
CA VAL A 1358 -25.53 14.91 -18.88
C VAL A 1358 -24.78 14.75 -17.56
N THR A 1359 -24.45 15.87 -16.91
CA THR A 1359 -23.71 15.80 -15.66
C THR A 1359 -24.53 15.11 -14.57
N ALA A 1360 -25.83 15.39 -14.52
CA ALA A 1360 -26.68 14.72 -13.54
C ALA A 1360 -26.68 13.22 -13.76
N ILE A 1361 -26.93 12.80 -15.00
CA ILE A 1361 -26.96 11.35 -15.28
C ILE A 1361 -25.61 10.72 -14.95
N ALA A 1362 -24.52 11.38 -15.32
CA ALA A 1362 -23.20 10.81 -15.11
C ALA A 1362 -22.84 10.73 -13.64
N VAL A 1363 -23.14 11.77 -12.88
CA VAL A 1363 -22.81 11.77 -11.45
C VAL A 1363 -23.62 10.70 -10.72
N THR A 1364 -24.92 10.63 -11.00
CA THR A 1364 -25.73 9.60 -10.34
C THR A 1364 -25.26 8.21 -10.71
N SER A 1365 -24.97 7.97 -12.01
CA SER A 1365 -24.51 6.66 -12.43
C SER A 1365 -23.18 6.31 -11.79
N CYS A 1366 -22.26 7.26 -11.71
CA CYS A 1366 -20.94 6.98 -11.14
C CYS A 1366 -21.03 6.69 -9.65
N ASN A 1367 -21.86 7.45 -8.92
CA ASN A 1367 -21.98 7.19 -7.49
C ASN A 1367 -22.65 5.86 -7.20
N PHE A 1368 -23.72 5.54 -7.94
CA PHE A 1368 -24.34 4.24 -7.74
C PHE A 1368 -23.45 3.10 -8.23
N TYR A 1369 -22.54 3.38 -9.17
CA TYR A 1369 -21.57 2.36 -9.58
C TYR A 1369 -20.54 2.11 -8.49
N VAL A 1370 -20.05 3.18 -7.87
CA VAL A 1370 -19.15 3.02 -6.71
C VAL A 1370 -19.85 2.24 -5.62
N PHE A 1371 -21.15 2.48 -5.42
CA PHE A 1371 -21.86 1.77 -4.36
C PHE A 1371 -22.17 0.33 -4.74
N MET A 1372 -22.28 0.04 -6.05
CA MET A 1372 -22.57 -1.34 -6.45
C MET A 1372 -21.38 -2.25 -6.24
N GLU A 1373 -20.18 -1.78 -6.55
CA GLU A 1373 -18.97 -2.60 -6.43
C GLU A 1373 -18.38 -2.59 -5.03
N GLN A 1374 -19.00 -1.90 -4.08
CA GLN A 1374 -18.54 -1.93 -2.71
C GLN A 1374 -19.04 -3.20 -2.03
N TYR A 1375 -18.16 -3.82 -1.23
CA TYR A 1375 -18.48 -5.11 -0.65
C TYR A 1375 -19.40 -5.01 0.55
N ARG A 1376 -19.34 -3.92 1.29
CA ARG A 1376 -20.22 -3.70 2.43
C ARG A 1376 -20.81 -2.30 2.39
N TRP A 1377 -22.05 -2.19 2.83
CA TRP A 1377 -22.77 -0.92 2.87
C TRP A 1377 -22.94 -0.52 4.33
N ASP A 1378 -22.26 0.55 4.75
CA ASP A 1378 -22.35 1.03 6.11
C ASP A 1378 -23.01 2.41 6.13
N TRP A 1379 -23.07 3.00 7.32
CA TRP A 1379 -23.72 4.30 7.48
C TRP A 1379 -22.84 5.46 7.07
N PHE A 1380 -21.56 5.23 6.80
CA PHE A 1380 -20.66 6.31 6.42
C PHE A 1380 -20.58 6.47 4.91
N CYS A 1381 -20.36 5.38 4.18
CA CYS A 1381 -20.24 5.46 2.73
C CYS A 1381 -21.57 5.84 2.08
N GLY A 1382 -22.67 5.25 2.54
CA GLY A 1382 -23.97 5.65 2.02
C GLY A 1382 -24.31 7.10 2.34
N LEU A 1383 -24.00 7.54 3.56
CA LEU A 1383 -24.21 8.93 3.93
C LEU A 1383 -23.42 9.87 3.02
N PHE A 1384 -22.16 9.54 2.75
CA PHE A 1384 -21.36 10.45 1.93
C PHE A 1384 -21.72 10.36 0.45
N ILE A 1385 -22.26 9.24 -0.01
CA ILE A 1385 -22.77 9.17 -1.38
C ILE A 1385 -24.00 10.07 -1.52
N CYS A 1386 -24.94 9.97 -0.58
CA CYS A 1386 -26.08 10.86 -0.60
C CYS A 1386 -25.65 12.31 -0.46
N LEU A 1387 -24.60 12.56 0.33
CA LEU A 1387 -24.09 13.91 0.51
C LEU A 1387 -23.44 14.43 -0.77
N SER A 1388 -22.80 13.56 -1.55
CA SER A 1388 -22.23 14.02 -2.82
C SER A 1388 -23.31 14.33 -3.84
N LEU A 1389 -24.35 13.50 -3.89
CA LEU A 1389 -25.49 13.81 -4.75
C LEU A 1389 -26.11 15.15 -4.36
N ALA A 1390 -26.34 15.35 -3.06
CA ALA A 1390 -26.87 16.61 -2.58
C ALA A 1390 -25.92 17.76 -2.84
N VAL A 1391 -24.61 17.50 -2.82
CA VAL A 1391 -23.65 18.54 -3.13
C VAL A 1391 -23.80 19.00 -4.57
N PHE A 1392 -23.89 18.04 -5.50
CA PHE A 1392 -24.12 18.40 -6.90
C PHE A 1392 -25.38 19.24 -7.05
N TYR A 1393 -26.51 18.73 -6.53
CA TYR A 1393 -27.78 19.42 -6.70
C TYR A 1393 -27.75 20.81 -6.07
N GLY A 1394 -27.39 20.87 -4.78
CA GLY A 1394 -27.39 22.14 -4.08
C GLY A 1394 -26.38 23.13 -4.59
N TRP A 1395 -25.25 22.66 -5.14
CA TRP A 1395 -24.30 23.60 -5.66
C TRP A 1395 -24.70 24.12 -7.03
N THR A 1396 -25.35 23.31 -7.85
CA THR A 1396 -26.01 23.87 -9.02
C THR A 1396 -27.02 24.93 -8.59
N GLY A 1397 -27.81 24.63 -7.56
CA GLY A 1397 -28.80 25.58 -7.09
C GLY A 1397 -28.19 26.88 -6.57
N ILE A 1398 -27.01 26.79 -5.95
CA ILE A 1398 -26.38 27.97 -5.39
C ILE A 1398 -25.68 28.77 -6.48
N TRP A 1399 -25.08 28.08 -7.46
CA TRP A 1399 -24.33 28.79 -8.49
C TRP A 1399 -25.25 29.45 -9.50
N THR A 1400 -26.28 28.75 -9.97
CA THR A 1400 -27.20 29.36 -10.93
C THR A 1400 -27.91 30.56 -10.31
N SER A 1401 -28.57 30.36 -9.18
CA SER A 1401 -29.23 31.48 -8.50
C SER A 1401 -28.20 32.34 -7.81
N SER A 1402 -27.33 32.98 -8.58
CA SER A 1402 -26.28 33.83 -8.03
C SER A 1402 -25.95 34.90 -9.05
N SER A 1403 -25.03 35.81 -8.67
CA SER A 1403 -24.72 36.96 -9.51
C SER A 1403 -23.80 36.59 -10.66
N SER A 1404 -22.60 36.08 -10.34
CA SER A 1404 -21.59 35.82 -11.37
C SER A 1404 -21.81 34.48 -12.05
N SER A 1405 -23.01 34.28 -12.59
CA SER A 1405 -23.40 33.08 -13.33
C SER A 1405 -23.96 33.47 -14.68
N ASN A 1406 -23.21 34.32 -15.39
CA ASN A 1406 -23.71 35.08 -16.53
C ASN A 1406 -24.57 34.28 -17.49
N GLU A 1407 -24.00 33.27 -18.14
CA GLU A 1407 -24.76 32.55 -19.15
C GLU A 1407 -25.77 31.59 -18.54
N PHE A 1408 -25.44 31.02 -17.38
CA PHE A 1408 -26.35 30.10 -16.71
C PHE A 1408 -27.43 30.96 -16.08
N TYR A 1409 -27.20 31.27 -14.82
CA TYR A 1409 -28.02 32.16 -14.00
C TYR A 1409 -29.36 31.57 -13.56
N LYS A 1410 -29.83 30.50 -14.20
CA LYS A 1410 -31.08 29.89 -13.75
C LYS A 1410 -31.15 28.39 -14.01
N GLY A 1411 -29.99 27.72 -14.06
CA GLY A 1411 -29.99 26.32 -14.43
C GLY A 1411 -30.82 25.46 -13.51
N ALA A 1412 -30.69 25.68 -12.20
CA ALA A 1412 -31.41 24.86 -11.24
C ALA A 1412 -32.92 25.07 -11.35
N ALA A 1413 -33.36 26.33 -11.36
CA ALA A 1413 -34.80 26.60 -11.41
C ALA A 1413 -35.40 26.22 -12.76
N ARG A 1414 -34.63 26.30 -13.83
CA ARG A 1414 -35.16 26.05 -15.17
C ARG A 1414 -35.03 24.61 -15.62
N VAL A 1415 -34.22 23.80 -14.93
CA VAL A 1415 -33.97 22.42 -15.33
C VAL A 1415 -34.57 21.43 -14.34
N PHE A 1416 -34.26 21.62 -13.05
CA PHE A 1416 -34.71 20.66 -12.05
C PHE A 1416 -36.20 20.67 -11.83
N ALA A 1417 -36.91 21.71 -12.29
CA ALA A 1417 -38.33 21.84 -12.08
C ALA A 1417 -39.17 21.17 -13.15
N GLN A 1418 -38.54 20.56 -14.15
CA GLN A 1418 -39.36 19.95 -15.18
C GLN A 1418 -39.46 18.45 -15.00
N PRO A 1419 -40.62 17.87 -15.25
CA PRO A 1419 -40.75 16.41 -15.15
C PRO A 1419 -39.89 15.67 -16.16
N ALA A 1420 -39.56 16.30 -17.28
CA ALA A 1420 -38.72 15.65 -18.29
C ALA A 1420 -37.31 15.42 -17.79
N TYR A 1421 -36.79 16.32 -16.95
CA TYR A 1421 -35.46 16.13 -16.39
C TYR A 1421 -35.38 14.83 -15.60
N TRP A 1422 -36.35 14.59 -14.72
CA TRP A 1422 -36.34 13.36 -13.93
C TRP A 1422 -36.67 12.15 -14.79
N ALA A 1423 -37.59 12.30 -15.76
CA ALA A 1423 -37.90 11.20 -16.66
C ALA A 1423 -36.69 10.76 -17.45
N VAL A 1424 -35.78 11.68 -17.76
CA VAL A 1424 -34.54 11.34 -18.45
C VAL A 1424 -33.52 10.79 -17.47
N LEU A 1425 -33.43 11.39 -16.28
CA LEU A 1425 -32.43 10.97 -15.30
C LEU A 1425 -32.64 9.52 -14.87
N PHE A 1426 -33.89 9.12 -14.63
CA PHE A 1426 -34.15 7.77 -14.14
C PHE A 1426 -33.75 6.72 -15.18
N VAL A 1427 -34.18 6.90 -16.43
CA VAL A 1427 -33.81 5.93 -17.46
C VAL A 1427 -32.33 5.99 -17.74
N GLY A 1428 -31.69 7.16 -17.63
CA GLY A 1428 -30.25 7.21 -17.80
C GLY A 1428 -29.53 6.37 -16.76
N VAL A 1429 -29.89 6.55 -15.49
CA VAL A 1429 -29.26 5.76 -14.44
C VAL A 1429 -29.53 4.28 -14.63
N LEU A 1430 -30.77 3.92 -14.96
CA LEU A 1430 -31.10 2.51 -15.12
C LEU A 1430 -30.34 1.88 -16.27
N PHE A 1431 -30.25 2.58 -17.41
CA PHE A 1431 -29.56 2.01 -18.56
C PHE A 1431 -28.04 2.05 -18.41
N CYS A 1432 -27.51 2.89 -17.53
CA CYS A 1432 -26.09 2.82 -17.26
C CYS A 1432 -25.75 1.75 -16.23
N LEU A 1433 -26.69 1.40 -15.34
CA LEU A 1433 -26.40 0.41 -14.31
C LEU A 1433 -26.88 -0.98 -14.64
N LEU A 1434 -27.78 -1.15 -15.61
CA LEU A 1434 -28.36 -2.46 -15.87
C LEU A 1434 -27.36 -3.49 -16.42
N PRO A 1435 -26.51 -3.13 -17.39
CA PRO A 1435 -25.55 -4.14 -17.88
C PRO A 1435 -24.61 -4.65 -16.80
N ARG A 1436 -23.95 -3.75 -16.07
CA ARG A 1436 -23.00 -4.19 -15.06
C ARG A 1436 -23.70 -4.95 -13.94
N PHE A 1437 -24.88 -4.49 -13.53
CA PHE A 1437 -25.59 -5.17 -12.46
C PHE A 1437 -26.04 -6.56 -12.88
N THR A 1438 -26.49 -6.71 -14.14
CA THR A 1438 -26.87 -8.04 -14.62
C THR A 1438 -25.66 -8.95 -14.71
N ILE A 1439 -24.53 -8.42 -15.19
CA ILE A 1439 -23.32 -9.24 -15.28
C ILE A 1439 -22.86 -9.66 -13.89
N ASP A 1440 -22.98 -8.77 -12.91
CA ASP A 1440 -22.64 -9.13 -11.54
C ASP A 1440 -23.58 -10.21 -11.01
N CYS A 1441 -24.89 -10.02 -11.19
CA CYS A 1441 -25.86 -10.98 -10.67
C CYS A 1441 -25.76 -12.33 -11.35
N ILE A 1442 -25.21 -12.40 -12.57
CA ILE A 1442 -24.99 -13.69 -13.20
C ILE A 1442 -23.67 -14.29 -12.75
N ARG A 1443 -22.60 -13.50 -12.77
CA ARG A 1443 -21.28 -13.96 -12.34
C ARG A 1443 -21.20 -14.17 -10.83
N LYS A 1444 -22.24 -13.81 -10.08
CA LYS A 1444 -22.32 -14.15 -8.66
C LYS A 1444 -23.40 -15.19 -8.39
N ILE A 1445 -24.01 -15.75 -9.44
CA ILE A 1445 -24.95 -16.85 -9.33
C ILE A 1445 -24.51 -18.03 -10.17
N PHE A 1446 -24.13 -17.78 -11.43
CA PHE A 1446 -23.73 -18.86 -12.32
C PHE A 1446 -22.28 -19.30 -12.08
N TYR A 1447 -21.38 -18.34 -11.90
CA TYR A 1447 -19.96 -18.63 -11.71
C TYR A 1447 -19.43 -17.86 -10.49
N PRO A 1448 -19.90 -18.20 -9.30
CA PRO A 1448 -19.46 -17.46 -8.10
C PRO A 1448 -18.03 -17.80 -7.74
N LYS A 1449 -17.26 -16.77 -7.40
CA LYS A 1449 -15.88 -16.97 -6.97
C LYS A 1449 -15.87 -17.37 -5.50
N ASP A 1450 -14.67 -17.37 -4.89
CA ASP A 1450 -14.55 -17.83 -3.51
C ASP A 1450 -15.22 -16.87 -2.53
N ILE A 1451 -15.03 -15.56 -2.74
CA ILE A 1451 -15.54 -14.57 -1.79
C ILE A 1451 -17.06 -14.61 -1.73
N GLU A 1452 -17.70 -14.85 -2.87
CA GLU A 1452 -19.16 -14.94 -2.88
C GLU A 1452 -19.64 -16.11 -2.03
N ILE A 1453 -19.01 -17.27 -2.16
CA ILE A 1453 -19.42 -18.43 -1.36
C ILE A 1453 -19.13 -18.18 0.12
N VAL A 1454 -18.00 -17.54 0.43
CA VAL A 1454 -17.68 -17.23 1.82
C VAL A 1454 -18.74 -16.32 2.41
N ARG A 1455 -19.16 -15.30 1.66
CA ARG A 1455 -20.16 -14.38 2.18
C ARG A 1455 -21.54 -15.03 2.27
N GLU A 1456 -21.88 -15.91 1.34
CA GLU A 1456 -23.14 -16.63 1.43
C GLU A 1456 -23.19 -17.50 2.67
N MET A 1457 -22.13 -18.27 2.93
CA MET A 1457 -22.10 -19.11 4.12
C MET A 1457 -21.90 -18.30 5.40
N TRP A 1458 -21.41 -17.07 5.30
CA TRP A 1458 -21.32 -16.20 6.46
C TRP A 1458 -22.70 -15.65 6.83
N LEU A 1459 -23.48 -15.23 5.84
CA LEU A 1459 -24.84 -14.79 6.12
C LEU A 1459 -25.76 -15.97 6.43
N ARG A 1460 -25.37 -17.19 6.07
CA ARG A 1460 -26.16 -18.36 6.44
C ARG A 1460 -26.05 -18.65 7.93
N GLY A 1461 -24.90 -18.33 8.52
CA GLY A 1461 -24.70 -18.56 9.93
C GLY A 1461 -23.63 -19.59 10.26
N ASP A 1462 -22.52 -19.55 9.52
CA ASP A 1462 -21.42 -20.48 9.74
C ASP A 1462 -20.41 -19.87 10.71
N PHE A 1463 -20.08 -18.61 10.47
CA PHE A 1463 -19.13 -17.88 11.31
C PHE A 1463 -19.83 -16.90 12.25
N ASP A 1464 -20.78 -17.40 13.03
CA ASP A 1464 -21.56 -16.59 13.96
C ASP A 1464 -21.44 -17.11 15.38
N LEU A 1465 -20.24 -17.51 15.77
CA LEU A 1465 -19.97 -17.94 17.13
C LEU A 1465 -18.78 -17.17 17.69
N TYR A 1466 -17.86 -16.78 16.83
CA TYR A 1466 -16.62 -16.12 17.19
C TYR A 1466 -16.86 -14.65 17.53
N PRO A 1467 -16.00 -14.05 18.36
CA PRO A 1467 -16.21 -12.66 18.76
C PRO A 1467 -15.86 -11.68 17.66
N GLN A 1468 -15.89 -10.39 17.97
CA GLN A 1468 -15.58 -9.36 16.98
C GLN A 1468 -14.09 -9.22 16.77
N GLY A 1469 -13.31 -9.13 17.84
CA GLY A 1469 -11.87 -9.01 17.72
C GLY A 1469 -11.16 -10.34 17.76
N TYR A 1470 -11.57 -11.27 16.90
CA TYR A 1470 -11.02 -12.61 16.93
C TYR A 1470 -9.58 -12.61 16.42
N ASP A 1471 -8.75 -13.47 17.01
CA ASP A 1471 -7.34 -13.55 16.66
C ASP A 1471 -6.79 -14.92 17.02
N PRO A 1472 -6.77 -15.86 16.07
CA PRO A 1472 -6.27 -17.21 16.39
C PRO A 1472 -4.81 -17.26 16.81
N THR A 1473 -4.05 -16.20 16.57
CA THR A 1473 -2.65 -16.15 17.00
C THR A 1473 -2.52 -15.51 18.38
N ASP A 1474 -3.28 -16.01 19.35
CA ASP A 1474 -3.28 -15.43 20.67
C ASP A 1474 -3.24 -16.53 21.73
N PRO A 1475 -2.26 -16.52 22.63
CA PRO A 1475 -2.20 -17.53 23.70
C PRO A 1475 -3.15 -17.27 24.86
N SER A 1476 -4.08 -16.32 24.75
CA SER A 1476 -5.00 -16.00 25.83
C SER A 1476 -6.45 -15.95 25.36
N ARG A 1477 -6.74 -16.42 24.16
CA ARG A 1477 -8.11 -16.41 23.66
C ARG A 1477 -8.90 -17.56 24.28
N PRO A 1478 -10.15 -17.33 24.67
CA PRO A 1478 -10.98 -18.41 25.20
C PRO A 1478 -11.57 -19.26 24.08
N ARG A 1479 -12.18 -20.37 24.49
CA ARG A 1479 -12.79 -21.31 23.55
C ARG A 1479 -14.08 -20.72 23.02
N ILE A 1480 -14.03 -20.10 21.86
CA ILE A 1480 -15.21 -19.48 21.27
C ILE A 1480 -15.52 -20.09 19.91
N GLU B 39 38.32 6.51 39.25
CA GLU B 39 37.08 5.94 38.72
C GLU B 39 35.88 6.46 39.51
N GLU B 40 35.37 7.63 39.12
CA GLU B 40 34.21 8.24 39.75
C GLU B 40 32.99 8.20 38.86
N ASP B 41 33.04 7.49 37.74
CA ASP B 41 31.92 7.41 36.81
C ASP B 41 31.02 6.23 37.17
N GLU B 42 30.52 6.26 38.40
CA GLU B 42 29.59 5.25 38.92
C GLU B 42 28.29 5.95 39.26
N VAL B 43 27.40 6.06 38.27
CA VAL B 43 26.13 6.74 38.46
C VAL B 43 24.98 5.91 37.91
N LYS B 44 23.78 6.49 37.87
CA LYS B 44 22.62 5.78 37.36
C LYS B 44 22.17 6.37 36.03
N ASN B 50 0.47 3.72 27.55
CA ASN B 50 -0.19 4.99 27.33
C ASN B 50 -0.19 5.37 25.85
N ARG B 51 -0.17 4.34 24.99
CA ARG B 51 -0.21 4.53 23.55
C ARG B 51 -1.24 3.65 22.87
N ARG B 52 -2.13 3.03 23.63
CA ARG B 52 -3.10 2.12 23.06
C ARG B 52 -4.03 2.87 22.09
N PRO B 53 -4.31 2.32 20.92
CA PRO B 53 -5.28 2.96 20.02
C PRO B 53 -6.64 3.04 20.67
N LYS B 54 -7.29 4.19 20.50
CA LYS B 54 -8.60 4.41 21.12
C LYS B 54 -9.61 3.46 20.50
N GLU B 55 -10.06 2.48 21.28
CA GLU B 55 -11.00 1.47 20.79
C GLU B 55 -12.36 2.12 20.58
N ASP B 56 -12.66 2.44 19.33
CA ASP B 56 -13.93 3.04 18.93
C ASP B 56 -14.65 2.08 17.99
N ALA B 57 -15.75 2.56 17.41
CA ALA B 57 -16.42 1.82 16.35
C ALA B 57 -15.96 2.24 14.97
N PHE B 58 -15.31 3.40 14.86
CA PHE B 58 -14.78 3.90 13.60
C PHE B 58 -13.28 3.72 13.47
N THR B 59 -12.54 3.90 14.56
CA THR B 59 -11.10 3.69 14.53
C THR B 59 -10.76 2.24 14.22
N GLN B 60 -11.55 1.31 14.75
CA GLN B 60 -11.34 -0.11 14.52
C GLN B 60 -12.01 -0.62 13.26
N GLN B 61 -12.66 0.26 12.49
CA GLN B 61 -13.33 -0.11 11.24
C GLN B 61 -14.39 -1.18 11.48
N ARG B 62 -15.10 -1.06 12.60
CA ARG B 62 -16.21 -1.94 12.92
C ARG B 62 -17.53 -1.18 12.94
N LEU B 63 -17.69 -0.24 12.01
CA LEU B 63 -18.89 0.55 11.92
C LEU B 63 -20.10 -0.33 11.60
N ALA B 64 -21.28 0.16 11.95
CA ALA B 64 -22.50 -0.56 11.63
C ALA B 64 -22.68 -0.64 10.12
N ALA B 65 -22.94 -1.85 9.63
CA ALA B 65 -23.00 -2.05 8.19
C ALA B 65 -23.92 -3.22 7.88
N ILE B 66 -24.30 -3.32 6.61
CA ILE B 66 -25.05 -4.45 6.09
C ILE B 66 -24.28 -5.01 4.90
N ASN B 67 -23.98 -6.32 4.96
CA ASN B 67 -23.24 -6.98 3.91
C ASN B 67 -24.22 -7.69 2.99
N PRO B 68 -24.54 -7.13 1.82
CA PRO B 68 -25.56 -7.73 0.96
C PRO B 68 -24.99 -8.82 0.05
N VAL B 69 -25.87 -9.75 -0.30
CA VAL B 69 -25.55 -10.80 -1.27
C VAL B 69 -26.69 -10.87 -2.28
N LEU B 70 -26.34 -11.21 -3.52
CA LEU B 70 -27.30 -11.23 -4.62
C LEU B 70 -27.78 -12.66 -4.83
N THR B 71 -28.71 -13.07 -3.97
CA THR B 71 -29.39 -14.35 -3.94
C THR B 71 -30.73 -14.25 -4.69
N PRO B 72 -31.13 -15.28 -5.45
CA PRO B 72 -32.41 -15.23 -6.15
C PRO B 72 -33.62 -14.96 -5.25
N ARG B 73 -33.41 -14.97 -3.94
CA ARG B 73 -34.43 -14.51 -3.02
C ARG B 73 -34.42 -12.99 -2.85
N THR B 74 -33.37 -12.30 -3.31
CA THR B 74 -33.29 -10.85 -3.20
C THR B 74 -32.84 -10.22 -4.53
N VAL B 75 -33.01 -10.93 -5.64
CA VAL B 75 -32.71 -10.40 -6.96
C VAL B 75 -33.95 -10.39 -7.85
N LEU B 76 -34.61 -11.54 -7.97
CA LEU B 76 -35.83 -11.61 -8.77
C LEU B 76 -36.92 -10.64 -8.29
N PRO B 77 -37.17 -10.46 -6.99
CA PRO B 77 -38.13 -9.43 -6.59
C PRO B 77 -37.73 -8.03 -7.03
N LEU B 78 -36.44 -7.69 -6.93
CA LEU B 78 -35.99 -6.38 -7.36
C LEU B 78 -36.19 -6.18 -8.85
N TYR B 79 -35.81 -7.19 -9.65
CA TYR B 79 -36.00 -7.10 -11.09
C TYR B 79 -37.48 -6.97 -11.45
N LEU B 80 -38.35 -7.75 -10.80
CA LEU B 80 -39.77 -7.68 -11.10
C LEU B 80 -40.35 -6.32 -10.72
N LEU B 81 -39.96 -5.80 -9.54
CA LEU B 81 -40.45 -4.49 -9.12
C LEU B 81 -40.03 -3.40 -10.10
N ILE B 82 -38.74 -3.37 -10.46
CA ILE B 82 -38.24 -2.36 -11.38
C ILE B 82 -38.94 -2.49 -12.73
N ALA B 83 -39.14 -3.73 -13.20
CA ALA B 83 -39.79 -3.93 -14.49
C ALA B 83 -41.22 -3.42 -14.47
N VAL B 84 -41.98 -3.76 -13.42
CA VAL B 84 -43.37 -3.33 -13.36
C VAL B 84 -43.46 -1.82 -13.28
N VAL B 85 -42.64 -1.20 -12.43
CA VAL B 85 -42.66 0.25 -12.28
C VAL B 85 -42.34 0.93 -13.61
N PHE B 86 -41.30 0.45 -14.30
CA PHE B 86 -40.89 1.11 -15.53
C PHE B 86 -41.89 0.90 -16.65
N VAL B 87 -42.49 -0.29 -16.74
CA VAL B 87 -43.52 -0.50 -17.76
C VAL B 87 -44.73 0.39 -17.49
N ILE B 88 -45.11 0.55 -16.22
CA ILE B 88 -46.26 1.39 -15.92
C ILE B 88 -45.98 2.85 -16.25
N VAL B 89 -44.80 3.34 -15.85
CA VAL B 89 -44.45 4.72 -16.15
C VAL B 89 -44.35 4.95 -17.65
N GLY B 90 -43.81 3.97 -18.38
CA GLY B 90 -43.71 4.12 -19.82
C GLY B 90 -45.06 4.08 -20.51
N GLY B 91 -45.97 3.23 -20.02
CA GLY B 91 -47.32 3.24 -20.56
C GLY B 91 -48.01 4.56 -20.34
N CYS B 92 -47.85 5.14 -19.15
CA CYS B 92 -48.39 6.47 -18.89
C CYS B 92 -47.80 7.50 -19.85
N ILE B 93 -46.48 7.48 -20.03
CA ILE B 93 -45.83 8.47 -20.88
C ILE B 93 -46.26 8.32 -22.33
N LEU B 94 -46.39 7.08 -22.81
CA LEU B 94 -46.81 6.85 -24.18
C LEU B 94 -48.27 7.25 -24.39
N ALA B 95 -49.13 6.96 -23.41
CA ALA B 95 -50.52 7.40 -23.52
C ALA B 95 -50.61 8.91 -23.55
N GLN B 96 -49.75 9.59 -22.79
CA GLN B 96 -49.75 11.06 -22.83
C GLN B 96 -49.21 11.58 -24.16
N ASN B 97 -48.18 10.93 -24.70
CA ASN B 97 -47.57 11.41 -25.93
C ASN B 97 -48.44 11.13 -27.15
N SER B 98 -49.26 10.09 -27.11
CA SER B 98 -50.13 9.76 -28.23
C SER B 98 -51.33 10.69 -28.33
N LYS B 99 -51.36 11.79 -27.56
CA LYS B 99 -52.43 12.76 -27.63
C LYS B 99 -51.97 14.16 -28.03
N VAL B 100 -50.67 14.44 -27.99
CA VAL B 100 -50.18 15.76 -28.35
C VAL B 100 -50.30 15.97 -29.85
N ASP B 101 -50.85 17.11 -30.24
CA ASP B 101 -51.05 17.46 -31.64
C ASP B 101 -50.08 18.59 -32.02
N GLU B 102 -49.46 18.47 -33.20
CA GLU B 102 -48.47 19.43 -33.62
C GLU B 102 -48.65 19.73 -35.11
N VAL B 103 -48.17 20.91 -35.51
CA VAL B 103 -48.23 21.36 -36.89
C VAL B 103 -46.89 21.99 -37.22
N THR B 104 -46.12 21.39 -38.12
CA THR B 104 -44.85 21.95 -38.55
C THR B 104 -44.92 22.25 -40.04
N ILE B 105 -44.53 23.46 -40.42
CA ILE B 105 -44.63 23.89 -41.81
C ILE B 105 -43.35 24.65 -42.15
N TYR B 106 -42.54 24.09 -43.05
CA TYR B 106 -41.31 24.75 -43.49
C TYR B 106 -41.61 25.63 -44.69
N TYR B 107 -41.13 26.88 -44.64
CA TYR B 107 -41.39 27.84 -45.71
C TYR B 107 -40.10 28.44 -46.26
N GLN B 108 -38.97 27.74 -46.11
CA GLN B 108 -37.69 28.30 -46.53
C GLN B 108 -37.64 28.64 -48.01
N ASP B 109 -38.50 28.03 -48.82
CA ASP B 109 -38.54 28.28 -50.26
C ASP B 109 -39.88 28.89 -50.67
N CYS B 110 -40.37 29.86 -49.88
CA CYS B 110 -41.58 30.55 -50.26
C CYS B 110 -41.30 31.65 -51.28
N MET B 111 -40.12 32.25 -51.25
CA MET B 111 -39.79 33.33 -52.17
C MET B 111 -39.60 32.84 -53.59
N THR B 112 -39.42 31.53 -53.79
CA THR B 112 -39.17 30.97 -55.12
C THR B 112 -40.27 30.03 -55.58
N ASN B 113 -40.61 29.02 -54.79
CA ASN B 113 -41.53 27.99 -55.23
C ASN B 113 -42.99 28.39 -55.12
N ALA B 114 -43.30 29.43 -54.36
CA ALA B 114 -44.68 29.85 -54.18
C ALA B 114 -45.08 30.84 -55.28
N THR B 115 -46.38 31.01 -55.43
CA THR B 115 -46.96 31.90 -56.44
C THR B 115 -47.74 33.01 -55.73
N SER B 116 -48.45 33.81 -56.53
CA SER B 116 -49.28 34.89 -56.00
C SER B 116 -50.73 34.49 -55.81
N SER B 117 -51.06 33.22 -56.04
CA SER B 117 -52.40 32.70 -55.80
C SER B 117 -52.33 31.61 -54.73
N TRP B 118 -53.50 31.21 -54.23
CA TRP B 118 -53.54 30.21 -53.17
C TRP B 118 -53.22 28.83 -53.72
N SER B 119 -51.95 28.44 -53.66
CA SER B 119 -51.50 27.15 -54.12
C SER B 119 -51.06 26.29 -52.95
N ASP B 120 -51.15 24.97 -53.11
CA ASP B 120 -50.80 24.05 -52.04
C ASP B 120 -49.29 24.02 -51.83
N ILE B 121 -48.89 23.41 -50.71
CA ILE B 121 -47.49 23.27 -50.36
C ILE B 121 -47.07 21.84 -50.67
N PRO B 122 -45.85 21.61 -51.18
CA PRO B 122 -45.41 20.23 -51.43
C PRO B 122 -45.40 19.41 -50.15
N SER B 123 -45.50 18.10 -50.32
CA SER B 123 -45.61 17.20 -49.19
C SER B 123 -44.35 17.15 -48.33
N GLU B 124 -43.22 17.65 -48.85
CA GLU B 124 -41.97 17.65 -48.12
C GLU B 124 -41.73 18.95 -47.36
N HIS B 125 -42.79 19.64 -46.97
CA HIS B 125 -42.66 20.90 -46.25
C HIS B 125 -43.58 21.03 -45.04
N TRP B 126 -44.55 20.13 -44.87
CA TRP B 126 -45.53 20.25 -43.81
C TRP B 126 -45.81 18.87 -43.21
N GLN B 127 -46.08 18.86 -41.91
CA GLN B 127 -46.48 17.65 -41.20
C GLN B 127 -47.51 18.03 -40.14
N PHE B 128 -48.67 17.38 -40.20
CA PHE B 128 -49.73 17.51 -39.21
C PHE B 128 -49.80 16.23 -38.40
N VAL B 129 -49.86 16.36 -37.08
CA VAL B 129 -50.05 15.22 -36.19
C VAL B 129 -51.23 15.56 -35.29
N PHE B 130 -52.38 14.95 -35.58
CA PHE B 130 -53.59 15.12 -34.78
C PHE B 130 -54.09 13.74 -34.38
N HIS B 131 -54.19 13.49 -33.07
CA HIS B 131 -54.55 12.16 -32.59
C HIS B 131 -56.02 11.84 -32.85
N LYS B 132 -56.88 12.86 -32.89
CA LYS B 132 -58.30 12.61 -33.16
C LYS B 132 -58.49 12.11 -34.59
N TYR B 133 -57.86 12.76 -35.56
CA TYR B 133 -57.91 12.38 -36.97
C TYR B 133 -56.48 12.09 -37.41
N LYS B 134 -56.08 10.83 -37.38
CA LYS B 134 -54.73 10.44 -37.74
C LYS B 134 -54.49 10.37 -39.24
N THR B 135 -55.51 10.61 -40.06
CA THR B 135 -55.39 10.54 -41.51
C THR B 135 -55.88 11.83 -42.17
N TYR B 136 -55.73 12.97 -41.47
CA TYR B 136 -56.21 14.25 -41.97
C TYR B 136 -55.06 15.02 -42.59
N ASN B 137 -54.72 14.63 -43.83
CA ASN B 137 -53.67 15.32 -44.55
C ASN B 137 -54.03 16.78 -44.83
N THR B 138 -55.03 17.01 -45.69
CA THR B 138 -55.58 18.32 -46.00
C THR B 138 -54.49 19.38 -46.11
N ALA B 139 -53.63 19.23 -47.11
CA ALA B 139 -52.42 20.04 -47.23
C ALA B 139 -52.74 21.53 -47.12
N PRO B 140 -51.87 22.33 -46.50
CA PRO B 140 -52.11 23.77 -46.42
C PRO B 140 -51.95 24.46 -47.76
N GLN B 141 -52.13 25.78 -47.79
CA GLN B 141 -52.04 26.55 -49.03
C GLN B 141 -51.26 27.82 -48.78
N TRP B 142 -50.18 28.03 -49.52
CA TRP B 142 -49.33 29.19 -49.32
C TRP B 142 -49.26 30.04 -50.58
N ARG B 143 -48.91 31.31 -50.38
CA ARG B 143 -48.76 32.24 -51.48
C ARG B 143 -47.75 33.30 -51.10
N PHE B 144 -47.17 33.95 -52.11
CA PHE B 144 -46.13 34.95 -51.93
C PHE B 144 -46.58 36.28 -52.52
N VAL B 145 -46.35 37.35 -51.78
CA VAL B 145 -46.70 38.71 -52.21
C VAL B 145 -45.42 39.54 -52.15
N ASP B 146 -44.72 39.64 -53.27
CA ASP B 146 -43.41 40.29 -53.30
C ASP B 146 -43.55 41.78 -53.02
N ASP B 147 -42.56 42.31 -52.30
CA ASP B 147 -42.48 43.74 -51.98
C ASP B 147 -41.23 44.29 -52.63
N GLU B 148 -41.39 45.03 -53.72
CA GLU B 148 -40.26 45.59 -54.47
C GLU B 148 -39.62 46.79 -53.77
N SER B 149 -40.12 47.19 -52.60
CA SER B 149 -39.54 48.34 -51.92
C SER B 149 -38.13 48.03 -51.39
N ASP B 150 -37.96 46.87 -50.77
CA ASP B 150 -36.66 46.50 -50.23
C ASP B 150 -35.71 46.09 -51.34
N ASP B 151 -34.45 46.53 -51.22
CA ASP B 151 -33.40 46.18 -52.17
C ASP B 151 -32.59 44.97 -51.74
N PHE B 152 -33.20 44.07 -50.97
CA PHE B 152 -32.54 42.86 -50.48
C PHE B 152 -33.11 41.68 -51.27
N THR B 153 -32.49 41.39 -52.41
CA THR B 153 -33.01 40.38 -53.32
C THR B 153 -32.91 38.97 -52.75
N LYS B 154 -32.01 38.74 -51.79
CA LYS B 154 -31.83 37.41 -51.23
C LYS B 154 -33.12 36.89 -50.61
N GLN B 155 -33.67 37.64 -49.65
CA GLN B 155 -34.92 37.24 -49.01
C GLN B 155 -35.71 38.50 -48.68
N ARG B 156 -36.84 38.70 -49.38
CA ARG B 156 -37.73 39.81 -49.10
C ARG B 156 -39.12 39.44 -49.57
N GLY B 157 -40.12 40.12 -48.99
CA GLY B 157 -41.50 39.91 -49.35
C GLY B 157 -42.34 39.54 -48.14
N THR B 158 -43.27 38.61 -48.34
CA THR B 158 -44.16 38.15 -47.28
C THR B 158 -44.83 36.87 -47.73
N CYS B 159 -44.75 35.84 -46.91
CA CYS B 159 -45.37 34.55 -47.19
C CYS B 159 -46.67 34.45 -46.40
N GLN B 160 -47.74 34.05 -47.08
CA GLN B 160 -49.04 33.85 -46.46
C GLN B 160 -49.35 32.36 -46.47
N ILE B 161 -49.56 31.79 -45.30
CA ILE B 161 -49.76 30.36 -45.14
C ILE B 161 -51.12 30.14 -44.49
N ARG B 162 -52.01 29.42 -45.18
CA ARG B 162 -53.31 29.04 -44.65
C ARG B 162 -53.26 27.55 -44.29
N PHE B 163 -53.45 27.25 -43.01
CA PHE B 163 -53.45 25.89 -42.51
C PHE B 163 -54.72 25.63 -41.72
N THR B 164 -55.23 24.41 -41.82
CA THR B 164 -56.43 24.03 -41.10
C THR B 164 -56.09 23.10 -39.95
N THR B 165 -56.84 23.23 -38.86
CA THR B 165 -56.69 22.38 -37.69
C THR B 165 -58.06 21.77 -37.39
N PRO B 166 -58.20 20.45 -37.41
CA PRO B 166 -59.49 19.82 -37.10
C PRO B 166 -59.72 19.54 -35.61
N SER B 167 -58.93 20.12 -34.72
CA SER B 167 -59.10 19.91 -33.29
C SER B 167 -58.71 21.20 -32.56
N ASP B 168 -58.87 21.18 -31.24
CA ASP B 168 -58.59 22.33 -30.40
C ASP B 168 -57.22 22.20 -29.75
N MET B 169 -56.79 23.28 -29.11
CA MET B 169 -55.53 23.33 -28.36
C MET B 169 -55.81 24.07 -27.06
N LYS B 170 -55.80 23.34 -25.94
CA LYS B 170 -56.38 23.82 -24.70
C LYS B 170 -55.50 24.87 -24.04
N ASN B 171 -55.99 26.10 -23.99
CA ASN B 171 -55.57 27.11 -23.01
C ASN B 171 -54.13 27.58 -23.24
N ASN B 172 -53.43 26.98 -24.19
CA ASN B 172 -52.04 27.34 -24.42
C ASN B 172 -51.65 26.92 -25.84
N VAL B 173 -51.16 27.86 -26.62
CA VAL B 173 -50.69 27.58 -27.98
C VAL B 173 -49.34 28.27 -28.17
N TYR B 174 -48.35 27.51 -28.62
CA TYR B 174 -47.01 28.01 -28.86
C TYR B 174 -46.71 27.96 -30.36
N LEU B 175 -46.11 29.03 -30.87
CA LEU B 175 -45.66 29.14 -32.25
C LEU B 175 -44.18 29.48 -32.22
N ASN B 176 -43.34 28.52 -32.62
CA ASN B 176 -41.90 28.65 -32.64
C ASN B 176 -41.40 28.65 -34.08
N TYR B 177 -40.14 29.03 -34.25
CA TYR B 177 -39.50 29.00 -35.56
C TYR B 177 -38.37 27.98 -35.55
N VAL B 178 -38.43 27.02 -36.47
CA VAL B 178 -37.43 25.98 -36.60
C VAL B 178 -36.39 26.41 -37.63
N LEU B 179 -35.11 26.23 -37.30
CA LEU B 179 -33.99 26.60 -38.16
C LEU B 179 -33.06 25.40 -38.29
N GLU B 180 -33.34 24.52 -39.25
CA GLU B 180 -32.46 23.39 -39.47
C GLU B 180 -31.20 23.82 -40.22
N LYS B 181 -30.17 22.99 -40.13
CA LYS B 181 -28.92 23.16 -40.85
C LYS B 181 -28.28 24.52 -40.58
N PHE B 182 -28.58 25.13 -39.43
CA PHE B 182 -27.93 26.35 -38.98
C PHE B 182 -27.03 26.01 -37.81
N ALA B 183 -25.73 26.25 -37.96
CA ALA B 183 -24.74 25.88 -36.95
C ALA B 183 -24.49 27.09 -36.06
N ALA B 184 -25.07 27.07 -34.85
CA ALA B 184 -24.92 28.14 -33.89
C ALA B 184 -24.17 27.69 -32.63
N ASN B 185 -23.42 26.60 -32.72
CA ASN B 185 -22.74 26.00 -31.58
C ASN B 185 -21.27 25.78 -31.88
N HIS B 186 -20.62 26.79 -32.44
CA HIS B 186 -19.20 26.72 -32.76
C HIS B 186 -18.37 27.43 -31.70
N ARG B 187 -17.05 27.23 -31.78
CA ARG B 187 -16.17 27.68 -30.71
C ARG B 187 -16.13 29.21 -30.64
N ARG B 188 -15.99 29.87 -31.78
CA ARG B 188 -15.89 31.32 -31.80
C ARG B 188 -17.25 32.00 -31.83
N TYR B 189 -18.25 31.34 -32.42
CA TYR B 189 -19.58 31.95 -32.51
C TYR B 189 -20.24 32.04 -31.14
N VAL B 190 -20.07 31.02 -30.31
CA VAL B 190 -20.79 30.98 -29.04
C VAL B 190 -20.17 31.93 -28.02
N LEU B 191 -18.85 31.99 -27.96
CA LEU B 191 -18.16 32.89 -27.03
C LEU B 191 -18.14 34.34 -27.50
N SER B 192 -18.93 34.69 -28.52
CA SER B 192 -18.86 36.00 -29.15
C SER B 192 -20.02 36.86 -28.66
N PHE B 193 -19.83 37.49 -27.52
CA PHE B 193 -20.68 38.58 -27.03
C PHE B 193 -19.99 39.16 -25.80
N SER B 194 -20.64 40.13 -25.16
CA SER B 194 -20.11 40.75 -23.96
C SER B 194 -21.20 40.82 -22.91
N GLU B 195 -20.91 40.30 -21.72
CA GLU B 195 -21.89 40.31 -20.64
C GLU B 195 -21.97 41.64 -19.92
N ASP B 196 -21.12 42.60 -20.27
CA ASP B 196 -21.28 43.96 -19.74
C ASP B 196 -22.30 44.74 -20.56
N GLN B 197 -22.24 44.62 -21.88
CA GLN B 197 -23.25 45.24 -22.72
C GLN B 197 -24.60 44.56 -22.57
N ILE B 198 -24.61 43.26 -22.26
CA ILE B 198 -25.86 42.59 -21.97
C ILE B 198 -26.47 43.12 -20.68
N ARG B 199 -25.62 43.38 -19.68
CA ARG B 199 -26.06 43.97 -18.43
C ARG B 199 -26.27 45.48 -18.52
N GLY B 200 -26.31 46.03 -19.72
CA GLY B 200 -26.58 47.45 -19.91
C GLY B 200 -25.44 48.38 -19.58
N GLU B 201 -24.30 47.87 -19.14
CA GLU B 201 -23.18 48.73 -18.78
C GLU B 201 -22.62 49.43 -20.02
N ASP B 202 -22.03 50.59 -19.80
CA ASP B 202 -21.39 51.36 -20.87
C ASP B 202 -19.94 50.90 -21.03
N ALA B 203 -19.81 49.64 -21.45
CA ALA B 203 -18.49 49.02 -21.58
C ALA B 203 -17.68 49.73 -22.65
N SER B 204 -16.44 50.08 -22.30
CA SER B 204 -15.55 50.74 -23.25
C SER B 204 -15.05 49.74 -24.28
N TYR B 205 -14.16 50.21 -25.16
CA TYR B 205 -13.62 49.33 -26.19
C TYR B 205 -12.71 48.25 -25.61
N GLU B 206 -11.99 48.57 -24.53
CA GLU B 206 -11.10 47.58 -23.94
C GLU B 206 -11.88 46.47 -23.25
N THR B 207 -12.90 46.82 -22.49
CA THR B 207 -13.72 45.83 -21.81
C THR B 207 -14.54 44.99 -22.79
N VAL B 208 -14.54 45.34 -24.07
CA VAL B 208 -15.29 44.61 -25.07
C VAL B 208 -14.32 43.77 -25.90
N HIS B 209 -13.10 44.27 -26.08
CA HIS B 209 -12.10 43.62 -26.91
C HIS B 209 -11.04 42.87 -26.09
N ASP B 210 -10.59 43.45 -24.99
CA ASP B 210 -9.52 42.87 -24.17
C ASP B 210 -10.08 42.16 -22.94
N ALA B 211 -11.24 41.51 -23.09
CA ALA B 211 -11.86 40.81 -21.98
C ALA B 211 -11.28 39.41 -21.85
N THR B 212 -11.93 38.56 -21.06
CA THR B 212 -11.49 37.19 -20.85
C THR B 212 -11.91 36.33 -22.04
N GLY B 213 -11.85 35.01 -21.88
CA GLY B 213 -12.19 34.08 -22.94
C GLY B 213 -13.59 34.24 -23.51
N ILE B 214 -14.43 35.05 -22.90
CA ILE B 214 -15.78 35.34 -23.39
C ILE B 214 -15.80 36.81 -23.78
N ASN B 215 -15.70 37.09 -25.07
CA ASN B 215 -15.71 38.46 -25.58
C ASN B 215 -15.97 38.43 -27.07
N CYS B 216 -16.39 39.57 -27.60
CA CYS B 216 -16.71 39.69 -29.02
C CYS B 216 -15.46 40.22 -29.73
N LYS B 217 -14.67 39.31 -30.28
CA LYS B 217 -13.41 39.67 -30.93
C LYS B 217 -13.61 40.18 -32.35
N PRO B 218 -14.37 39.50 -33.24
CA PRO B 218 -14.44 39.96 -34.63
C PRO B 218 -15.21 41.27 -34.80
N LEU B 219 -16.36 41.40 -34.15
CA LEU B 219 -17.25 42.55 -34.32
C LEU B 219 -17.18 43.50 -33.12
N SER B 220 -15.99 43.74 -32.59
CA SER B 220 -15.86 44.60 -31.42
C SER B 220 -16.09 46.06 -31.78
N LYS B 221 -15.59 46.50 -32.94
CA LYS B 221 -15.66 47.90 -33.33
C LYS B 221 -15.86 48.00 -34.83
N ASN B 222 -16.60 49.03 -35.26
CA ASN B 222 -16.85 49.27 -36.67
C ASN B 222 -15.73 50.11 -37.27
N ALA B 223 -15.93 50.59 -38.50
CA ALA B 223 -14.91 51.38 -39.17
C ALA B 223 -14.86 52.81 -38.64
N ASP B 224 -16.02 53.39 -38.30
CA ASP B 224 -16.06 54.77 -37.86
C ASP B 224 -15.42 54.98 -36.50
N GLY B 225 -15.25 53.92 -35.71
CA GLY B 225 -14.66 54.03 -34.40
C GLY B 225 -15.64 53.97 -33.24
N LYS B 226 -16.87 53.52 -33.47
CA LYS B 226 -17.89 53.43 -32.44
C LYS B 226 -18.19 51.96 -32.19
N ILE B 227 -17.99 51.51 -30.95
CA ILE B 227 -18.21 50.11 -30.61
C ILE B 227 -19.68 49.77 -30.75
N TYR B 228 -19.98 48.68 -31.44
CA TYR B 228 -21.35 48.21 -31.57
C TYR B 228 -21.98 48.02 -30.20
N TYR B 229 -23.27 48.36 -30.09
CA TYR B 229 -23.96 48.11 -28.82
C TYR B 229 -24.25 46.63 -28.64
N PRO B 230 -24.98 45.95 -29.54
CA PRO B 230 -25.01 44.48 -29.49
C PRO B 230 -23.81 43.91 -30.23
N CYS B 231 -22.84 43.41 -29.49
CA CYS B 231 -21.61 42.92 -30.07
C CYS B 231 -21.62 41.41 -30.17
N GLY B 232 -20.77 40.88 -31.04
CA GLY B 232 -20.64 39.44 -31.19
C GLY B 232 -21.50 38.89 -32.30
N LEU B 233 -21.11 37.72 -32.78
CA LEU B 233 -21.76 37.09 -33.92
C LEU B 233 -23.15 36.54 -33.58
N ILE B 234 -23.56 36.58 -32.32
CA ILE B 234 -24.87 36.06 -31.95
C ILE B 234 -25.96 37.13 -32.12
N ALA B 235 -25.77 38.28 -31.49
CA ALA B 235 -26.72 39.38 -31.67
C ALA B 235 -26.72 39.88 -33.11
N ASN B 236 -25.54 39.90 -33.74
CA ASN B 236 -25.44 40.37 -35.10
C ASN B 236 -26.22 39.50 -36.09
N SER B 237 -26.28 38.19 -35.83
CA SER B 237 -26.91 37.23 -36.73
C SER B 237 -28.30 36.84 -36.26
N MET B 238 -29.05 37.78 -35.68
CA MET B 238 -30.35 37.46 -35.10
C MET B 238 -31.35 37.05 -36.19
N PHE B 239 -32.25 36.16 -35.81
CA PHE B 239 -33.39 35.83 -36.67
C PHE B 239 -34.20 37.09 -36.92
N ASN B 240 -34.57 37.30 -38.18
CA ASN B 240 -35.14 38.57 -38.60
C ASN B 240 -36.55 38.48 -39.19
N ASP B 241 -37.07 37.29 -39.45
CA ASP B 241 -38.44 37.18 -39.93
C ASP B 241 -39.41 37.75 -38.91
N THR B 242 -40.34 38.57 -39.38
CA THR B 242 -41.31 39.24 -38.51
C THR B 242 -42.61 38.44 -38.52
N PHE B 243 -42.92 37.80 -37.40
CA PHE B 243 -44.13 37.01 -37.25
C PHE B 243 -45.31 37.91 -36.87
N PRO B 244 -46.53 37.51 -37.20
CA PRO B 244 -47.69 38.36 -36.91
C PRO B 244 -48.01 38.37 -35.42
N LEU B 245 -48.92 39.28 -35.06
CA LEU B 245 -49.42 39.36 -33.69
C LEU B 245 -50.74 38.64 -33.51
N GLN B 246 -51.22 37.95 -34.55
CA GLN B 246 -52.48 37.23 -34.46
C GLN B 246 -52.56 36.23 -35.62
N LEU B 247 -53.39 35.22 -35.45
CA LEU B 247 -53.66 34.24 -36.50
C LEU B 247 -54.95 34.68 -37.19
N THR B 248 -54.81 35.40 -38.30
CA THR B 248 -55.94 35.94 -39.04
C THR B 248 -56.87 34.82 -39.49
N ASN B 249 -58.07 34.77 -38.93
CA ASN B 249 -59.01 33.72 -39.27
C ASN B 249 -59.45 33.82 -40.73
N VAL B 250 -60.05 32.74 -41.22
CA VAL B 250 -60.54 32.65 -42.60
C VAL B 250 -62.02 32.34 -42.65
N GLY B 251 -62.46 31.35 -41.86
CA GLY B 251 -63.86 30.96 -41.85
C GLY B 251 -64.80 32.08 -41.44
N ASP B 252 -64.70 32.52 -40.18
CA ASP B 252 -65.48 33.63 -39.66
C ASP B 252 -64.50 34.70 -39.19
N THR B 253 -64.30 35.73 -40.02
CA THR B 253 -63.31 36.77 -39.76
C THR B 253 -63.67 37.65 -38.57
N SER B 254 -64.85 37.47 -37.97
CA SER B 254 -65.27 38.32 -36.86
C SER B 254 -64.46 38.06 -35.60
N ASN B 255 -63.76 36.92 -35.51
CA ASN B 255 -62.99 36.58 -34.31
C ASN B 255 -61.68 35.94 -34.76
N ASN B 256 -60.62 36.74 -34.84
CA ASN B 256 -59.30 36.22 -35.15
C ASN B 256 -58.60 35.78 -33.87
N TYR B 257 -57.75 34.76 -33.99
CA TYR B 257 -57.02 34.25 -32.86
C TYR B 257 -55.76 35.08 -32.64
N SER B 258 -55.60 35.63 -31.45
CA SER B 258 -54.51 36.54 -31.15
C SER B 258 -53.35 35.82 -30.49
N LEU B 259 -52.16 36.38 -30.68
CA LEU B 259 -50.93 35.92 -30.04
C LEU B 259 -50.28 37.12 -29.35
N THR B 260 -49.16 36.87 -28.65
CA THR B 260 -48.49 37.94 -27.94
C THR B 260 -47.00 37.62 -27.82
N ASN B 261 -46.18 38.63 -28.11
CA ASN B 261 -44.73 38.51 -27.97
C ASN B 261 -44.24 38.85 -26.57
N LYS B 262 -45.14 38.84 -25.59
CA LYS B 262 -44.78 39.11 -24.20
C LYS B 262 -45.03 37.85 -23.39
N GLY B 263 -43.99 37.37 -22.70
CA GLY B 263 -44.06 36.17 -21.93
C GLY B 263 -43.55 34.93 -22.62
N ILE B 264 -42.63 35.06 -23.58
CA ILE B 264 -42.05 33.92 -24.27
C ILE B 264 -40.72 33.49 -23.69
N ASN B 265 -40.08 34.34 -22.89
CA ASN B 265 -38.83 34.01 -22.23
C ASN B 265 -39.05 34.01 -20.72
N TRP B 266 -38.14 33.34 -20.01
CA TRP B 266 -38.25 33.26 -18.55
C TRP B 266 -38.29 34.66 -17.94
N GLU B 267 -39.21 34.86 -17.00
CA GLU B 267 -39.31 36.15 -16.34
C GLU B 267 -38.02 36.49 -15.61
N SER B 268 -37.42 35.51 -14.94
CA SER B 268 -36.16 35.74 -14.23
C SER B 268 -35.05 36.21 -15.14
N ASP B 269 -35.15 35.92 -16.45
CA ASP B 269 -34.13 36.38 -17.39
C ASP B 269 -34.08 37.90 -17.47
N LYS B 270 -35.16 38.59 -17.06
CA LYS B 270 -35.12 40.04 -17.02
C LYS B 270 -34.26 40.57 -15.88
N LYS B 271 -33.62 39.70 -15.10
CA LYS B 271 -32.73 40.12 -14.03
C LYS B 271 -31.29 40.31 -14.49
N ARG B 272 -30.97 39.95 -15.74
CA ARG B 272 -29.63 40.14 -16.28
C ARG B 272 -29.60 41.05 -17.48
N TYR B 273 -30.62 41.03 -18.32
CA TYR B 273 -30.70 41.93 -19.48
C TYR B 273 -31.20 43.28 -19.01
N LYS B 274 -30.28 44.21 -18.77
CA LYS B 274 -30.63 45.54 -18.30
C LYS B 274 -30.69 46.52 -19.46
N LYS B 275 -31.23 47.71 -19.19
CA LYS B 275 -31.37 48.73 -20.21
C LYS B 275 -30.02 49.38 -20.52
N THR B 276 -29.89 49.85 -21.75
CA THR B 276 -28.66 50.47 -22.21
C THR B 276 -28.32 51.70 -21.38
N LYS B 277 -27.03 51.94 -21.17
CA LYS B 277 -26.53 53.13 -20.50
C LYS B 277 -25.44 53.78 -21.32
N TYR B 278 -25.60 53.80 -22.64
CA TYR B 278 -24.65 54.41 -23.56
C TYR B 278 -25.05 55.83 -23.90
N ASN B 279 -24.07 56.59 -24.40
CA ASN B 279 -24.23 58.02 -24.67
C ASN B 279 -24.81 58.29 -26.05
N TYR B 280 -25.51 57.31 -26.65
CA TYR B 280 -26.25 57.46 -27.90
C TYR B 280 -25.38 57.89 -29.07
N THR B 281 -24.08 58.07 -28.83
CA THR B 281 -23.16 58.53 -29.86
C THR B 281 -21.90 57.68 -29.97
N GLN B 282 -21.79 56.61 -29.18
CA GLN B 282 -20.64 55.72 -29.23
C GLN B 282 -21.04 54.29 -29.54
N ILE B 283 -22.22 54.08 -30.13
CA ILE B 283 -22.70 52.76 -30.50
C ILE B 283 -23.19 52.80 -31.94
N ALA B 284 -23.43 51.60 -32.49
CA ALA B 284 -23.89 51.45 -33.86
C ALA B 284 -24.47 50.06 -34.01
N PRO B 285 -25.45 49.87 -34.88
CA PRO B 285 -26.05 48.54 -35.03
C PRO B 285 -25.05 47.57 -35.64
N PRO B 286 -25.20 46.27 -35.40
CA PRO B 286 -24.31 45.28 -35.98
C PRO B 286 -24.38 45.31 -37.50
N PRO B 287 -23.34 44.84 -38.19
CA PRO B 287 -23.30 44.97 -39.65
C PRO B 287 -24.48 44.33 -40.37
N TYR B 288 -25.11 43.32 -39.78
CA TYR B 288 -26.30 42.73 -40.38
C TYR B 288 -27.59 43.36 -39.88
N TRP B 289 -27.50 44.32 -38.97
CA TRP B 289 -28.66 45.06 -38.49
C TRP B 289 -28.79 46.43 -39.15
N GLU B 290 -28.12 46.64 -40.29
CA GLU B 290 -28.11 47.95 -40.93
C GLU B 290 -29.40 48.26 -41.67
N LYS B 291 -30.24 47.26 -41.93
CA LYS B 291 -31.54 47.52 -42.55
C LYS B 291 -32.63 47.80 -41.54
N MET B 292 -32.42 47.41 -40.27
CA MET B 292 -33.38 47.73 -39.22
C MET B 292 -33.17 49.14 -38.67
N TYR B 293 -31.93 49.65 -38.74
CA TYR B 293 -31.61 51.01 -38.30
C TYR B 293 -30.73 51.64 -39.38
N PRO B 294 -31.32 52.04 -40.50
CA PRO B 294 -30.51 52.55 -41.62
C PRO B 294 -29.80 53.87 -41.32
N ASP B 295 -30.29 54.65 -40.37
CA ASP B 295 -29.69 55.94 -40.05
C ASP B 295 -28.72 55.87 -38.87
N GLY B 296 -28.70 54.77 -38.12
CA GLY B 296 -27.82 54.63 -36.98
C GLY B 296 -28.62 54.52 -35.69
N TYR B 297 -28.04 55.05 -34.61
CA TYR B 297 -28.66 55.02 -33.28
C TYR B 297 -28.86 56.46 -32.81
N ASN B 298 -30.00 57.03 -33.16
CA ASN B 298 -30.37 58.37 -32.72
C ASN B 298 -31.03 58.27 -31.34
N GLU B 299 -31.71 59.34 -30.91
CA GLU B 299 -32.21 59.43 -29.53
C GLU B 299 -33.11 58.25 -29.18
N THR B 300 -34.22 58.10 -29.89
CA THR B 300 -35.30 57.20 -29.47
C THR B 300 -35.42 55.96 -30.36
N ASN B 301 -34.30 55.39 -30.76
CA ASN B 301 -34.31 54.14 -31.52
C ASN B 301 -33.50 53.03 -30.88
N ILE B 302 -32.67 53.31 -29.88
CA ILE B 302 -31.86 52.31 -29.20
C ILE B 302 -32.80 51.26 -28.60
N PRO B 303 -32.68 49.99 -28.99
CA PRO B 303 -33.63 48.98 -28.52
C PRO B 303 -33.36 48.63 -27.06
N ASP B 304 -34.43 48.60 -26.27
CA ASP B 304 -34.36 48.18 -24.88
C ASP B 304 -34.45 46.66 -24.86
N ILE B 305 -33.30 45.99 -24.71
CA ILE B 305 -33.25 44.53 -24.77
C ILE B 305 -33.96 43.87 -23.61
N GLN B 306 -34.32 44.62 -22.57
CA GLN B 306 -34.96 44.02 -21.40
C GLN B 306 -36.35 43.52 -21.73
N ASP B 307 -37.17 44.34 -22.38
CA ASP B 307 -38.51 43.94 -22.77
C ASP B 307 -38.57 43.34 -24.18
N TRP B 308 -37.41 43.14 -24.81
CA TRP B 308 -37.33 42.50 -26.12
C TRP B 308 -37.02 41.02 -25.90
N GLU B 309 -38.09 40.24 -25.67
CA GLU B 309 -37.92 38.86 -25.28
C GLU B 309 -37.42 37.99 -26.43
N GLU B 310 -37.63 38.39 -27.68
CA GLU B 310 -37.10 37.62 -28.80
C GLU B 310 -35.58 37.71 -28.85
N PHE B 311 -35.03 38.87 -28.52
CA PHE B 311 -33.57 39.01 -28.50
C PHE B 311 -32.96 38.18 -27.38
N GLN B 312 -33.57 38.19 -26.19
CA GLN B 312 -33.11 37.30 -25.14
C GLN B 312 -33.28 35.84 -25.53
N ASN B 313 -34.30 35.53 -26.32
CA ASN B 313 -34.47 34.17 -26.82
C ASN B 313 -33.35 33.80 -27.78
N TRP B 314 -32.82 34.77 -28.52
CA TRP B 314 -31.77 34.48 -29.49
C TRP B 314 -30.37 34.51 -28.89
N MET B 315 -30.17 35.24 -27.80
CA MET B 315 -28.87 35.25 -27.15
C MET B 315 -28.61 33.99 -26.34
N ARG B 316 -29.44 32.97 -26.52
CA ARG B 316 -29.31 31.65 -25.91
C ARG B 316 -28.94 30.65 -27.00
N PRO B 317 -27.67 30.57 -27.38
CA PRO B 317 -27.29 29.76 -28.55
C PRO B 317 -27.68 28.30 -28.38
N GLY B 318 -28.52 27.83 -29.28
CA GLY B 318 -28.96 26.44 -29.28
C GLY B 318 -27.81 25.46 -29.25
N ALA B 319 -28.00 24.34 -28.57
CA ALA B 319 -26.92 23.37 -28.40
C ALA B 319 -26.68 22.57 -29.68
N PHE B 320 -27.73 21.92 -30.18
CA PHE B 320 -27.59 21.01 -31.31
C PHE B 320 -27.85 21.77 -32.61
N ASP B 321 -28.01 21.02 -33.70
CA ASP B 321 -28.15 21.63 -35.02
C ASP B 321 -29.47 22.38 -35.15
N LYS B 322 -30.58 21.67 -35.03
CA LYS B 322 -31.90 22.30 -35.11
C LYS B 322 -32.05 23.33 -33.99
N ILE B 323 -32.76 24.42 -34.30
CA ILE B 323 -32.99 25.50 -33.35
C ILE B 323 -34.47 25.82 -33.36
N THR B 324 -35.17 25.42 -32.30
CA THR B 324 -36.59 25.70 -32.13
C THR B 324 -36.76 26.64 -30.96
N LYS B 325 -37.08 27.90 -31.25
CA LYS B 325 -37.21 28.93 -30.23
C LYS B 325 -38.62 29.50 -30.27
N LEU B 326 -39.23 29.62 -29.10
CA LEU B 326 -40.59 30.14 -28.99
C LEU B 326 -40.64 31.61 -29.35
N ILE B 327 -41.59 31.99 -30.20
CA ILE B 327 -41.74 33.39 -30.59
C ILE B 327 -43.16 33.93 -30.40
N ARG B 328 -44.19 33.10 -30.36
CA ARG B 328 -45.55 33.60 -30.11
C ARG B 328 -46.25 32.67 -29.14
N ILE B 329 -46.91 33.23 -28.14
CA ILE B 329 -47.56 32.44 -27.10
C ILE B 329 -48.99 32.93 -26.92
N ASN B 330 -49.90 32.00 -26.66
CA ASN B 330 -51.29 32.30 -26.33
C ASN B 330 -51.65 31.55 -25.07
N LYS B 331 -51.98 32.28 -24.01
CA LYS B 331 -52.21 31.70 -22.69
C LYS B 331 -53.67 31.69 -22.26
N ASN B 332 -54.54 32.42 -22.95
CA ASN B 332 -55.92 32.60 -22.49
C ASN B 332 -56.92 31.79 -23.29
N ASP B 333 -56.96 31.95 -24.62
CA ASP B 333 -58.02 31.40 -25.43
C ASP B 333 -57.61 30.06 -26.03
N THR B 334 -58.57 29.14 -26.11
CA THR B 334 -58.40 27.89 -26.83
C THR B 334 -58.48 28.15 -28.32
N LEU B 335 -57.61 27.48 -29.08
CA LEU B 335 -57.60 27.61 -30.53
C LEU B 335 -58.55 26.60 -31.16
N PRO B 336 -59.74 27.04 -31.61
CA PRO B 336 -60.72 26.08 -32.14
C PRO B 336 -60.34 25.56 -33.52
N ALA B 337 -61.19 24.71 -34.09
CA ALA B 337 -60.92 24.13 -35.39
C ALA B 337 -61.02 25.19 -36.48
N GLY B 338 -60.80 24.78 -37.72
CA GLY B 338 -60.95 25.65 -38.87
C GLY B 338 -59.62 26.06 -39.46
N GLU B 339 -59.68 27.00 -40.40
CA GLU B 339 -58.53 27.48 -41.13
C GLU B 339 -58.02 28.78 -40.54
N TYR B 340 -56.69 28.94 -40.54
CA TYR B 340 -56.03 30.14 -40.05
C TYR B 340 -54.95 30.53 -41.05
N GLN B 341 -54.47 31.76 -40.92
CA GLN B 341 -53.52 32.32 -41.87
C GLN B 341 -52.41 33.06 -41.13
N LEU B 342 -51.18 32.82 -41.57
CA LEU B 342 -50.00 33.49 -41.04
C LEU B 342 -49.37 34.36 -42.12
N ASP B 343 -49.02 35.58 -41.74
CA ASP B 343 -48.36 36.56 -42.60
C ASP B 343 -46.94 36.76 -42.08
N ILE B 344 -45.97 36.12 -42.72
CA ILE B 344 -44.59 36.12 -42.26
C ILE B 344 -43.77 37.03 -43.15
N GLY B 345 -43.01 37.93 -42.53
CA GLY B 345 -42.17 38.86 -43.28
C GLY B 345 -40.77 38.35 -43.51
N LEU B 346 -40.52 37.80 -44.69
CA LEU B 346 -39.28 37.09 -44.98
C LEU B 346 -38.14 38.09 -45.10
N HIS B 347 -37.33 38.22 -44.04
CA HIS B 347 -36.14 39.08 -44.08
C HIS B 347 -34.85 38.31 -43.80
N TRP B 348 -34.92 37.01 -43.55
CA TRP B 348 -33.74 36.24 -43.17
C TRP B 348 -33.32 35.32 -44.30
N PRO B 349 -32.09 35.42 -44.80
CA PRO B 349 -31.64 34.54 -45.90
C PRO B 349 -31.21 33.18 -45.39
N VAL B 350 -31.97 32.15 -45.76
CA VAL B 350 -31.70 30.80 -45.30
C VAL B 350 -31.24 29.86 -46.41
N LEU B 351 -31.75 30.01 -47.63
CA LEU B 351 -31.41 29.08 -48.69
C LEU B 351 -30.01 29.28 -49.25
N GLU B 352 -29.28 30.29 -48.78
CA GLU B 352 -27.93 30.52 -49.25
C GLU B 352 -26.91 29.54 -48.69
N PHE B 353 -27.29 28.74 -47.68
CA PHE B 353 -26.45 27.66 -47.18
C PHE B 353 -27.24 26.36 -47.13
N ASN B 354 -28.25 26.21 -47.99
CA ASN B 354 -29.11 25.04 -48.06
C ASN B 354 -29.79 24.73 -46.73
N GLY B 355 -29.90 25.72 -45.86
CA GLY B 355 -30.59 25.55 -44.60
C GLY B 355 -32.09 25.53 -44.78
N LYS B 356 -32.79 25.48 -43.64
CA LYS B 356 -34.25 25.45 -43.63
C LYS B 356 -34.75 26.30 -42.48
N LYS B 357 -36.05 26.59 -42.52
CA LYS B 357 -36.73 27.30 -41.44
C LYS B 357 -38.23 27.08 -41.61
N GLY B 358 -38.98 27.33 -40.56
CA GLY B 358 -40.42 27.17 -40.65
C GLY B 358 -41.09 27.45 -39.33
N ILE B 359 -42.41 27.28 -39.33
CA ILE B 359 -43.23 27.46 -38.14
C ILE B 359 -43.48 26.11 -37.50
N TYR B 360 -43.63 26.12 -36.18
CA TYR B 360 -43.94 24.93 -35.39
C TYR B 360 -44.96 25.33 -34.34
N LEU B 361 -46.20 24.90 -34.53
CA LEU B 361 -47.31 25.25 -33.66
C LEU B 361 -47.73 24.03 -32.86
N THR B 362 -47.84 24.18 -31.54
CA THR B 362 -48.17 23.04 -30.71
C THR B 362 -48.73 23.50 -29.38
N HIS B 363 -49.49 22.61 -28.75
CA HIS B 363 -49.95 22.84 -27.38
C HIS B 363 -48.90 22.45 -26.37
N GLY B 364 -48.22 21.32 -26.60
CA GLY B 364 -47.22 20.82 -25.69
C GLY B 364 -47.73 19.69 -24.83
N SER B 365 -47.03 19.48 -23.73
CA SER B 365 -47.37 18.44 -22.75
C SER B 365 -46.51 18.69 -21.52
N HIS B 366 -46.60 17.77 -20.54
CA HIS B 366 -45.71 17.85 -19.40
C HIS B 366 -44.29 17.45 -19.77
N LEU B 367 -44.14 16.64 -20.81
CA LEU B 367 -42.83 16.22 -21.30
C LEU B 367 -42.44 16.96 -22.58
N GLY B 368 -42.81 18.24 -22.68
CA GLY B 368 -42.51 19.02 -23.85
C GLY B 368 -43.28 18.56 -25.08
N GLY B 369 -42.75 18.91 -26.24
CA GLY B 369 -43.39 18.59 -27.51
C GLY B 369 -43.47 17.10 -27.76
N ARG B 370 -44.13 16.71 -28.85
CA ARG B 370 -44.30 15.31 -29.18
C ARG B 370 -42.96 14.66 -29.47
N ASN B 371 -42.53 13.74 -28.61
CA ASN B 371 -41.26 13.05 -28.77
C ASN B 371 -41.37 11.71 -28.06
N PRO B 372 -41.67 10.64 -28.80
CA PRO B 372 -41.94 9.34 -28.16
C PRO B 372 -40.71 8.58 -27.69
N PHE B 373 -39.55 9.24 -27.61
CA PHE B 373 -38.34 8.55 -27.19
C PHE B 373 -38.40 8.11 -25.74
N LEU B 374 -38.95 8.94 -24.87
CA LEU B 374 -38.99 8.62 -23.44
C LEU B 374 -39.86 7.41 -23.17
N GLY B 375 -41.06 7.37 -23.77
CA GLY B 375 -41.92 6.22 -23.60
C GLY B 375 -41.33 4.95 -24.14
N ILE B 376 -40.69 5.04 -25.32
CA ILE B 376 -40.05 3.87 -25.91
C ILE B 376 -38.94 3.36 -25.02
N VAL B 377 -38.12 4.26 -24.48
CA VAL B 377 -37.02 3.84 -23.64
C VAL B 377 -37.53 3.23 -22.33
N TYR B 378 -38.59 3.81 -21.76
CA TYR B 378 -39.15 3.23 -20.54
C TYR B 378 -39.70 1.83 -20.81
N LEU B 379 -40.45 1.67 -21.90
CA LEU B 379 -40.98 0.35 -22.24
C LEU B 379 -39.86 -0.66 -22.46
N ILE B 380 -38.79 -0.25 -23.15
CA ILE B 380 -37.71 -1.18 -23.45
C ILE B 380 -36.94 -1.54 -22.19
N GLY B 381 -36.72 -0.56 -21.30
CA GLY B 381 -36.09 -0.87 -20.03
C GLY B 381 -36.91 -1.85 -19.20
N GLY B 382 -38.22 -1.62 -19.13
CA GLY B 382 -39.07 -2.54 -18.38
C GLY B 382 -39.09 -3.94 -18.97
N CYS B 383 -39.19 -4.03 -20.30
CA CYS B 383 -39.22 -5.34 -20.96
C CYS B 383 -37.88 -6.05 -20.80
N ILE B 384 -36.77 -5.31 -20.88
CA ILE B 384 -35.46 -5.91 -20.68
C ILE B 384 -35.31 -6.43 -19.26
N CYS B 385 -35.77 -5.65 -18.27
CA CYS B 385 -35.70 -6.11 -16.89
C CYS B 385 -36.55 -7.36 -16.68
N ALA B 386 -37.74 -7.40 -17.26
CA ALA B 386 -38.59 -8.58 -17.12
C ALA B 386 -37.96 -9.80 -17.79
N ALA B 387 -37.42 -9.63 -18.99
CA ALA B 387 -36.79 -10.75 -19.68
C ALA B 387 -35.56 -11.23 -18.92
N MET B 388 -34.80 -10.31 -18.34
CA MET B 388 -33.63 -10.71 -17.56
C MET B 388 -34.04 -11.47 -16.31
N ALA B 389 -35.11 -11.02 -15.65
CA ALA B 389 -35.61 -11.75 -14.49
C ALA B 389 -36.06 -13.16 -14.88
N LEU B 390 -36.73 -13.28 -16.04
CA LEU B 390 -37.16 -14.61 -16.48
C LEU B 390 -35.98 -15.50 -16.84
N ILE B 391 -34.95 -14.93 -17.47
CA ILE B 391 -33.77 -15.72 -17.81
C ILE B 391 -33.05 -16.17 -16.54
N LEU B 392 -32.96 -15.30 -15.54
CA LEU B 392 -32.35 -15.68 -14.28
C LEU B 392 -33.16 -16.77 -13.57
N LEU B 393 -34.49 -16.66 -13.63
CA LEU B 393 -35.32 -17.70 -13.05
C LEU B 393 -35.10 -19.04 -13.74
N THR B 394 -35.00 -19.03 -15.07
CA THR B 394 -34.75 -20.26 -15.80
C THR B 394 -33.40 -20.86 -15.45
N PHE B 395 -32.36 -20.02 -15.42
CA PHE B 395 -31.03 -20.51 -15.09
C PHE B 395 -30.95 -21.02 -13.65
N TRP B 396 -31.76 -20.45 -12.76
CA TRP B 396 -31.72 -20.87 -11.36
C TRP B 396 -32.57 -22.13 -11.12
N LEU B 397 -33.60 -22.36 -11.93
CA LEU B 397 -34.44 -23.53 -11.76
C LEU B 397 -34.05 -24.69 -12.65
N PHE B 398 -33.13 -24.47 -13.59
CA PHE B 398 -32.70 -25.53 -14.50
C PHE B 398 -31.21 -25.82 -14.37
N GLY B 399 -30.41 -24.77 -14.23
CA GLY B 399 -28.97 -24.93 -14.10
C GLY B 399 -28.43 -24.19 -12.88
N GLY B 400 -29.16 -24.27 -11.77
CA GLY B 400 -28.73 -23.62 -10.56
C GLY B 400 -27.65 -24.40 -9.82
N ARG B 401 -27.17 -23.79 -8.75
CA ARG B 401 -26.12 -24.35 -7.91
C ARG B 401 -26.65 -24.54 -6.50
N LYS B 402 -25.77 -24.95 -5.59
CA LYS B 402 -26.11 -25.07 -4.19
C LYS B 402 -26.14 -23.69 -3.54
N ILE B 403 -26.78 -23.62 -2.37
CA ILE B 403 -26.88 -22.34 -1.67
C ILE B 403 -25.51 -21.88 -1.18
N ALA B 404 -24.86 -22.70 -0.35
CA ALA B 404 -23.51 -22.38 0.11
C ALA B 404 -22.85 -23.70 0.50
N ASP B 405 -21.99 -24.21 -0.38
CA ASP B 405 -21.37 -25.50 -0.19
C ASP B 405 -19.90 -25.33 0.21
N ALA B 406 -19.41 -26.28 1.00
CA ALA B 406 -18.00 -26.31 1.37
C ALA B 406 -17.13 -27.00 0.33
N SER B 407 -17.73 -27.53 -0.74
CA SER B 407 -16.99 -28.19 -1.81
C SER B 407 -17.02 -27.41 -3.11
N SER B 408 -17.61 -26.22 -3.12
CA SER B 408 -17.69 -25.39 -4.31
C SER B 408 -16.61 -24.32 -4.35
N LEU B 409 -15.74 -24.27 -3.35
CA LEU B 409 -14.67 -23.28 -3.33
C LEU B 409 -13.52 -23.73 -4.23
N SER B 410 -12.49 -22.89 -4.31
CA SER B 410 -11.38 -23.18 -5.21
C SER B 410 -10.39 -24.17 -4.60
N TRP B 411 -10.18 -24.12 -3.29
CA TRP B 411 -9.21 -25.00 -2.65
C TRP B 411 -9.84 -26.29 -2.14
N ASN B 412 -11.08 -26.23 -1.66
CA ASN B 412 -11.77 -27.41 -1.15
C ASN B 412 -12.39 -28.27 -2.26
N MET B 413 -11.98 -28.07 -3.51
CA MET B 413 -12.46 -28.87 -4.63
C MET B 413 -11.35 -29.64 -5.33
N LYS B 414 -10.12 -29.16 -5.31
CA LYS B 414 -9.00 -29.86 -5.93
C LYS B 414 -7.91 -30.17 -4.90
#